data_9K1P
#
_entry.id   9K1P
#
_cell.length_a   153.721
_cell.length_b   228.332
_cell.length_c   151.623
_cell.angle_alpha   90.00
_cell.angle_beta   90.00
_cell.angle_gamma   90.00
#
_symmetry.space_group_name_H-M   'C 2 2 21'
#
loop_
_entity.id
_entity.type
_entity.pdbx_description
1 polymer 'Type VI secretion system-associated protein'
2 water water
#
_entity_poly.entity_id   1
_entity_poly.type   'polypeptide(L)'
_entity_poly.pdbx_seq_one_letter_code
;AFAKIEEGKLVIHMPAAVAVTSPQADSAPAQRFSLPQGCHFRTFWRDEANGGSLFIPAGDALRCGEDGWLQGSGAVTLQQ
GGQTLSPTLWFLQGYPLAQVNGGDRALTVVSANAQRLILGGNPQAPGSFLLLTFEPQLHAWAFNGEAIVEMPRVDAADET
KIKQRVQQAQTAWQPLLSAPAPLTFKLVEKLAADRVDPASGSYLSVNGATHLEGSEFKLVDHHHHHH
;
_entity_poly.pdbx_strand_id   A,B,C,D,E,F,G,H
#
# COMPACT_ATOMS: atom_id res chain seq x y z
N MET A 14 43.68 5.36 -5.36
CA MET A 14 42.95 6.02 -4.28
C MET A 14 42.62 7.50 -4.60
N PRO A 15 41.34 7.85 -4.45
CA PRO A 15 40.86 9.20 -4.78
C PRO A 15 41.62 10.28 -4.02
N ALA A 16 41.71 11.48 -4.61
CA ALA A 16 42.49 12.58 -4.04
C ALA A 16 41.72 13.34 -2.96
N ALA A 17 42.43 13.73 -1.87
CA ALA A 17 41.80 14.34 -0.69
C ALA A 17 41.23 15.73 -0.98
N VAL A 18 40.13 16.05 -0.29
CA VAL A 18 39.52 17.38 -0.31
C VAL A 18 39.51 17.92 1.13
N ALA A 19 39.98 19.15 1.29
CA ALA A 19 40.02 19.79 2.59
C ALA A 19 38.64 20.34 2.93
N VAL A 20 38.34 20.32 4.23
CA VAL A 20 37.05 20.77 4.73
C VAL A 20 37.05 22.30 4.74
N THR A 21 36.19 22.90 3.90
CA THR A 21 36.18 24.33 3.63
C THR A 21 34.94 25.07 4.15
N SER A 22 33.97 24.36 4.78
CA SER A 22 32.78 25.12 5.16
C SER A 22 32.97 25.81 6.51
N PRO A 23 32.34 26.96 6.74
CA PRO A 23 32.40 27.55 8.07
C PRO A 23 31.46 26.76 8.95
N GLN A 24 31.69 26.83 10.25
CA GLN A 24 30.82 26.04 11.10
C GLN A 24 29.54 26.80 11.42
N ALA A 25 28.50 26.01 11.73
CA ALA A 25 27.09 26.29 11.55
C ALA A 25 26.53 27.21 12.65
N ASP A 26 25.36 27.79 12.36
CA ASP A 26 24.76 28.76 13.26
C ASP A 26 24.57 28.20 14.66
N SER A 27 24.98 29.00 15.65
CA SER A 27 24.95 28.61 17.04
C SER A 27 23.54 28.55 17.61
N ALA A 28 22.55 29.09 16.89
CA ALA A 28 21.25 29.40 17.47
C ALA A 28 20.48 28.15 17.86
N PRO A 29 19.86 28.14 19.04
CA PRO A 29 18.95 27.05 19.43
C PRO A 29 17.58 27.26 18.80
N ALA A 30 16.84 26.17 18.68
CA ALA A 30 15.52 26.29 18.09
C ALA A 30 14.54 26.91 19.08
N GLN A 31 13.40 27.33 18.56
CA GLN A 31 12.28 27.79 19.37
C GLN A 31 11.35 26.62 19.70
N ARG A 32 10.83 26.63 20.92
CA ARG A 32 9.88 25.62 21.41
C ARG A 32 8.45 25.99 21.10
N PHE A 33 7.63 24.99 20.92
CA PHE A 33 6.25 25.24 20.62
C PHE A 33 5.42 24.32 21.48
N SER A 34 4.84 24.86 22.55
CA SER A 34 4.09 24.06 23.52
C SER A 34 2.68 23.69 23.19
N LEU A 35 2.41 22.40 23.18
CA LEU A 35 1.10 21.93 22.86
C LEU A 35 0.28 21.76 24.10
N PRO A 36 -1.09 21.83 23.98
CA PRO A 36 -1.86 21.80 25.24
C PRO A 36 -1.80 20.57 26.11
N GLN A 37 -1.22 19.49 25.62
CA GLN A 37 -1.20 18.28 26.40
C GLN A 37 0.12 18.13 27.08
N GLY A 38 0.99 19.11 26.92
CA GLY A 38 2.24 19.11 27.64
C GLY A 38 3.49 19.04 26.84
N CYS A 39 3.38 18.65 25.59
CA CYS A 39 4.58 18.45 24.83
C CYS A 39 5.04 19.60 24.02
N HIS A 40 6.26 19.53 23.54
CA HIS A 40 6.81 20.61 22.78
C HIS A 40 7.28 20.09 21.48
N PHE A 41 7.31 20.92 20.46
CA PHE A 41 7.94 20.54 19.21
C PHE A 41 8.92 21.65 19.02
N ARG A 42 10.07 21.39 18.45
CA ARG A 42 11.09 22.43 18.36
C ARG A 42 11.42 22.71 16.91
N THR A 43 11.42 23.99 16.52
CA THR A 43 11.78 24.34 15.14
C THR A 43 12.20 25.79 15.07
N PHE A 44 12.45 26.27 13.86
CA PHE A 44 12.98 27.60 13.63
C PHE A 44 11.97 28.45 12.90
N TRP A 45 11.75 29.67 13.40
CA TRP A 45 10.75 30.58 12.80
C TRP A 45 11.28 32.01 12.92
N ARG A 46 12.20 32.39 12.02
CA ARG A 46 12.71 33.77 12.00
C ARG A 46 11.57 34.64 11.46
N ASP A 47 10.82 35.29 12.34
CA ASP A 47 9.64 36.04 11.87
C ASP A 47 10.07 37.28 11.10
N GLU A 48 10.13 37.18 9.78
CA GLU A 48 10.37 38.41 8.96
C GLU A 48 9.00 39.06 8.82
N ALA A 49 8.34 39.38 9.94
CA ALA A 49 6.96 39.90 9.90
C ALA A 49 6.15 38.98 9.00
N ASN A 50 6.33 37.68 9.16
CA ASN A 50 5.62 36.69 8.32
C ASN A 50 4.11 36.76 8.63
N GLY A 51 3.75 36.75 9.91
CA GLY A 51 2.32 36.71 10.26
C GLY A 51 1.75 35.41 9.73
N GLY A 52 2.49 34.32 9.89
CA GLY A 52 2.07 33.02 9.34
C GLY A 52 1.44 32.14 10.39
N SER A 53 0.82 31.04 9.96
CA SER A 53 0.13 30.14 10.90
C SER A 53 0.72 28.73 10.81
N LEU A 54 0.93 28.09 11.96
CA LEU A 54 1.37 26.68 11.96
C LEU A 54 0.29 25.90 12.69
N PHE A 55 -0.36 24.95 12.02
CA PHE A 55 -1.45 24.22 12.63
C PHE A 55 -1.03 22.77 12.85
N ILE A 56 -1.05 22.37 14.12
CA ILE A 56 -0.77 20.95 14.48
C ILE A 56 -2.15 20.35 14.72
N PRO A 57 -2.69 19.54 13.80
CA PRO A 57 -4.06 19.02 13.91
C PRO A 57 -4.21 18.04 15.06
N ALA A 58 -5.33 18.13 15.76
CA ALA A 58 -5.59 17.15 16.83
C ALA A 58 -6.06 15.87 16.15
N GLY A 59 -5.97 14.76 16.85
CA GLY A 59 -6.27 13.47 16.22
C GLY A 59 -5.11 12.55 16.54
N ASP A 60 -5.35 11.25 16.59
CA ASP A 60 -4.30 10.31 17.04
C ASP A 60 -3.03 10.36 16.19
N ALA A 61 -3.05 11.01 15.02
CA ALA A 61 -1.89 11.02 14.10
C ALA A 61 -0.64 11.59 14.77
N LEU A 62 -0.67 12.88 15.08
CA LEU A 62 0.48 13.49 15.81
C LEU A 62 0.05 13.58 17.28
N ARG A 63 0.90 13.12 18.19
CA ARG A 63 0.44 13.09 19.61
C ARG A 63 1.63 13.28 20.56
N CYS A 64 1.34 13.58 21.83
CA CYS A 64 2.41 13.82 22.79
C CYS A 64 2.92 12.50 23.37
N GLY A 65 4.23 12.32 23.37
CA GLY A 65 4.85 11.18 23.99
C GLY A 65 5.40 11.57 25.36
N GLU A 66 5.76 10.55 26.15
CA GLU A 66 6.13 10.83 27.53
C GLU A 66 7.55 11.36 27.68
N ASP A 67 8.33 11.49 26.60
CA ASP A 67 9.60 12.21 26.71
C ASP A 67 9.38 13.71 26.59
N GLY A 68 8.15 14.12 26.28
CA GLY A 68 7.78 15.51 26.21
C GLY A 68 7.81 16.12 24.83
N TRP A 69 8.03 15.32 23.79
CA TRP A 69 8.13 15.77 22.41
C TRP A 69 6.93 15.28 21.62
N LEU A 70 6.54 16.08 20.63
CA LEU A 70 5.55 15.62 19.67
C LEU A 70 6.10 14.42 18.90
N GLN A 71 5.19 13.50 18.57
CA GLN A 71 5.54 12.24 17.94
C GLN A 71 4.57 11.90 16.83
N GLY A 72 5.05 11.15 15.86
CA GLY A 72 4.15 10.65 14.85
C GLY A 72 4.29 11.40 13.53
N SER A 73 3.37 11.09 12.65
CA SER A 73 3.39 11.57 11.28
C SER A 73 1.97 12.01 10.97
N GLY A 74 1.81 13.30 10.71
CA GLY A 74 0.51 13.81 10.35
C GLY A 74 0.67 14.99 9.42
N ALA A 75 -0.46 15.49 8.93
CA ALA A 75 -0.47 16.66 8.08
C ALA A 75 -0.47 17.94 8.93
N VAL A 76 0.57 18.75 8.79
CA VAL A 76 0.66 20.05 9.43
C VAL A 76 0.21 21.10 8.42
N THR A 77 -0.57 22.09 8.87
CA THR A 77 -1.13 23.09 7.95
C THR A 77 -0.45 24.45 8.18
N LEU A 78 0.30 24.92 7.17
CA LEU A 78 0.98 26.20 7.23
C LEU A 78 0.29 27.20 6.32
N GLN A 79 0.10 28.43 6.81
CA GLN A 79 -0.58 29.50 6.08
C GLN A 79 0.23 30.78 6.16
N GLN A 80 0.52 31.38 5.01
CA GLN A 80 1.34 32.58 4.99
C GLN A 80 1.06 33.35 3.71
N GLY A 81 0.81 34.65 3.86
CA GLY A 81 0.65 35.52 2.70
C GLY A 81 -0.36 35.01 1.69
N GLY A 82 -1.50 34.51 2.18
CA GLY A 82 -2.57 34.07 1.32
C GLY A 82 -2.55 32.60 0.95
N GLN A 83 -1.41 31.91 0.99
CA GLN A 83 -1.49 30.50 0.59
C GLN A 83 -1.21 29.52 1.75
N THR A 84 -1.78 28.33 1.56
CA THR A 84 -1.84 27.22 2.49
C THR A 84 -1.05 26.05 1.91
N LEU A 85 -0.10 25.51 2.67
CA LEU A 85 0.55 24.24 2.35
C LEU A 85 0.25 23.24 3.47
N SER A 86 -0.02 21.99 3.08
CA SER A 86 -0.32 20.93 4.04
C SER A 86 0.65 19.78 3.82
N PRO A 87 1.92 20.00 4.12
CA PRO A 87 2.89 18.89 4.04
C PRO A 87 2.71 17.93 5.20
N THR A 88 2.79 16.63 4.92
CA THR A 88 2.77 15.67 6.01
C THR A 88 4.18 15.54 6.59
N LEU A 89 4.32 15.85 7.87
CA LEU A 89 5.57 15.84 8.60
C LEU A 89 5.60 14.72 9.63
N TRP A 90 6.80 14.22 9.84
CA TRP A 90 7.11 13.19 10.82
C TRP A 90 8.00 13.82 11.87
N PHE A 91 7.71 13.54 13.12
CA PHE A 91 8.46 14.17 14.18
C PHE A 91 9.40 13.24 14.87
N LEU A 92 10.63 13.67 15.03
CA LEU A 92 11.59 12.88 15.75
C LEU A 92 12.27 13.80 16.69
N GLN A 93 12.19 13.50 17.97
CA GLN A 93 12.81 14.30 18.99
C GLN A 93 12.32 15.71 18.99
N GLY A 94 11.11 15.92 18.53
CA GLY A 94 10.53 17.24 18.48
C GLY A 94 10.72 17.97 17.20
N TYR A 95 11.54 17.44 16.32
CA TYR A 95 11.83 18.12 15.10
C TYR A 95 10.89 17.74 13.99
N PRO A 96 10.35 18.72 13.27
CA PRO A 96 9.50 18.45 12.12
C PRO A 96 10.29 18.06 10.87
N LEU A 97 10.07 16.86 10.31
CA LEU A 97 10.84 16.36 9.18
C LEU A 97 9.91 16.08 8.02
N ALA A 98 10.34 16.39 6.82
CA ALA A 98 9.55 16.11 5.65
C ALA A 98 10.23 15.12 4.77
N GLN A 99 9.44 14.38 4.01
CA GLN A 99 9.95 13.37 3.08
C GLN A 99 10.69 12.19 3.68
N VAL A 100 10.66 12.05 4.99
CA VAL A 100 11.25 10.88 5.62
C VAL A 100 10.40 10.45 6.78
N ASN A 101 10.16 9.15 6.91
CA ASN A 101 9.43 8.62 8.05
C ASN A 101 10.16 7.37 8.42
N GLY A 102 10.88 7.41 9.50
CA GLY A 102 11.63 6.26 9.93
C GLY A 102 11.16 5.65 11.20
N GLY A 103 9.85 5.52 11.38
CA GLY A 103 9.32 4.97 12.60
C GLY A 103 9.79 3.63 13.13
N ASP A 104 9.90 2.64 12.26
CA ASP A 104 10.26 1.32 12.70
C ASP A 104 11.61 1.26 13.34
N ARG A 105 12.50 2.12 12.85
CA ARG A 105 13.88 2.09 13.36
C ARG A 105 14.02 3.16 14.45
N ALA A 106 15.19 3.25 15.05
CA ALA A 106 15.44 4.22 16.08
C ALA A 106 16.52 5.12 15.58
N LEU A 107 16.12 6.18 14.91
CA LEU A 107 17.10 7.05 14.33
C LEU A 107 17.48 8.14 15.30
N THR A 108 18.60 8.79 15.05
CA THR A 108 19.04 9.86 15.91
C THR A 108 19.32 11.13 15.16
N VAL A 109 19.05 12.27 15.76
CA VAL A 109 19.38 13.52 15.14
C VAL A 109 20.79 13.81 15.56
N VAL A 110 21.70 13.84 14.59
CA VAL A 110 23.08 14.09 14.89
C VAL A 110 23.27 15.56 15.06
N SER A 111 22.71 16.34 14.16
CA SER A 111 22.80 17.77 14.29
C SER A 111 21.55 18.39 13.76
N ALA A 112 21.16 19.53 14.32
CA ALA A 112 20.01 20.25 13.85
C ALA A 112 20.18 21.71 14.07
N ASN A 113 20.12 22.49 13.01
CA ASN A 113 20.20 23.92 13.13
C ASN A 113 19.29 24.53 12.12
N ALA A 114 19.36 25.83 11.94
CA ALA A 114 18.46 26.51 11.04
C ALA A 114 18.74 26.26 9.60
N GLN A 115 19.86 25.62 9.32
CA GLN A 115 20.23 25.34 7.97
C GLN A 115 19.96 23.90 7.60
N ARG A 116 20.36 22.97 8.47
CA ARG A 116 20.22 21.55 8.08
C ARG A 116 20.11 20.62 9.29
N LEU A 117 19.62 19.40 9.06
CA LEU A 117 19.55 18.41 10.11
C LEU A 117 20.17 17.14 9.59
N ILE A 118 21.04 16.53 10.38
CA ILE A 118 21.60 15.25 9.98
C ILE A 118 20.86 14.15 10.69
N LEU A 119 20.45 13.14 9.94
CA LEU A 119 19.67 12.02 10.51
C LEU A 119 20.55 10.77 10.48
N GLY A 120 20.95 10.26 11.64
CA GLY A 120 21.76 9.07 11.68
C GLY A 120 21.08 7.94 12.40
N GLY A 121 21.85 6.92 12.74
CA GLY A 121 21.29 5.83 13.50
C GLY A 121 20.57 4.76 12.76
N ASN A 122 20.91 4.50 11.50
CA ASN A 122 20.31 3.38 10.81
C ASN A 122 21.22 2.25 11.11
N PRO A 123 20.70 1.24 11.77
CA PRO A 123 21.54 0.11 12.14
C PRO A 123 21.84 -0.73 10.94
N GLN A 124 21.02 -0.62 9.90
CA GLN A 124 21.19 -1.44 8.73
C GLN A 124 22.36 -0.97 7.90
N ALA A 125 22.80 0.27 8.10
CA ALA A 125 23.97 0.78 7.43
C ALA A 125 24.52 1.85 8.30
N PRO A 126 25.41 1.48 9.20
CA PRO A 126 25.94 2.58 9.97
C PRO A 126 26.99 3.30 9.17
N GLY A 127 27.32 4.50 9.59
CA GLY A 127 28.26 5.30 8.84
C GLY A 127 27.56 6.14 7.81
N SER A 128 26.30 5.82 7.56
CA SER A 128 25.55 6.56 6.57
C SER A 128 24.61 7.49 7.27
N PHE A 129 24.56 8.71 6.77
CA PHE A 129 23.74 9.71 7.38
C PHE A 129 22.92 10.36 6.30
N LEU A 130 21.87 11.06 6.68
CA LEU A 130 21.02 11.73 5.73
C LEU A 130 21.08 13.20 6.00
N LEU A 131 20.98 14.00 4.96
CA LEU A 131 21.01 15.43 5.13
C LEU A 131 19.69 16.01 4.76
N LEU A 132 19.11 16.77 5.66
CA LEU A 132 17.81 17.35 5.43
C LEU A 132 17.98 18.84 5.51
N THR A 133 17.38 19.56 4.58
CA THR A 133 17.57 20.98 4.55
C THR A 133 16.37 21.73 5.04
N PHE A 134 16.58 22.77 5.83
CA PHE A 134 15.49 23.53 6.37
C PHE A 134 14.77 24.35 5.35
N GLU A 135 13.46 24.21 5.30
CA GLU A 135 12.67 25.01 4.41
C GLU A 135 11.84 25.88 5.29
N PRO A 136 12.10 27.18 5.30
CA PRO A 136 11.41 28.09 6.21
C PRO A 136 9.95 28.31 5.95
N GLN A 137 9.40 27.66 4.94
CA GLN A 137 8.03 27.84 4.61
C GLN A 137 7.24 26.71 5.20
N LEU A 138 7.95 25.69 5.67
CA LEU A 138 7.29 24.55 6.24
C LEU A 138 7.72 24.46 7.65
N HIS A 139 8.67 25.28 8.04
CA HIS A 139 9.24 25.25 9.38
C HIS A 139 9.62 23.86 9.69
N ALA A 140 10.32 23.24 8.75
CA ALA A 140 10.69 21.87 8.89
C ALA A 140 11.91 21.64 8.08
N TRP A 141 12.55 20.53 8.31
CA TRP A 141 13.71 20.17 7.56
C TRP A 141 13.22 19.15 6.58
N ALA A 142 13.75 19.14 5.38
CA ALA A 142 13.25 18.24 4.37
C ALA A 142 14.30 17.46 3.65
N PHE A 143 13.98 16.22 3.35
CA PHE A 143 14.91 15.39 2.63
C PHE A 143 14.68 15.52 1.17
N ASN A 144 15.75 15.77 0.44
CA ASN A 144 15.65 15.96 -0.99
C ASN A 144 16.56 15.01 -1.74
N GLY A 145 17.25 14.12 -1.04
CA GLY A 145 18.05 13.11 -1.70
C GLY A 145 19.47 12.94 -1.24
N GLU A 146 19.96 13.87 -0.44
CA GLU A 146 21.37 13.83 -0.04
C GLU A 146 21.74 12.90 1.07
N ALA A 147 22.79 12.13 0.85
CA ALA A 147 23.25 11.23 1.88
C ALA A 147 24.74 11.29 2.04
N ILE A 148 25.22 11.13 3.26
CA ILE A 148 26.64 11.16 3.50
C ILE A 148 27.09 9.82 4.02
N VAL A 149 27.96 9.14 3.30
CA VAL A 149 28.50 7.86 3.74
C VAL A 149 29.93 8.05 4.17
N GLU A 150 30.26 7.60 5.37
CA GLU A 150 31.60 7.74 5.86
C GLU A 150 32.40 6.55 5.38
N MET A 151 33.50 6.81 4.71
CA MET A 151 34.31 5.74 4.17
C MET A 151 35.71 6.24 4.13
N PRO A 152 36.65 5.36 4.44
CA PRO A 152 38.04 5.80 4.29
C PRO A 152 38.42 5.82 2.83
N ARG A 153 39.26 6.77 2.45
CA ARG A 153 39.62 6.90 1.02
C ARG A 153 40.38 5.65 0.61
N VAL A 154 41.14 5.09 1.54
CA VAL A 154 41.95 3.95 1.21
C VAL A 154 41.06 2.84 0.76
N ASP A 155 39.91 2.72 1.38
CA ASP A 155 39.01 1.64 1.05
C ASP A 155 38.31 1.98 -0.24
N ALA A 156 38.27 3.26 -0.58
CA ALA A 156 37.62 3.69 -1.80
C ALA A 156 38.45 3.43 -3.03
N ALA A 157 39.67 2.97 -2.85
CA ALA A 157 40.46 2.60 -3.98
C ALA A 157 39.82 1.37 -4.54
N ASP A 158 39.42 0.46 -3.66
CA ASP A 158 38.70 -0.70 -4.12
C ASP A 158 37.34 -0.23 -4.58
N GLU A 159 37.02 -0.54 -5.81
CA GLU A 159 35.78 -0.07 -6.36
C GLU A 159 34.67 -0.91 -5.90
N THR A 160 34.98 -2.17 -5.61
CA THR A 160 33.98 -3.08 -5.13
C THR A 160 33.49 -2.60 -3.79
N LYS A 161 34.39 -2.01 -3.02
CA LYS A 161 34.03 -1.51 -1.72
C LYS A 161 33.12 -0.32 -1.77
N ILE A 162 33.37 0.60 -2.70
CA ILE A 162 32.52 1.76 -2.85
C ILE A 162 31.15 1.25 -3.15
N LYS A 163 31.06 0.36 -4.10
CA LYS A 163 29.76 -0.11 -4.50
C LYS A 163 29.03 -0.77 -3.37
N GLN A 164 29.72 -1.55 -2.56
CA GLN A 164 29.08 -2.25 -1.47
C GLN A 164 28.56 -1.27 -0.47
N ARG A 165 29.40 -0.34 -0.06
CA ARG A 165 29.01 0.60 0.95
C ARG A 165 27.80 1.40 0.54
N VAL A 166 27.76 1.86 -0.69
CA VAL A 166 26.67 2.72 -1.08
C VAL A 166 25.41 1.96 -1.36
N GLN A 167 25.52 0.68 -1.68
CA GLN A 167 24.32 -0.09 -1.89
C GLN A 167 23.79 -0.56 -0.57
N GLN A 168 24.65 -0.62 0.44
CA GLN A 168 24.18 -0.96 1.76
C GLN A 168 23.32 0.17 2.21
N ALA A 169 23.83 1.37 2.05
CA ALA A 169 23.10 2.52 2.50
C ALA A 169 21.82 2.72 1.76
N GLN A 170 21.77 2.31 0.51
CA GLN A 170 20.58 2.51 -0.27
C GLN A 170 19.51 1.60 0.23
N THR A 171 19.88 0.37 0.54
CA THR A 171 18.90 -0.59 0.97
C THR A 171 18.49 -0.33 2.40
N ALA A 172 19.29 0.46 3.08
CA ALA A 172 19.00 0.75 4.45
C ALA A 172 18.12 1.96 4.58
N TRP A 173 18.36 2.95 3.77
CA TRP A 173 17.62 4.16 3.94
C TRP A 173 16.35 4.23 3.13
N GLN A 174 16.38 3.71 1.93
CA GLN A 174 15.21 3.83 1.04
C GLN A 174 13.84 3.42 1.51
N PRO A 175 13.71 2.38 2.35
CA PRO A 175 12.36 2.10 2.81
C PRO A 175 11.72 3.22 3.60
N LEU A 176 12.51 4.08 4.22
CA LEU A 176 11.99 5.12 5.06
C LEU A 176 11.81 6.40 4.29
N LEU A 177 12.17 6.40 3.01
CA LEU A 177 12.10 7.62 2.24
C LEU A 177 10.90 7.74 1.37
N SER A 178 10.47 8.97 1.15
CA SER A 178 9.28 9.20 0.36
C SER A 178 9.65 9.93 -0.90
N ALA A 181 12.89 12.03 -6.06
N ALA A 181 12.90 12.04 -6.04
CA ALA A 181 14.33 12.11 -6.24
CA ALA A 181 14.34 12.11 -6.24
C ALA A 181 15.01 10.83 -5.82
C ALA A 181 15.02 10.83 -5.81
N PRO A 182 16.08 10.44 -6.53
CA PRO A 182 16.81 9.26 -6.09
C PRO A 182 17.89 9.69 -5.13
N LEU A 183 18.65 8.76 -4.64
CA LEU A 183 19.63 9.12 -3.63
C LEU A 183 20.95 9.53 -4.23
N THR A 184 21.65 10.41 -3.55
CA THR A 184 22.94 10.85 -4.01
C THR A 184 23.83 10.70 -2.83
N PHE A 185 24.86 9.90 -2.95
CA PHE A 185 25.74 9.63 -1.84
C PHE A 185 27.06 10.36 -1.97
N LYS A 186 27.38 11.20 -1.01
CA LYS A 186 28.66 11.88 -1.01
C LYS A 186 29.52 11.17 0.02
N LEU A 187 30.60 10.56 -0.44
CA LEU A 187 31.50 9.88 0.48
C LEU A 187 32.43 10.90 1.11
N VAL A 188 32.63 10.80 2.41
CA VAL A 188 33.57 11.71 3.07
C VAL A 188 34.33 10.89 4.10
N GLU A 189 35.53 11.35 4.44
CA GLU A 189 36.38 10.59 5.35
C GLU A 189 35.77 10.56 6.74
N LYS A 190 35.20 11.69 7.18
CA LYS A 190 34.58 11.86 8.49
C LYS A 190 33.49 12.93 8.36
N LEU A 191 32.31 12.66 8.94
CA LEU A 191 31.20 13.63 8.93
C LEU A 191 31.57 14.95 9.61
N ALA A 192 31.16 16.06 9.00
CA ALA A 192 31.45 17.40 9.54
C ALA A 192 30.20 17.97 10.19
N ALA A 193 29.86 17.40 11.36
CA ALA A 193 28.57 17.70 11.98
C ALA A 193 28.51 19.14 12.48
N ASP A 194 29.65 19.77 12.71
CA ASP A 194 29.72 21.10 13.27
C ASP A 194 29.61 22.21 12.22
N ARG A 195 29.63 21.87 10.94
CA ARG A 195 29.76 22.85 9.87
C ARG A 195 28.48 22.92 9.04
N VAL A 196 28.41 23.94 8.18
CA VAL A 196 27.17 24.20 7.45
C VAL A 196 26.89 23.07 6.48
N ASP A 197 27.93 22.60 5.80
CA ASP A 197 27.88 21.42 4.93
C ASP A 197 28.58 20.27 5.63
N PRO A 198 27.84 19.33 6.22
CA PRO A 198 28.50 18.15 6.80
C PRO A 198 29.23 17.29 5.78
N ALA A 199 28.93 17.41 4.48
CA ALA A 199 29.65 16.70 3.44
C ALA A 199 30.92 17.43 3.02
N SER A 200 31.17 18.61 3.57
CA SER A 200 32.34 19.39 3.17
C SER A 200 33.59 18.55 3.38
N GLY A 201 34.45 18.51 2.35
CA GLY A 201 35.54 17.57 2.31
C GLY A 201 35.24 16.28 1.56
N SER A 202 34.02 16.12 1.03
CA SER A 202 33.68 14.92 0.28
C SER A 202 34.62 14.73 -0.92
N TYR A 203 34.97 13.47 -1.16
CA TYR A 203 35.96 13.17 -2.23
C TYR A 203 35.36 12.37 -3.38
N LEU A 204 34.07 12.06 -3.34
CA LEU A 204 33.42 11.37 -4.46
C LEU A 204 31.92 11.36 -4.22
N SER A 205 31.15 11.35 -5.31
CA SER A 205 29.69 11.32 -5.26
C SER A 205 29.18 10.21 -6.16
N VAL A 206 28.27 9.38 -5.65
CA VAL A 206 27.62 8.35 -6.46
C VAL A 206 26.13 8.69 -6.53
N ASN A 207 25.63 8.87 -7.74
CA ASN A 207 24.22 9.20 -7.94
C ASN A 207 23.49 7.97 -8.42
N GLY A 208 22.31 7.72 -7.86
CA GLY A 208 21.51 6.58 -8.22
C GLY A 208 20.43 6.94 -9.23
N ALA A 209 19.83 5.91 -9.81
CA ALA A 209 18.87 6.11 -10.88
C ALA A 209 17.45 5.80 -10.42
N THR A 210 16.49 6.32 -11.17
CA THR A 210 15.11 5.89 -11.09
C THR A 210 14.77 5.11 -12.35
N HIS A 211 14.24 3.90 -12.16
CA HIS A 211 13.89 3.05 -13.29
C HIS A 211 12.55 3.48 -13.88
N LEU A 212 12.54 3.82 -15.16
CA LEU A 212 11.32 4.07 -15.90
C LEU A 212 10.99 2.87 -16.77
N GLU A 213 9.69 2.62 -16.95
CA GLU A 213 9.23 1.61 -17.88
C GLU A 213 7.75 1.87 -18.17
N GLY A 214 7.44 2.30 -19.39
CA GLY A 214 6.05 2.55 -19.71
C GLY A 214 5.80 3.05 -21.11
N SER A 215 4.80 3.92 -21.25
CA SER A 215 4.36 4.47 -22.53
C SER A 215 4.33 5.97 -22.42
N GLU A 216 5.05 6.66 -23.32
CA GLU A 216 5.02 8.11 -23.34
C GLU A 216 4.24 8.62 -24.49
N PHE A 217 3.43 9.62 -24.24
CA PHE A 217 2.64 10.20 -25.27
C PHE A 217 3.08 11.63 -25.38
N LYS A 218 3.58 11.99 -26.55
CA LYS A 218 4.01 13.36 -26.79
C LYS A 218 3.33 13.72 -28.05
N LEU A 219 2.60 14.82 -28.06
CA LEU A 219 1.83 15.12 -29.23
C LEU A 219 2.67 15.80 -30.26
N VAL A 220 2.43 15.48 -31.52
CA VAL A 220 3.24 16.03 -32.60
C VAL A 220 3.45 17.53 -32.50
N MET B 14 -0.26 11.97 69.48
CA MET B 14 0.49 11.35 68.38
C MET B 14 0.15 9.87 68.12
N PRO B 15 -0.19 9.54 66.87
CA PRO B 15 -0.61 8.16 66.55
C PRO B 15 0.48 7.14 66.86
N ALA B 16 0.04 5.96 67.24
CA ALA B 16 0.98 4.93 67.68
C ALA B 16 1.59 4.21 66.48
N ALA B 17 2.87 3.90 66.61
CA ALA B 17 3.57 3.25 65.51
C ALA B 17 2.99 1.85 65.27
N VAL B 18 3.03 1.43 64.01
CA VAL B 18 2.61 0.12 63.57
C VAL B 18 3.80 -0.56 62.89
N ALA B 19 4.05 -1.81 63.26
CA ALA B 19 5.16 -2.53 62.65
C ALA B 19 4.79 -3.00 61.25
N VAL B 20 5.79 -3.05 60.37
CA VAL B 20 5.62 -3.52 59.01
C VAL B 20 5.66 -5.03 59.04
N THR B 21 4.52 -5.66 58.72
CA THR B 21 4.38 -7.10 58.84
C THR B 21 4.24 -7.81 57.50
N SER B 22 4.21 -7.07 56.41
CA SER B 22 3.99 -7.70 55.13
C SER B 22 5.31 -8.28 54.63
N PRO B 23 5.25 -9.40 53.91
CA PRO B 23 6.47 -10.00 53.37
C PRO B 23 6.95 -9.23 52.14
N GLN B 24 8.17 -9.58 51.71
CA GLN B 24 8.73 -8.98 50.52
C GLN B 24 7.90 -9.38 49.31
N ALA B 25 7.84 -8.49 48.32
CA ALA B 25 7.01 -8.76 47.16
C ALA B 25 7.73 -9.67 46.19
N ASP B 26 6.94 -10.29 45.30
CA ASP B 26 7.44 -11.23 44.32
C ASP B 26 8.51 -10.58 43.45
N SER B 27 9.66 -11.26 43.29
CA SER B 27 10.78 -10.69 42.51
C SER B 27 10.54 -10.76 41.01
N ALA B 28 9.56 -11.54 40.55
CA ALA B 28 9.51 -11.90 39.15
C ALA B 28 9.32 -10.66 38.28
N PRO B 29 10.06 -10.56 37.18
CA PRO B 29 9.84 -9.45 36.23
C PRO B 29 8.65 -9.74 35.34
N ALA B 30 8.08 -8.67 34.79
CA ALA B 30 6.96 -8.88 33.90
C ALA B 30 7.43 -9.42 32.56
N GLN B 31 6.49 -9.95 31.82
CA GLN B 31 6.72 -10.42 30.47
C GLN B 31 6.53 -9.26 29.49
N ARG B 32 7.38 -9.21 28.49
CA ARG B 32 7.30 -8.22 27.43
C ARG B 32 6.39 -8.71 26.32
N PHE B 33 5.72 -7.77 25.66
CA PHE B 33 4.85 -8.08 24.54
C PHE B 33 5.21 -7.10 23.44
N SER B 34 5.81 -7.65 22.37
CA SER B 34 6.48 -6.93 21.28
C SER B 34 5.47 -6.52 20.21
N LEU B 35 5.39 -5.23 19.93
CA LEU B 35 4.46 -4.75 18.91
C LEU B 35 5.14 -4.70 17.54
N PRO B 36 4.36 -4.76 16.45
CA PRO B 36 4.97 -4.74 15.11
C PRO B 36 5.82 -3.50 14.83
N GLN B 37 5.33 -2.30 15.18
CA GLN B 37 6.11 -1.09 14.90
C GLN B 37 7.37 -1.00 15.76
N GLY B 38 7.56 -1.96 16.68
CA GLY B 38 8.80 -2.11 17.40
C GLY B 38 8.76 -1.92 18.91
N CYS B 39 7.65 -1.56 19.51
CA CYS B 39 7.66 -1.26 20.94
C CYS B 39 7.16 -2.44 21.76
N HIS B 40 7.41 -2.36 23.05
CA HIS B 40 6.91 -3.34 24.01
C HIS B 40 5.88 -2.68 24.91
N PHE B 41 4.97 -3.51 25.41
CA PHE B 41 4.31 -3.23 26.66
C PHE B 41 4.63 -4.39 27.58
N ARG B 42 4.58 -4.16 28.89
CA ARG B 42 5.04 -5.19 29.80
C ARG B 42 3.94 -5.48 30.82
N THR B 43 3.64 -6.76 31.03
CA THR B 43 2.59 -7.12 31.99
C THR B 43 2.80 -8.56 32.43
N PHE B 44 1.81 -9.06 33.17
CA PHE B 44 1.93 -10.43 33.72
C PHE B 44 0.83 -11.32 33.15
N TRP B 45 1.18 -12.53 32.73
CA TRP B 45 0.20 -13.50 32.19
C TRP B 45 0.54 -14.83 32.86
N ARG B 46 -0.05 -15.09 34.02
CA ARG B 46 0.21 -16.34 34.77
C ARG B 46 0.17 -17.42 33.71
N ASP B 47 1.00 -18.46 33.83
CA ASP B 47 1.11 -19.50 32.77
C ASP B 47 -0.11 -20.41 32.99
N GLU B 48 -1.30 -19.83 33.13
CA GLU B 48 -2.51 -20.66 33.24
C GLU B 48 -2.65 -21.37 31.90
N ALA B 49 -2.08 -20.77 30.84
CA ALA B 49 -2.20 -21.36 29.49
C ALA B 49 -3.65 -21.82 29.28
N ASN B 50 -4.61 -21.18 29.95
CA ASN B 50 -6.03 -21.52 29.74
C ASN B 50 -6.39 -21.12 28.32
N GLY B 51 -5.47 -20.46 27.61
CA GLY B 51 -5.70 -20.05 26.21
C GLY B 51 -6.43 -18.73 26.14
N GLY B 52 -5.77 -17.65 26.56
CA GLY B 52 -6.40 -16.31 26.55
C GLY B 52 -5.89 -15.44 25.43
N SER B 53 -6.68 -14.44 25.04
CA SER B 53 -6.28 -13.53 23.93
C SER B 53 -6.22 -12.09 24.41
N LEU B 54 -5.13 -11.40 24.09
CA LEU B 54 -5.02 -9.97 24.38
C LEU B 54 -4.76 -9.27 23.05
N PHE B 55 -5.63 -8.31 22.71
CA PHE B 55 -5.63 -7.62 21.42
C PHE B 55 -5.38 -6.14 21.63
N ILE B 56 -4.30 -5.63 21.03
CA ILE B 56 -4.01 -4.20 21.01
C ILE B 56 -4.50 -3.67 19.61
N PRO B 57 -5.53 -2.85 19.60
CA PRO B 57 -6.02 -2.44 18.27
C PRO B 57 -5.04 -1.49 17.62
N ALA B 58 -5.07 -1.52 16.31
CA ALA B 58 -4.43 -0.48 15.53
C ALA B 58 -5.39 0.68 15.38
N GLY B 59 -4.88 1.78 14.87
CA GLY B 59 -5.53 3.07 14.92
C GLY B 59 -4.73 3.78 15.97
N ASP B 60 -4.49 5.07 15.80
CA ASP B 60 -3.41 5.66 16.58
C ASP B 60 -3.79 6.06 18.00
N ALA B 61 -4.87 5.49 18.57
CA ALA B 61 -5.16 5.76 19.97
C ALA B 61 -4.00 5.28 20.85
N LEU B 62 -3.54 4.04 20.61
CA LEU B 62 -2.35 3.46 21.24
C LEU B 62 -1.24 3.39 20.20
N ARG B 63 -0.07 3.85 20.57
CA ARG B 63 1.01 3.91 19.61
C ARG B 63 2.31 3.59 20.25
N CYS B 64 3.29 3.32 19.42
CA CYS B 64 4.59 3.04 19.93
C CYS B 64 5.24 4.37 20.11
N GLY B 65 6.05 4.47 21.14
CA GLY B 65 6.74 5.69 21.38
C GLY B 65 8.20 5.50 21.23
N GLU B 66 8.95 6.57 21.35
CA GLU B 66 10.36 6.50 21.16
C GLU B 66 11.12 6.01 22.34
N ASP B 67 10.43 5.80 23.46
CA ASP B 67 11.14 5.21 24.63
C ASP B 67 11.18 3.71 24.41
N GLY B 68 10.31 3.23 23.52
CA GLY B 68 10.29 1.83 23.23
C GLY B 68 9.09 1.22 23.85
N TRP B 69 8.20 2.05 24.38
CA TRP B 69 7.04 1.49 25.06
C TRP B 69 5.76 1.90 24.35
N LEU B 70 4.77 1.02 24.41
CA LEU B 70 3.42 1.39 24.00
C LEU B 70 2.91 2.51 24.90
N GLN B 71 2.23 3.47 24.30
CA GLN B 71 1.75 4.65 24.98
C GLN B 71 0.35 5.02 24.53
N GLY B 72 -0.36 5.69 25.44
CA GLY B 72 -1.68 6.18 25.15
C GLY B 72 -2.75 5.41 25.90
N SER B 73 -3.99 5.67 25.50
CA SER B 73 -5.16 5.15 26.18
C SER B 73 -6.14 4.65 25.14
N GLY B 74 -6.41 3.36 25.16
CA GLY B 74 -7.38 2.80 24.23
C GLY B 74 -8.06 1.59 24.81
N ALA B 75 -9.03 1.07 24.09
CA ALA B 75 -9.69 -0.15 24.54
C ALA B 75 -8.87 -1.35 24.07
N VAL B 76 -8.47 -2.17 25.02
CA VAL B 76 -7.72 -3.38 24.71
C VAL B 76 -8.69 -4.53 24.84
N THR B 77 -8.73 -5.42 23.87
CA THR B 77 -9.69 -6.51 23.88
C THR B 77 -9.13 -7.81 24.41
N LEU B 78 -9.69 -8.28 25.51
CA LEU B 78 -9.24 -9.51 26.11
C LEU B 78 -10.32 -10.53 25.91
N GLN B 79 -9.92 -11.76 25.63
CA GLN B 79 -10.88 -12.81 25.38
C GLN B 79 -10.47 -14.11 26.05
N GLN B 80 -11.31 -14.60 26.95
CA GLN B 80 -10.98 -15.84 27.68
C GLN B 80 -12.23 -16.68 27.92
N GLY B 81 -12.29 -17.87 27.33
CA GLY B 81 -13.40 -18.77 27.60
C GLY B 81 -14.78 -18.25 27.31
N GLY B 82 -14.97 -17.69 26.13
CA GLY B 82 -16.27 -17.16 25.76
C GLY B 82 -16.57 -15.79 26.34
N GLN B 83 -15.68 -15.29 27.18
CA GLN B 83 -15.89 -14.01 27.78
C GLN B 83 -15.04 -13.00 27.07
N THR B 84 -15.62 -11.85 26.74
CA THR B 84 -14.84 -10.81 26.11
C THR B 84 -14.83 -9.59 26.99
N LEU B 85 -13.66 -9.16 27.42
CA LEU B 85 -13.57 -7.95 28.21
C LEU B 85 -12.86 -6.90 27.37
N SER B 86 -13.36 -5.68 27.38
CA SER B 86 -12.71 -4.61 26.64
C SER B 86 -12.48 -3.37 27.47
N PRO B 87 -11.51 -3.42 28.37
CA PRO B 87 -11.28 -2.28 29.22
C PRO B 87 -10.48 -1.21 28.55
N THR B 88 -10.74 0.07 28.85
CA THR B 88 -9.86 1.07 28.26
C THR B 88 -8.67 1.27 29.21
N LEU B 89 -7.48 0.99 28.68
CA LEU B 89 -6.25 1.03 29.44
C LEU B 89 -5.37 2.18 28.99
N TRP B 90 -4.65 2.74 29.95
CA TRP B 90 -3.71 3.82 29.74
C TRP B 90 -2.34 3.24 30.02
N PHE B 91 -1.37 3.53 29.17
CA PHE B 91 -0.08 2.85 29.26
C PHE B 91 0.96 3.80 29.81
N LEU B 92 1.54 3.46 30.95
CA LEU B 92 2.61 4.25 31.54
C LEU B 92 3.86 3.39 31.72
N GLN B 93 4.96 3.80 31.09
CA GLN B 93 6.24 3.08 31.15
C GLN B 93 6.08 1.64 30.66
N GLY B 94 5.18 1.48 29.69
CA GLY B 94 4.86 0.20 29.13
C GLY B 94 3.86 -0.63 29.89
N TYR B 95 3.44 -0.19 31.16
CA TYR B 95 2.50 -0.93 32.02
C TYR B 95 1.06 -0.54 31.73
N PRO B 96 0.17 -1.52 31.56
CA PRO B 96 -1.26 -1.23 31.35
C PRO B 96 -1.99 -0.94 32.66
N LEU B 97 -2.64 0.22 32.73
CA LEU B 97 -3.32 0.72 33.91
C LEU B 97 -4.78 0.95 33.60
N ALA B 98 -5.64 0.52 34.52
CA ALA B 98 -7.08 0.70 34.41
C ALA B 98 -7.49 1.74 35.43
N GLN B 99 -8.56 2.48 35.14
CA GLN B 99 -9.09 3.52 36.04
C GLN B 99 -8.21 4.70 36.40
N VAL B 100 -7.18 4.97 35.60
CA VAL B 100 -6.34 6.14 35.81
C VAL B 100 -5.76 6.62 34.49
N ASN B 101 -5.71 7.93 34.25
CA ASN B 101 -5.11 8.48 33.02
C ASN B 101 -4.36 9.76 33.30
N GLY B 102 -3.16 9.64 33.80
CA GLY B 102 -2.40 10.83 34.12
C GLY B 102 -1.53 11.36 33.02
N GLY B 103 -2.13 11.75 31.91
CA GLY B 103 -1.35 12.18 30.76
C GLY B 103 -0.60 13.49 30.78
N ASP B 104 -1.24 14.57 31.20
CA ASP B 104 -0.60 15.86 31.18
C ASP B 104 0.56 15.84 32.12
N ARG B 105 0.45 14.98 33.12
CA ARG B 105 1.49 14.97 34.17
C ARG B 105 2.55 13.93 33.83
N ALA B 106 3.58 13.87 34.65
CA ALA B 106 4.60 12.89 34.46
C ALA B 106 4.69 12.07 35.68
N LEU B 107 3.98 10.96 35.67
CA LEU B 107 3.95 10.11 36.84
C LEU B 107 5.01 9.06 36.76
N THR B 108 5.35 8.48 37.89
CA THR B 108 6.36 7.46 37.91
C THR B 108 5.87 6.15 38.48
N VAL B 109 6.36 5.04 37.95
CA VAL B 109 6.02 3.75 38.49
C VAL B 109 7.07 3.43 39.52
N VAL B 110 6.68 3.38 40.79
CA VAL B 110 7.65 3.16 41.83
C VAL B 110 7.93 1.69 41.95
N SER B 111 6.89 0.86 41.92
CA SER B 111 7.08 -0.58 41.93
C SER B 111 6.01 -1.21 41.11
N ALA B 112 6.33 -2.34 40.50
CA ALA B 112 5.36 -3.07 39.70
C ALA B 112 5.65 -4.53 39.77
N ASN B 113 4.68 -5.31 40.24
CA ASN B 113 4.84 -6.74 40.30
C ASN B 113 3.53 -7.40 40.01
N ALA B 114 3.47 -8.70 40.16
CA ALA B 114 2.27 -9.41 39.81
C ALA B 114 1.16 -9.20 40.79
N GLN B 115 1.45 -8.50 41.88
CA GLN B 115 0.47 -8.25 42.90
C GLN B 115 -0.03 -6.82 42.86
N ARG B 116 0.88 -5.85 42.79
CA ARG B 116 0.43 -4.43 42.87
C ARG B 116 1.36 -3.46 42.14
N LEU B 117 0.86 -2.27 41.79
CA LEU B 117 1.69 -1.23 41.20
C LEU B 117 1.56 0.05 41.98
N ILE B 118 2.67 0.69 42.30
CA ILE B 118 2.62 1.97 42.97
C ILE B 118 2.86 3.09 42.00
N LEU B 119 1.96 4.06 41.98
CA LEU B 119 2.11 5.21 41.12
C LEU B 119 2.46 6.40 41.95
N GLY B 120 3.54 7.06 41.61
CA GLY B 120 3.92 8.26 42.30
C GLY B 120 4.23 9.33 41.29
N GLY B 121 4.97 10.33 41.70
CA GLY B 121 5.32 11.39 40.79
C GLY B 121 4.31 12.46 40.48
N ASN B 122 3.30 12.65 41.31
CA ASN B 122 2.38 13.74 41.09
C ASN B 122 3.06 14.89 41.72
N PRO B 123 3.33 15.90 40.93
CA PRO B 123 4.10 17.00 41.48
C PRO B 123 3.26 17.88 42.38
N GLN B 124 1.94 17.85 42.25
CA GLN B 124 1.09 18.70 43.02
C GLN B 124 0.92 18.20 44.41
N ALA B 125 1.22 16.93 44.63
CA ALA B 125 1.20 16.39 45.96
C ALA B 125 2.28 15.39 46.03
N PRO B 126 3.49 15.83 46.30
CA PRO B 126 4.48 14.80 46.44
C PRO B 126 4.32 14.07 47.75
N GLY B 127 4.75 12.83 47.80
CA GLY B 127 4.58 12.05 49.01
C GLY B 127 3.32 11.24 49.02
N SER B 128 2.48 11.43 48.03
CA SER B 128 1.30 10.66 47.95
C SER B 128 1.53 9.65 46.87
N PHE B 129 1.00 8.45 47.07
CA PHE B 129 1.19 7.40 46.13
C PHE B 129 -0.15 6.79 45.86
N LEU B 130 -0.27 6.06 44.76
CA LEU B 130 -1.52 5.42 44.41
C LEU B 130 -1.27 3.94 44.27
N LEU B 131 -2.14 3.11 44.82
CA LEU B 131 -1.97 1.67 44.77
C LEU B 131 -2.94 1.08 43.81
N LEU B 132 -2.41 0.29 42.90
CA LEU B 132 -3.25 -0.33 41.90
C LEU B 132 -3.05 -1.81 42.08
N THR B 133 -4.10 -2.58 41.85
CA THR B 133 -4.03 -4.01 42.06
C THR B 133 -4.07 -4.75 40.76
N PHE B 134 -3.21 -5.74 40.62
CA PHE B 134 -3.19 -6.51 39.41
C PHE B 134 -4.43 -7.32 39.27
N GLU B 135 -5.12 -7.14 38.18
CA GLU B 135 -6.28 -7.93 37.92
C GLU B 135 -5.89 -8.86 36.81
N PRO B 136 -5.82 -10.15 37.11
CA PRO B 136 -5.34 -11.09 36.11
C PRO B 136 -6.26 -11.35 34.95
N GLN B 137 -7.41 -10.73 34.94
CA GLN B 137 -8.36 -10.96 33.90
C GLN B 137 -8.30 -9.82 32.93
N LEU B 138 -7.57 -8.79 33.29
CA LEU B 138 -7.45 -7.65 32.44
C LEU B 138 -6.03 -7.59 32.01
N HIS B 139 -5.18 -8.39 32.62
CA HIS B 139 -3.73 -8.38 32.36
C HIS B 139 -3.24 -7.01 32.52
N ALA B 140 -3.66 -6.38 33.60
CA ALA B 140 -3.31 -5.02 33.85
C ALA B 140 -3.50 -4.77 35.30
N TRP B 141 -3.06 -3.61 35.76
CA TRP B 141 -3.26 -3.25 37.14
C TRP B 141 -4.40 -2.28 37.17
N ALA B 142 -5.13 -2.22 38.26
CA ALA B 142 -6.32 -1.39 38.33
C ALA B 142 -6.46 -0.55 39.56
N PHE B 143 -6.93 0.69 39.39
CA PHE B 143 -7.15 1.55 40.51
C PHE B 143 -8.51 1.32 41.10
N ASN B 144 -8.55 1.14 42.40
CA ASN B 144 -9.81 0.85 43.05
C ASN B 144 -10.14 1.86 44.12
N GLY B 145 -9.21 2.73 44.47
CA GLY B 145 -9.50 3.77 45.44
C GLY B 145 -8.47 4.00 46.50
N GLU B 146 -7.36 3.31 46.44
CA GLU B 146 -6.39 3.40 47.49
C GLU B 146 -5.22 4.32 47.27
N ALA B 147 -4.91 5.10 48.28
CA ALA B 147 -3.80 6.00 48.19
C ALA B 147 -3.01 5.96 49.46
N ILE B 148 -1.72 6.24 49.37
CA ILE B 148 -0.89 6.18 50.53
C ILE B 148 -0.26 7.54 50.63
N VAL B 149 -0.35 8.16 51.79
CA VAL B 149 0.26 9.44 52.01
C VAL B 149 1.40 9.28 52.99
N GLU B 150 2.59 9.67 52.61
CA GLU B 150 3.74 9.56 53.47
C GLU B 150 3.76 10.77 54.36
N MET B 151 3.60 10.56 55.65
CA MET B 151 3.54 11.66 56.60
C MET B 151 4.14 11.19 57.88
N PRO B 152 4.88 12.06 58.56
CA PRO B 152 5.38 11.62 59.86
C PRO B 152 4.30 11.64 60.90
N ARG B 153 4.44 10.82 61.94
CA ARG B 153 3.43 10.74 62.99
C ARG B 153 3.45 11.96 63.84
N VAL B 154 4.61 12.57 63.96
CA VAL B 154 4.74 13.79 64.74
C VAL B 154 3.93 14.88 64.12
N ASP B 155 3.85 14.88 62.80
CA ASP B 155 3.10 15.88 62.11
C ASP B 155 1.65 15.48 62.10
N ALA B 156 1.39 14.21 62.30
CA ALA B 156 0.04 13.71 62.30
C ALA B 156 -0.60 13.86 63.64
N ALA B 157 0.11 14.45 64.58
CA ALA B 157 -0.47 14.72 65.86
C ALA B 157 -1.31 15.95 65.64
N ASP B 158 -0.80 16.87 64.84
CA ASP B 158 -1.58 18.05 64.51
C ASP B 158 -2.62 17.64 63.52
N GLU B 159 -3.86 17.88 63.88
CA GLU B 159 -4.94 17.44 63.03
C GLU B 159 -5.10 18.29 61.82
N THR B 160 -4.66 19.52 61.90
CA THR B 160 -4.83 20.43 60.80
C THR B 160 -3.91 19.99 59.70
N LYS B 161 -2.79 19.40 60.06
CA LYS B 161 -1.82 18.95 59.10
C LYS B 161 -2.28 17.72 58.36
N ILE B 162 -3.02 16.86 59.02
CA ILE B 162 -3.52 15.67 58.39
C ILE B 162 -4.45 16.11 57.33
N LYS B 163 -5.35 17.00 57.68
CA LYS B 163 -6.33 17.42 56.74
C LYS B 163 -5.72 18.17 55.58
N GLN B 164 -4.60 18.82 55.80
CA GLN B 164 -3.94 19.55 54.75
C GLN B 164 -3.36 18.55 53.81
N ARG B 165 -2.63 17.59 54.33
CA ARG B 165 -1.99 16.60 53.50
C ARG B 165 -2.98 15.78 52.71
N VAL B 166 -4.11 15.41 53.30
CA VAL B 166 -5.01 14.56 52.58
C VAL B 166 -5.83 15.29 51.55
N GLN B 167 -6.02 16.59 51.74
CA GLN B 167 -6.75 17.35 50.76
C GLN B 167 -5.83 17.71 49.62
N GLN B 168 -4.54 17.82 49.90
CA GLN B 168 -3.59 18.08 48.84
C GLN B 168 -3.59 16.89 47.94
N ALA B 169 -3.57 15.72 48.54
CA ALA B 169 -3.52 14.50 47.77
C ALA B 169 -4.75 14.32 46.93
N GLN B 170 -5.88 14.73 47.46
CA GLN B 170 -7.10 14.55 46.74
C GLN B 170 -7.10 15.42 45.53
N THR B 171 -6.75 16.69 45.68
CA THR B 171 -6.82 17.61 44.57
C THR B 171 -5.82 17.28 43.52
N ALA B 172 -4.75 16.63 43.93
CA ALA B 172 -3.71 16.30 43.00
C ALA B 172 -3.98 15.05 42.24
N TRP B 173 -4.64 14.11 42.85
CA TRP B 173 -4.82 12.85 42.19
C TRP B 173 -6.18 12.74 41.56
N GLN B 174 -7.19 13.34 42.16
CA GLN B 174 -8.55 13.22 41.65
C GLN B 174 -8.82 13.49 40.20
N PRO B 175 -8.24 14.54 39.63
CA PRO B 175 -8.57 14.73 38.22
C PRO B 175 -8.08 13.62 37.29
N LEU B 176 -7.19 12.78 37.76
CA LEU B 176 -6.61 11.75 36.91
C LEU B 176 -7.32 10.45 37.10
N LEU B 177 -8.37 10.45 37.89
CA LEU B 177 -9.04 9.20 38.21
C LEU B 177 -10.36 9.06 37.56
N SER B 178 -10.81 7.82 37.45
CA SER B 178 -12.06 7.55 36.81
C SER B 178 -12.66 6.34 37.49
N ALA B 179 -12.30 6.10 38.74
CA ALA B 179 -12.76 4.92 39.44
C ALA B 179 -14.17 5.04 39.99
N PRO B 180 -14.88 3.91 40.13
CA PRO B 180 -16.23 3.93 40.70
C PRO B 180 -16.24 3.92 42.21
N ALA B 181 -15.28 4.59 42.85
CA ALA B 181 -15.17 4.56 44.29
C ALA B 181 -14.53 5.84 44.76
N PRO B 182 -14.76 6.22 46.02
CA PRO B 182 -14.04 7.39 46.52
C PRO B 182 -12.64 7.02 46.95
N LEU B 183 -11.92 8.00 47.49
CA LEU B 183 -10.50 7.76 47.81
C LEU B 183 -10.31 7.40 49.28
N THR B 184 -9.38 6.50 49.56
CA THR B 184 -9.09 6.09 50.89
C THR B 184 -7.62 6.31 51.06
N PHE B 185 -7.25 7.11 52.04
CA PHE B 185 -5.86 7.43 52.28
C PHE B 185 -5.37 6.63 53.47
N LYS B 186 -4.24 5.96 53.30
CA LYS B 186 -3.59 5.28 54.41
C LYS B 186 -2.30 6.05 54.70
N LEU B 187 -2.21 6.67 55.88
CA LEU B 187 -1.01 7.41 56.24
C LEU B 187 0.06 6.48 56.80
N VAL B 188 1.30 6.66 56.34
CA VAL B 188 2.42 5.87 56.85
C VAL B 188 3.63 6.78 56.88
N GLU B 189 4.57 6.48 57.79
CA GLU B 189 5.79 7.27 57.90
C GLU B 189 6.68 7.07 56.65
N LYS B 190 6.68 5.88 56.07
CA LYS B 190 7.53 5.58 54.94
C LYS B 190 6.85 4.51 54.08
N LEU B 191 6.75 4.77 52.78
CA LEU B 191 6.18 3.80 51.84
C LEU B 191 6.95 2.48 51.88
N ALA B 192 6.23 1.36 51.87
CA ALA B 192 6.89 0.05 51.90
C ALA B 192 6.90 -0.54 50.50
N ALA B 193 7.73 0.07 49.64
CA ALA B 193 7.71 -0.20 48.21
C ALA B 193 8.17 -1.61 47.87
N ASP B 194 8.88 -2.26 48.78
CA ASP B 194 9.43 -3.60 48.45
C ASP B 194 8.59 -4.71 49.07
N ARG B 195 7.41 -4.37 49.58
CA ARG B 195 6.56 -5.39 50.21
C ARG B 195 5.22 -5.52 49.47
N VAL B 196 4.48 -6.59 49.85
CA VAL B 196 3.24 -6.93 49.14
C VAL B 196 2.21 -5.83 49.37
N ASP B 197 2.14 -5.35 50.59
CA ASP B 197 1.32 -4.22 50.97
C ASP B 197 2.21 -3.01 51.19
N PRO B 198 2.37 -2.12 50.22
CA PRO B 198 3.24 -0.95 50.45
C PRO B 198 2.73 -0.02 51.53
N ALA B 199 1.45 -0.11 51.90
CA ALA B 199 0.86 0.62 53.02
C ALA B 199 1.03 -0.10 54.36
N SER B 200 1.64 -1.29 54.36
CA SER B 200 1.82 -2.01 55.61
C SER B 200 2.62 -1.13 56.58
N GLY B 201 2.17 -1.11 57.83
CA GLY B 201 2.69 -0.16 58.78
C GLY B 201 1.89 1.12 58.89
N SER B 202 0.80 1.26 58.13
CA SER B 202 -0.02 2.45 58.22
C SER B 202 -0.52 2.64 59.66
N TYR B 203 -0.52 3.90 60.11
CA TYR B 203 -0.93 4.24 61.47
C TYR B 203 -2.25 5.00 61.54
N LEU B 204 -2.85 5.32 60.39
CA LEU B 204 -4.11 6.07 60.36
C LEU B 204 -4.69 5.97 58.96
N SER B 205 -6.02 5.94 58.87
CA SER B 205 -6.69 5.87 57.58
C SER B 205 -7.79 6.92 57.55
N VAL B 206 -7.79 7.74 56.50
CA VAL B 206 -8.79 8.77 56.28
C VAL B 206 -9.57 8.42 55.02
N ASN B 207 -10.89 8.24 55.14
CA ASN B 207 -11.72 7.84 54.02
C ASN B 207 -12.50 9.03 53.48
N GLY B 208 -12.55 9.15 52.15
CA GLY B 208 -13.28 10.23 51.51
C GLY B 208 -14.66 9.79 51.02
N ALA B 209 -15.50 10.77 50.72
CA ALA B 209 -16.89 10.53 50.35
C ALA B 209 -17.10 10.81 48.88
N THR B 210 -18.23 10.34 48.35
CA THR B 210 -18.71 10.78 47.04
C THR B 210 -19.94 11.65 47.25
N HIS B 211 -19.97 12.83 46.61
CA HIS B 211 -21.14 13.69 46.72
C HIS B 211 -22.23 13.14 45.81
N LEU B 212 -23.39 12.85 46.39
CA LEU B 212 -24.60 12.51 45.66
C LEU B 212 -25.54 13.71 45.65
N GLU B 213 -26.26 13.89 44.55
CA GLU B 213 -27.32 14.90 44.51
C GLU B 213 -28.23 14.55 43.33
N GLY B 214 -29.46 14.15 43.61
CA GLY B 214 -30.35 13.80 42.52
C GLY B 214 -31.72 13.33 42.94
N SER B 215 -32.30 12.42 42.15
CA SER B 215 -33.65 11.91 42.39
C SER B 215 -33.58 10.39 42.39
N GLU B 216 -33.92 9.78 43.53
CA GLU B 216 -33.95 8.33 43.65
C GLU B 216 -35.39 7.87 43.43
N PHE B 217 -35.54 6.79 42.69
CA PHE B 217 -36.86 6.20 42.49
C PHE B 217 -36.85 4.79 43.05
N LYS B 218 -37.84 4.49 43.89
CA LYS B 218 -37.88 3.26 44.65
C LYS B 218 -39.36 2.88 44.74
N LEU B 219 -39.78 1.87 44.00
CA LEU B 219 -41.21 1.55 43.96
C LEU B 219 -41.66 0.73 45.17
N VAL B 220 -42.79 1.12 45.76
CA VAL B 220 -43.44 0.32 46.83
C VAL B 220 -43.55 -1.18 46.44
N LEU C 10 -31.36 -13.46 -16.66
CA LEU C 10 -32.73 -12.98 -16.96
C LEU C 10 -33.73 -13.74 -16.10
N VAL C 11 -33.22 -14.62 -15.22
CA VAL C 11 -34.10 -15.40 -14.31
C VAL C 11 -33.76 -15.01 -12.87
N ILE C 12 -34.60 -14.19 -12.25
CA ILE C 12 -34.30 -13.72 -10.87
C ILE C 12 -35.06 -14.61 -9.89
N HIS C 13 -34.60 -14.66 -8.65
CA HIS C 13 -35.22 -15.57 -7.66
C HIS C 13 -35.73 -14.75 -6.46
N MET C 14 -37.05 -14.64 -6.34
CA MET C 14 -37.67 -13.86 -5.24
C MET C 14 -37.47 -14.61 -3.93
N PRO C 15 -36.98 -13.97 -2.86
CA PRO C 15 -36.88 -14.66 -1.57
C PRO C 15 -38.23 -15.32 -1.24
N ALA C 16 -38.20 -16.47 -0.56
CA ALA C 16 -39.44 -17.20 -0.21
C ALA C 16 -40.14 -16.55 0.97
N ALA C 17 -41.48 -16.55 0.97
CA ALA C 17 -42.22 -15.83 2.01
C ALA C 17 -42.22 -16.56 3.35
N VAL C 18 -42.11 -15.82 4.45
CA VAL C 18 -42.20 -16.41 5.80
C VAL C 18 -43.32 -15.64 6.50
N ALA C 19 -44.26 -16.34 7.13
CA ALA C 19 -45.42 -15.63 7.71
C ALA C 19 -45.16 -15.29 9.16
N VAL C 20 -46.02 -14.44 9.75
CA VAL C 20 -45.80 -13.96 11.15
C VAL C 20 -46.07 -15.10 12.14
N THR C 21 -45.10 -15.37 13.02
CA THR C 21 -45.26 -16.42 14.04
C THR C 21 -45.07 -15.79 15.39
N SER C 22 -45.29 -14.48 15.51
CA SER C 22 -45.03 -13.78 16.79
C SER C 22 -46.36 -13.36 17.42
N PRO C 23 -46.52 -13.50 18.75
CA PRO C 23 -47.77 -13.11 19.45
C PRO C 23 -47.91 -11.61 19.58
N GLN C 24 -49.14 -11.12 19.66
CA GLN C 24 -49.38 -9.67 19.87
C GLN C 24 -48.64 -9.26 21.14
N ALA C 25 -48.12 -8.04 21.19
CA ALA C 25 -47.28 -7.66 22.35
C ALA C 25 -48.14 -7.09 23.47
N ASP C 26 -47.60 -7.10 24.69
CA ASP C 26 -48.34 -6.53 25.84
C ASP C 26 -48.76 -5.11 25.48
N SER C 27 -49.96 -4.69 25.88
CA SER C 27 -50.46 -3.37 25.55
C SER C 27 -50.35 -2.45 26.75
N ALA C 28 -49.56 -2.83 27.73
CA ALA C 28 -49.45 -2.04 28.93
C ALA C 28 -48.78 -0.73 28.72
N PRO C 29 -49.28 0.31 29.37
CA PRO C 29 -48.58 1.59 29.27
C PRO C 29 -47.39 1.64 30.19
N ALA C 30 -46.56 2.65 30.03
CA ALA C 30 -45.36 2.75 30.82
C ALA C 30 -45.62 3.55 32.06
N GLN C 31 -44.78 3.33 33.05
CA GLN C 31 -44.94 4.05 34.28
C GLN C 31 -44.19 5.32 34.15
N ARG C 32 -44.79 6.40 34.62
CA ARG C 32 -44.17 7.67 34.50
C ARG C 32 -43.45 7.97 35.77
N PHE C 33 -42.37 8.71 35.66
CA PHE C 33 -41.56 9.00 36.81
C PHE C 33 -41.26 10.50 36.85
N SER C 34 -41.81 11.23 37.82
CA SER C 34 -41.68 12.68 37.86
C SER C 34 -40.45 13.26 38.50
N LEU C 35 -39.90 14.31 37.91
CA LEU C 35 -38.63 14.87 38.44
C LEU C 35 -38.92 16.19 39.17
N PRO C 36 -38.03 16.66 40.06
CA PRO C 36 -38.25 17.88 40.81
C PRO C 36 -38.77 19.08 40.00
N GLN C 37 -38.39 19.22 38.73
CA GLN C 37 -38.78 20.43 37.96
C GLN C 37 -40.06 20.20 37.17
N GLY C 38 -40.65 19.01 37.27
CA GLY C 38 -41.97 18.77 36.63
C GLY C 38 -41.88 18.05 35.31
N CYS C 39 -40.75 17.39 35.05
CA CYS C 39 -40.64 16.59 33.80
C CYS C 39 -40.86 15.12 34.15
N HIS C 40 -41.23 14.32 33.15
CA HIS C 40 -41.50 12.88 33.40
C HIS C 40 -40.56 12.02 32.58
N PHE C 41 -40.29 10.82 33.05
CA PHE C 41 -39.49 9.85 32.25
C PHE C 41 -40.33 8.59 32.27
N ARG C 42 -40.55 7.99 31.10
CA ARG C 42 -41.46 6.82 31.06
C ARG C 42 -40.68 5.55 30.76
N THR C 43 -40.69 4.59 31.68
CA THR C 43 -40.03 3.28 31.44
C THR C 43 -40.92 2.20 32.04
N PHE C 44 -40.37 1.01 32.27
CA PHE C 44 -41.16 -0.12 32.83
C PHE C 44 -40.46 -0.62 34.10
N TRP C 45 -41.24 -0.93 35.14
CA TRP C 45 -40.67 -1.38 36.44
C TRP C 45 -41.62 -2.37 37.11
N ARG C 46 -41.49 -3.65 36.79
CA ARG C 46 -42.33 -4.68 37.45
C ARG C 46 -41.64 -5.08 38.75
N ASP C 47 -41.89 -4.34 39.83
CA ASP C 47 -41.16 -4.60 41.09
C ASP C 47 -41.58 -5.94 41.68
N GLU C 48 -40.77 -6.97 41.46
CA GLU C 48 -41.05 -8.26 42.12
C GLU C 48 -40.50 -8.14 43.53
N ALA C 49 -40.72 -7.00 44.17
CA ALA C 49 -40.24 -6.77 45.56
C ALA C 49 -38.73 -6.97 45.60
N ASN C 50 -38.08 -6.88 44.45
CA ASN C 50 -36.60 -6.98 44.41
C ASN C 50 -36.04 -5.76 45.14
N GLY C 51 -36.81 -4.67 45.15
CA GLY C 51 -36.37 -3.43 45.80
C GLY C 51 -35.31 -2.51 45.22
N GLY C 52 -35.30 -2.36 43.90
CA GLY C 52 -34.33 -1.47 43.24
C GLY C 52 -34.41 0.04 43.31
N SER C 53 -33.29 0.72 43.02
CA SER C 53 -33.27 2.20 43.04
C SER C 53 -32.83 2.73 41.68
N LEU C 54 -33.43 3.83 41.23
CA LEU C 54 -33.00 4.47 39.96
C LEU C 54 -32.61 5.91 40.30
N PHE C 55 -31.37 6.30 40.01
CA PHE C 55 -30.91 7.65 40.42
C PHE C 55 -30.68 8.54 39.21
N ILE C 56 -31.42 9.64 39.12
CA ILE C 56 -31.19 10.64 38.04
C ILE C 56 -30.29 11.70 38.66
N PRO C 57 -28.96 11.65 38.43
CA PRO C 57 -28.05 12.57 39.07
C PRO C 57 -28.36 14.02 38.72
N ALA C 58 -27.77 14.96 39.45
CA ALA C 58 -27.98 16.40 39.16
C ALA C 58 -26.94 16.85 38.14
N GLY C 59 -27.32 17.81 37.30
CA GLY C 59 -26.40 18.27 36.24
C GLY C 59 -27.16 18.71 35.02
N ASP C 60 -26.46 19.27 34.04
CA ASP C 60 -27.12 19.80 32.81
C ASP C 60 -27.10 18.70 31.75
N ALA C 61 -26.41 17.60 32.03
CA ALA C 61 -26.42 16.46 31.09
C ALA C 61 -27.86 16.05 30.84
N LEU C 62 -28.56 15.70 31.90
CA LEU C 62 -29.99 15.34 31.79
C LEU C 62 -30.79 16.54 32.30
N ARG C 63 -31.89 16.89 31.62
CA ARG C 63 -32.65 18.10 32.00
C ARG C 63 -34.10 17.96 31.56
N CYS C 64 -34.98 18.77 32.12
CA CYS C 64 -36.41 18.74 31.73
C CYS C 64 -36.62 19.76 30.62
N GLY C 65 -37.48 19.44 29.65
CA GLY C 65 -37.73 20.36 28.53
C GLY C 65 -39.20 20.69 28.39
N GLU C 66 -39.52 21.61 27.49
CA GLU C 66 -40.93 22.05 27.32
C GLU C 66 -41.75 20.90 26.77
N ASP C 67 -41.08 19.86 26.28
CA ASP C 67 -41.80 18.66 25.79
C ASP C 67 -42.53 18.02 26.97
N GLY C 68 -42.06 18.27 28.18
CA GLY C 68 -42.65 17.61 29.37
C GLY C 68 -41.88 16.36 29.68
N TRP C 69 -40.89 16.05 28.85
CA TRP C 69 -40.10 14.81 29.02
C TRP C 69 -38.67 15.18 29.40
N LEU C 70 -38.01 14.31 30.15
CA LEU C 70 -36.58 14.56 30.48
C LEU C 70 -35.80 14.38 29.18
N GLN C 71 -34.87 15.29 28.92
CA GLN C 71 -34.09 15.22 27.66
C GLN C 71 -32.61 15.13 28.02
N GLY C 72 -31.84 14.41 27.22
CA GLY C 72 -30.40 14.38 27.46
C GLY C 72 -29.80 12.99 27.45
N SER C 73 -28.48 12.94 27.61
CA SER C 73 -27.77 11.65 27.66
C SER C 73 -26.87 11.69 28.88
N GLY C 74 -27.18 10.89 29.88
CA GLY C 74 -26.38 10.93 31.12
C GLY C 74 -26.31 9.59 31.79
N ALA C 75 -25.50 9.48 32.85
CA ALA C 75 -25.37 8.21 33.59
C ALA C 75 -26.45 8.11 34.66
N VAL C 76 -27.33 7.11 34.55
CA VAL C 76 -28.38 6.90 35.57
C VAL C 76 -27.91 5.75 36.45
N THR C 77 -27.64 6.01 37.73
CA THR C 77 -27.10 4.95 38.61
C THR C 77 -28.24 4.03 39.03
N LEU C 78 -28.18 2.77 38.61
CA LEU C 78 -29.20 1.77 39.00
C LEU C 78 -28.56 0.87 40.05
N GLN C 79 -29.20 0.70 41.20
CA GLN C 79 -28.58 -0.10 42.29
C GLN C 79 -29.58 -1.14 42.79
N GLN C 80 -29.14 -2.39 42.89
CA GLN C 80 -30.02 -3.50 43.34
C GLN C 80 -29.14 -4.72 43.63
N GLY C 81 -29.53 -5.54 44.59
CA GLY C 81 -28.73 -6.74 44.93
C GLY C 81 -27.34 -6.35 45.36
N GLY C 82 -27.18 -5.15 45.91
CA GLY C 82 -25.86 -4.68 46.31
C GLY C 82 -24.97 -4.50 45.11
N GLN C 83 -25.52 -4.74 43.91
CA GLN C 83 -24.75 -4.50 42.67
C GLN C 83 -25.15 -3.13 42.13
N THR C 84 -24.18 -2.36 41.63
CA THR C 84 -24.48 -0.99 41.17
C THR C 84 -24.17 -0.86 39.68
N LEU C 85 -25.21 -0.70 38.86
CA LEU C 85 -24.99 -0.49 37.41
C LEU C 85 -25.22 0.99 37.10
N SER C 86 -24.31 1.60 36.36
CA SER C 86 -24.44 3.04 36.03
C SER C 86 -24.39 3.21 34.50
N PRO C 87 -25.46 2.84 33.78
CA PRO C 87 -25.48 2.99 32.34
C PRO C 87 -25.63 4.45 31.90
N THR C 88 -25.11 4.81 30.72
CA THR C 88 -25.33 6.17 30.18
C THR C 88 -26.55 6.08 29.26
N LEU C 89 -27.68 6.62 29.69
CA LEU C 89 -28.94 6.47 28.91
C LEU C 89 -29.26 7.75 28.16
N TRP C 90 -29.91 7.62 27.00
CA TRP C 90 -30.35 8.80 26.21
C TRP C 90 -31.87 8.81 26.25
N PHE C 91 -32.47 9.99 26.29
CA PHE C 91 -33.95 10.04 26.46
C PHE C 91 -34.63 10.57 25.19
N LEU C 92 -35.49 9.76 24.58
CA LEU C 92 -36.27 10.22 23.40
C LEU C 92 -37.75 10.08 23.75
N GLN C 93 -38.53 11.13 23.57
CA GLN C 93 -39.96 11.11 23.95
C GLN C 93 -40.08 10.62 25.39
N GLY C 94 -39.07 10.90 26.21
CA GLY C 94 -39.10 10.53 27.64
C GLY C 94 -38.65 9.10 27.86
N TYR C 95 -38.44 8.35 26.79
CA TYR C 95 -38.07 6.93 26.94
C TYR C 95 -36.57 6.80 27.18
N PRO C 96 -36.14 6.03 28.20
CA PRO C 96 -34.73 5.81 28.47
C PRO C 96 -34.13 4.75 27.53
N LEU C 97 -33.17 5.14 26.69
CA LEU C 97 -32.61 4.20 25.69
C LEU C 97 -31.10 4.05 25.90
N ALA C 98 -30.55 2.90 25.54
CA ALA C 98 -29.12 2.63 25.80
C ALA C 98 -28.40 2.17 24.52
N GLN C 99 -27.10 2.45 24.42
CA GLN C 99 -26.29 2.10 23.26
C GLN C 99 -26.71 2.81 22.00
N VAL C 100 -27.64 3.74 22.13
CA VAL C 100 -28.04 4.54 21.00
C VAL C 100 -28.15 5.99 21.47
N ASN C 101 -27.51 6.91 20.76
CA ASN C 101 -27.63 8.33 21.08
C ASN C 101 -27.66 9.11 19.79
N GLY C 102 -28.78 9.69 19.47
CA GLY C 102 -28.86 10.53 18.30
C GLY C 102 -29.63 11.78 18.61
N GLY C 103 -29.22 12.52 19.64
CA GLY C 103 -29.98 13.68 20.08
C GLY C 103 -30.37 14.73 19.07
N ASP C 104 -29.46 15.08 18.18
CA ASP C 104 -29.70 16.12 17.20
C ASP C 104 -30.54 15.65 16.03
N ARG C 105 -31.04 14.42 16.09
CA ARG C 105 -31.91 13.94 15.06
C ARG C 105 -33.23 13.84 15.74
N ALA C 106 -34.31 13.82 14.98
CA ALA C 106 -35.62 13.65 15.56
C ALA C 106 -36.19 12.33 15.13
N LEU C 107 -35.84 11.28 15.85
CA LEU C 107 -36.28 9.92 15.46
C LEU C 107 -37.71 9.71 15.97
N THR C 108 -38.34 8.60 15.57
CA THR C 108 -39.75 8.32 15.97
C THR C 108 -39.85 7.00 16.73
N VAL C 109 -40.58 6.99 17.85
CA VAL C 109 -40.83 5.73 18.60
C VAL C 109 -42.05 5.08 17.98
N VAL C 110 -41.88 3.94 17.32
CA VAL C 110 -42.99 3.30 16.59
C VAL C 110 -43.77 2.42 17.56
N SER C 111 -43.07 1.78 18.49
CA SER C 111 -43.77 0.98 19.52
C SER C 111 -42.89 0.80 20.75
N ALA C 112 -43.40 1.16 21.93
CA ALA C 112 -42.65 0.92 23.17
C ALA C 112 -43.50 0.07 24.10
N ASN C 113 -43.00 -1.10 24.47
CA ASN C 113 -43.70 -1.99 25.42
C ASN C 113 -42.65 -2.50 26.40
N ALA C 114 -43.00 -3.47 27.23
CA ALA C 114 -42.05 -3.92 28.27
C ALA C 114 -41.08 -4.92 27.64
N GLN C 115 -41.26 -5.21 26.36
CA GLN C 115 -40.42 -6.25 25.73
C GLN C 115 -39.48 -5.60 24.71
N ARG C 116 -39.97 -4.65 23.92
CA ARG C 116 -39.10 -4.10 22.85
C ARG C 116 -39.47 -2.67 22.48
N LEU C 117 -38.53 -1.96 21.84
CA LEU C 117 -38.81 -0.59 21.33
C LEU C 117 -38.40 -0.54 19.86
N ILE C 118 -39.30 -0.07 18.99
CA ILE C 118 -38.97 0.09 17.56
C ILE C 118 -38.69 1.56 17.29
N LEU C 119 -37.49 1.88 16.80
CA LEU C 119 -37.11 3.28 16.50
C LEU C 119 -37.15 3.49 15.00
N GLY C 120 -37.68 4.63 14.55
CA GLY C 120 -37.71 4.95 13.11
C GLY C 120 -37.46 6.43 12.92
N GLY C 121 -37.80 6.98 11.76
CA GLY C 121 -37.69 8.43 11.54
C GLY C 121 -36.30 8.86 11.11
N ASN C 122 -35.51 7.96 10.54
CA ASN C 122 -34.20 8.38 9.99
C ASN C 122 -34.42 8.73 8.52
N PRO C 123 -34.46 10.01 8.15
CA PRO C 123 -34.78 10.40 6.78
C PRO C 123 -33.61 10.06 5.86
N GLN C 124 -32.48 9.66 6.44
CA GLN C 124 -31.28 9.31 5.65
C GLN C 124 -31.40 7.85 5.21
N ALA C 125 -32.41 7.16 5.73
CA ALA C 125 -32.68 5.76 5.33
C ALA C 125 -34.11 5.42 5.72
N PRO C 126 -35.11 5.92 4.99
CA PRO C 126 -36.48 5.60 5.30
C PRO C 126 -36.72 4.10 5.14
N GLY C 127 -37.69 3.55 5.87
CA GLY C 127 -38.02 2.11 5.73
C GLY C 127 -37.21 1.24 6.66
N SER C 128 -36.14 1.78 7.20
CA SER C 128 -35.29 1.03 8.14
C SER C 128 -35.78 1.30 9.55
N PHE C 129 -35.59 0.33 10.45
CA PHE C 129 -36.03 0.49 11.85
C PHE C 129 -34.98 -0.14 12.76
N LEU C 130 -34.81 0.40 13.96
CA LEU C 130 -33.88 -0.21 14.94
C LEU C 130 -34.71 -0.87 16.04
N LEU C 131 -34.26 -2.03 16.53
CA LEU C 131 -35.01 -2.77 17.59
C LEU C 131 -34.21 -2.74 18.89
N LEU C 132 -34.76 -2.11 19.93
CA LEU C 132 -34.09 -2.13 21.25
C LEU C 132 -34.84 -3.09 22.17
N THR C 133 -34.10 -3.90 22.93
CA THR C 133 -34.72 -4.87 23.86
C THR C 133 -34.70 -4.28 25.26
N PHE C 134 -35.74 -4.53 26.04
CA PHE C 134 -35.82 -3.93 27.40
C PHE C 134 -34.97 -4.76 28.37
N GLU C 135 -34.13 -4.08 29.15
CA GLU C 135 -33.32 -4.77 30.18
C GLU C 135 -33.78 -4.26 31.54
N PRO C 136 -34.62 -5.00 32.29
CA PRO C 136 -35.17 -4.51 33.54
C PRO C 136 -34.08 -4.03 34.50
N GLN C 137 -32.94 -4.71 34.48
CA GLN C 137 -31.82 -4.34 35.38
C GLN C 137 -31.39 -2.90 35.06
N LEU C 138 -31.82 -2.39 33.91
CA LEU C 138 -31.43 -1.02 33.51
C LEU C 138 -32.69 -0.17 33.42
N HIS C 139 -33.84 -0.81 33.56
CA HIS C 139 -35.13 -0.08 33.46
C HIS C 139 -35.05 0.80 32.22
N ALA C 140 -34.62 0.21 31.12
CA ALA C 140 -34.46 0.97 29.85
C ALA C 140 -34.40 0.01 28.68
N TRP C 141 -34.60 0.52 27.47
CA TRP C 141 -34.46 -0.32 26.26
C TRP C 141 -33.01 -0.20 25.80
N ALA C 142 -32.42 -1.30 25.33
CA ALA C 142 -31.00 -1.28 24.93
C ALA C 142 -30.85 -1.72 23.47
N PHE C 143 -29.82 -1.20 22.78
CA PHE C 143 -29.56 -1.63 21.39
C PHE C 143 -28.47 -2.69 21.40
N ASN C 144 -28.65 -3.73 20.59
CA ASN C 144 -27.67 -4.83 20.55
C ASN C 144 -27.26 -5.11 19.10
N GLY C 145 -27.85 -4.41 18.13
CA GLY C 145 -27.41 -4.56 16.72
C GLY C 145 -28.49 -4.99 15.75
N GLU C 146 -29.75 -5.01 16.19
CA GLU C 146 -30.82 -5.55 15.30
C GLU C 146 -31.48 -4.43 14.51
N ALA C 147 -31.60 -4.62 13.19
CA ALA C 147 -32.22 -3.61 12.33
C ALA C 147 -33.21 -4.27 11.38
N ILE C 148 -34.36 -3.62 11.16
CA ILE C 148 -35.40 -4.17 10.27
C ILE C 148 -35.49 -3.27 9.04
N VAL C 149 -35.40 -3.86 7.84
CA VAL C 149 -35.54 -3.07 6.59
C VAL C 149 -36.80 -3.57 5.88
N GLU C 150 -37.76 -2.67 5.68
CA GLU C 150 -39.01 -3.03 4.98
C GLU C 150 -38.75 -2.99 3.48
N MET C 151 -38.49 -4.15 2.88
CA MET C 151 -38.23 -4.21 1.42
C MET C 151 -39.13 -5.27 0.80
N PRO C 152 -39.84 -4.97 -0.30
CA PRO C 152 -40.64 -5.99 -0.98
C PRO C 152 -39.71 -7.12 -1.47
N ARG C 153 -40.17 -8.36 -1.41
CA ARG C 153 -39.33 -9.53 -1.80
C ARG C 153 -39.05 -9.47 -3.30
N VAL C 154 -39.98 -8.95 -4.09
CA VAL C 154 -39.74 -8.77 -5.55
C VAL C 154 -38.47 -7.95 -5.72
N ASP C 155 -38.27 -6.97 -4.86
CA ASP C 155 -37.10 -6.07 -4.99
C ASP C 155 -35.89 -6.76 -4.36
N ALA C 156 -36.15 -7.77 -3.51
CA ALA C 156 -35.06 -8.50 -2.83
C ALA C 156 -34.52 -9.55 -3.78
N ALA C 157 -35.24 -9.79 -4.87
CA ALA C 157 -34.72 -10.71 -5.90
C ALA C 157 -33.47 -10.08 -6.48
N ASP C 158 -33.51 -8.76 -6.69
CA ASP C 158 -32.32 -8.03 -7.19
C ASP C 158 -31.33 -7.90 -6.05
N GLU C 159 -30.25 -8.66 -6.11
CA GLU C 159 -29.24 -8.66 -5.03
C GLU C 159 -28.66 -7.25 -4.90
N THR C 160 -28.55 -6.53 -6.01
CA THR C 160 -27.99 -5.16 -5.99
C THR C 160 -28.82 -4.32 -5.04
N LYS C 161 -30.14 -4.46 -5.13
CA LYS C 161 -31.05 -3.63 -4.31
C LYS C 161 -30.87 -3.97 -2.82
N ILE C 162 -30.64 -5.24 -2.52
CA ILE C 162 -30.41 -5.65 -1.10
C ILE C 162 -29.22 -4.86 -0.59
N LYS C 163 -28.15 -4.84 -1.38
CA LYS C 163 -26.90 -4.18 -0.92
C LYS C 163 -27.15 -2.67 -0.81
N GLN C 164 -27.90 -2.11 -1.76
CA GLN C 164 -28.22 -0.67 -1.71
C GLN C 164 -28.97 -0.37 -0.40
N ARG C 165 -30.08 -1.06 -0.18
CA ARG C 165 -30.90 -0.83 1.02
C ARG C 165 -30.07 -1.02 2.28
N VAL C 166 -29.31 -2.11 2.40
CA VAL C 166 -28.59 -2.35 3.67
C VAL C 166 -27.53 -1.25 3.85
N GLN C 167 -26.98 -0.75 2.75
CA GLN C 167 -25.89 0.25 2.90
C GLN C 167 -26.52 1.59 3.30
N GLN C 168 -27.64 1.94 2.67
CA GLN C 168 -28.31 3.18 3.07
C GLN C 168 -28.48 3.12 4.57
N ALA C 169 -29.01 2.02 5.08
CA ALA C 169 -29.31 1.90 6.52
C ALA C 169 -28.02 1.98 7.33
N GLN C 170 -27.01 1.23 6.94
CA GLN C 170 -25.79 1.20 7.76
C GLN C 170 -25.28 2.63 7.90
N THR C 171 -25.26 3.38 6.81
CA THR C 171 -24.70 4.75 6.82
C THR C 171 -25.63 5.69 7.59
N ALA C 172 -26.92 5.39 7.62
CA ALA C 172 -27.88 6.32 8.24
C ALA C 172 -28.00 6.09 9.75
N TRP C 173 -27.74 4.87 10.22
CA TRP C 173 -27.97 4.58 11.64
C TRP C 173 -26.65 4.53 12.41
N GLN C 174 -25.58 4.09 11.77
CA GLN C 174 -24.30 3.92 12.49
C GLN C 174 -23.98 5.18 13.29
N PRO C 175 -24.10 6.41 12.74
CA PRO C 175 -23.72 7.60 13.50
C PRO C 175 -24.35 7.67 14.90
N LEU C 176 -25.57 7.14 15.06
CA LEU C 176 -26.29 7.22 16.35
C LEU C 176 -25.95 5.99 17.19
N LEU C 177 -24.91 5.24 16.81
CA LEU C 177 -24.63 3.97 17.51
C LEU C 177 -23.37 4.05 18.37
N SER C 178 -23.34 3.28 19.46
CA SER C 178 -22.19 3.31 20.39
C SER C 178 -21.94 1.89 20.93
N ALA C 181 -19.33 -2.26 16.19
CA ALA C 181 -20.62 -1.77 15.66
C ALA C 181 -21.19 -2.77 14.65
N PRO C 182 -21.35 -4.07 14.99
CA PRO C 182 -21.80 -5.05 14.03
C PRO C 182 -23.32 -4.94 13.91
N LEU C 183 -23.80 -4.38 12.81
CA LEU C 183 -25.26 -4.23 12.62
C LEU C 183 -25.78 -5.48 11.91
N THR C 184 -26.93 -6.00 12.33
CA THR C 184 -27.53 -7.16 11.63
C THR C 184 -28.88 -6.72 11.07
N PHE C 185 -29.07 -6.86 9.76
CA PHE C 185 -30.30 -6.35 9.12
C PHE C 185 -31.23 -7.51 8.77
N LYS C 186 -32.49 -7.41 9.19
CA LYS C 186 -33.49 -8.45 8.85
C LYS C 186 -34.46 -7.85 7.82
N LEU C 187 -34.53 -8.45 6.65
CA LEU C 187 -35.39 -7.90 5.57
C LEU C 187 -36.81 -8.41 5.74
N VAL C 188 -37.76 -7.49 5.84
CA VAL C 188 -39.18 -7.86 6.01
C VAL C 188 -39.99 -7.08 4.99
N GLU C 189 -41.22 -7.49 4.75
CA GLU C 189 -42.07 -6.80 3.76
C GLU C 189 -42.84 -5.73 4.52
N LYS C 190 -43.07 -5.96 5.81
CA LYS C 190 -43.80 -4.99 6.65
C LYS C 190 -43.35 -5.15 8.10
N LEU C 191 -43.23 -4.05 8.82
CA LEU C 191 -42.79 -4.12 10.24
C LEU C 191 -43.95 -4.64 11.07
N ALA C 192 -43.68 -5.66 11.89
CA ALA C 192 -44.72 -6.17 12.80
C ALA C 192 -44.71 -5.29 14.05
N ALA C 193 -45.36 -4.13 13.98
CA ALA C 193 -45.29 -3.18 15.11
C ALA C 193 -46.15 -3.64 16.28
N ASP C 194 -47.09 -4.55 16.04
CA ASP C 194 -48.04 -4.97 17.11
C ASP C 194 -47.63 -6.29 17.74
N ARG C 195 -46.48 -6.85 17.36
CA ARG C 195 -46.08 -8.18 17.88
C ARG C 195 -44.78 -8.06 18.68
N VAL C 196 -44.36 -9.17 19.28
CA VAL C 196 -43.15 -9.13 20.17
C VAL C 196 -41.91 -9.11 19.28
N ASP C 197 -41.94 -9.82 18.17
CA ASP C 197 -40.82 -9.75 17.20
C ASP C 197 -41.32 -8.94 16.00
N PRO C 198 -41.07 -7.63 15.96
CA PRO C 198 -41.50 -6.82 14.83
C PRO C 198 -40.84 -7.34 13.55
N ALA C 199 -39.89 -8.26 13.68
CA ALA C 199 -39.17 -8.83 12.52
C ALA C 199 -39.84 -10.14 12.10
N SER C 200 -40.95 -10.49 12.73
CA SER C 200 -41.69 -11.70 12.31
C SER C 200 -41.99 -11.58 10.81
N GLY C 201 -41.52 -12.54 10.02
CA GLY C 201 -41.76 -12.52 8.57
C GLY C 201 -40.50 -12.21 7.80
N SER C 202 -39.41 -11.94 8.52
CA SER C 202 -38.13 -11.67 7.84
C SER C 202 -37.89 -12.78 6.83
N TYR C 203 -37.52 -12.42 5.61
CA TYR C 203 -37.31 -13.42 4.55
C TYR C 203 -35.81 -13.58 4.31
N LEU C 204 -34.99 -12.79 4.99
CA LEU C 204 -33.57 -12.86 4.72
C LEU C 204 -32.85 -11.99 5.75
N SER C 205 -31.63 -12.38 6.09
CA SER C 205 -30.85 -11.69 7.09
C SER C 205 -29.48 -11.38 6.52
N VAL C 206 -29.06 -10.12 6.67
CA VAL C 206 -27.76 -9.67 6.22
C VAL C 206 -26.97 -9.25 7.45
N ASN C 207 -25.88 -9.95 7.73
CA ASN C 207 -25.05 -9.69 8.90
C ASN C 207 -23.82 -8.89 8.52
N GLY C 208 -23.51 -7.86 9.30
CA GLY C 208 -22.39 -6.99 9.05
C GLY C 208 -21.18 -7.34 9.89
N ALA C 209 -20.05 -6.76 9.53
CA ALA C 209 -18.80 -7.08 10.20
C ALA C 209 -18.32 -5.92 11.05
N THR C 210 -17.45 -6.25 12.00
CA THR C 210 -16.62 -5.29 12.70
C THR C 210 -15.21 -5.47 12.14
N HIS C 211 -14.61 -4.37 11.67
CA HIS C 211 -13.30 -4.46 11.08
C HIS C 211 -12.27 -4.57 12.19
N LEU C 212 -11.48 -5.64 12.16
CA LEU C 212 -10.37 -5.81 13.07
C LEU C 212 -9.07 -5.43 12.39
N GLU C 213 -8.18 -4.80 13.16
CA GLU C 213 -6.83 -4.54 12.71
C GLU C 213 -6.00 -4.26 13.96
N GLY C 214 -5.05 -5.14 14.24
CA GLY C 214 -4.15 -4.93 15.36
C GLY C 214 -3.25 -6.12 15.57
N SER C 215 -2.80 -6.29 16.81
CA SER C 215 -1.83 -7.31 17.19
C SER C 215 -2.43 -8.17 18.30
N GLU C 216 -2.54 -9.48 18.03
CA GLU C 216 -3.07 -10.44 18.99
C GLU C 216 -1.93 -11.13 19.74
N PHE C 217 -2.11 -11.27 21.06
CA PHE C 217 -1.16 -11.95 21.94
C PHE C 217 -1.82 -13.15 22.59
N LYS C 218 -1.14 -14.30 22.53
CA LYS C 218 -1.62 -15.59 23.02
C LYS C 218 -0.43 -16.31 23.62
N LEU C 219 -0.48 -16.55 24.92
CA LEU C 219 0.67 -17.13 25.59
C LEU C 219 0.71 -18.62 25.26
N VAL C 220 1.88 -19.09 24.78
CA VAL C 220 2.13 -20.48 24.39
C VAL C 220 1.60 -21.51 25.41
N LYS D 9 -46.86 30.83 9.79
CA LYS D 9 -46.54 29.39 9.93
C LYS D 9 -46.94 28.66 8.65
N LEU D 10 -47.85 29.25 7.88
CA LEU D 10 -48.35 28.59 6.65
C LEU D 10 -47.74 29.28 5.43
N VAL D 11 -46.74 30.14 5.66
CA VAL D 11 -46.10 30.88 4.54
C VAL D 11 -44.98 30.03 3.96
N ILE D 12 -45.11 29.66 2.68
CA ILE D 12 -44.05 28.86 2.01
C ILE D 12 -43.22 29.80 1.14
N HIS D 13 -41.94 29.93 1.45
CA HIS D 13 -41.06 30.82 0.67
C HIS D 13 -40.25 29.96 -0.31
N MET D 14 -40.68 29.91 -1.57
CA MET D 14 -40.04 29.03 -2.57
C MET D 14 -38.82 29.71 -3.16
N PRO D 15 -37.65 29.03 -3.22
CA PRO D 15 -36.48 29.60 -3.87
C PRO D 15 -36.91 30.09 -5.25
N ALA D 16 -36.46 31.27 -5.65
CA ALA D 16 -36.89 31.85 -6.93
C ALA D 16 -36.24 31.14 -8.10
N ALA D 17 -36.80 31.32 -9.29
CA ALA D 17 -36.28 30.59 -10.46
C ALA D 17 -35.12 31.32 -11.10
N VAL D 18 -34.21 30.58 -11.70
CA VAL D 18 -33.08 31.17 -12.41
C VAL D 18 -33.08 30.66 -13.85
N ALA D 19 -32.91 31.56 -14.80
CA ALA D 19 -32.87 31.16 -16.20
C ALA D 19 -31.53 30.50 -16.48
N VAL D 20 -31.56 29.46 -17.31
CA VAL D 20 -30.35 28.75 -17.68
C VAL D 20 -29.68 29.49 -18.85
N THR D 21 -28.49 30.03 -18.60
CA THR D 21 -27.81 30.90 -19.53
C THR D 21 -26.52 30.35 -20.13
N SER D 22 -26.14 29.10 -19.81
CA SER D 22 -24.84 28.72 -20.38
C SER D 22 -25.05 28.25 -21.82
N PRO D 23 -24.11 28.56 -22.70
CA PRO D 23 -24.22 28.10 -24.09
C PRO D 23 -23.89 26.62 -24.19
N GLN D 24 -24.20 26.05 -25.35
CA GLN D 24 -23.91 24.63 -25.52
C GLN D 24 -22.41 24.42 -25.48
N ALA D 25 -22.00 23.31 -24.89
CA ALA D 25 -20.58 23.03 -24.69
C ALA D 25 -19.96 22.41 -25.95
N ASP D 26 -18.62 22.43 -25.99
CA ASP D 26 -17.90 21.95 -27.17
C ASP D 26 -18.33 20.53 -27.52
N SER D 27 -18.69 20.35 -28.79
CA SER D 27 -19.12 19.07 -29.31
C SER D 27 -17.95 18.13 -29.56
N ALA D 28 -16.72 18.63 -29.49
CA ALA D 28 -15.56 17.92 -30.03
C ALA D 28 -15.32 16.62 -29.27
N PRO D 29 -15.03 15.53 -29.97
CA PRO D 29 -14.70 14.27 -29.28
C PRO D 29 -13.29 14.29 -28.73
N ALA D 30 -13.05 13.45 -27.74
CA ALA D 30 -11.72 13.37 -27.17
C ALA D 30 -10.83 12.60 -28.11
N GLN D 31 -9.54 12.73 -27.87
CA GLN D 31 -8.53 11.99 -28.60
C GLN D 31 -8.25 10.67 -27.90
N ARG D 32 -8.04 9.63 -28.71
CA ARG D 32 -7.68 8.30 -28.23
C ARG D 32 -6.17 8.20 -28.10
N PHE D 33 -5.74 7.41 -27.12
CA PHE D 33 -4.34 7.20 -26.81
C PHE D 33 -4.14 5.70 -26.64
N SER D 34 -3.41 5.11 -27.59
CA SER D 34 -3.31 3.67 -27.75
C SER D 34 -2.22 3.15 -26.81
N LEU D 35 -2.54 2.13 -26.02
CA LEU D 35 -1.55 1.49 -25.16
C LEU D 35 -0.98 0.26 -25.86
N PRO D 36 0.22 -0.20 -25.49
CA PRO D 36 0.79 -1.40 -26.14
C PRO D 36 -0.12 -2.62 -26.15
N GLN D 37 -0.77 -2.89 -25.03
CA GLN D 37 -1.60 -4.13 -24.94
C GLN D 37 -2.85 -3.96 -25.79
N GLY D 38 -3.17 -2.73 -26.21
CA GLY D 38 -4.30 -2.53 -27.13
C GLY D 38 -5.36 -1.60 -26.60
N CYS D 39 -5.42 -1.40 -25.29
CA CYS D 39 -6.49 -0.57 -24.68
C CYS D 39 -6.27 0.89 -25.07
N HIS D 40 -7.34 1.68 -25.08
CA HIS D 40 -7.24 3.13 -25.40
C HIS D 40 -7.59 3.95 -24.18
N PHE D 41 -7.02 5.15 -24.08
CA PHE D 41 -7.42 6.10 -23.01
C PHE D 41 -7.89 7.35 -23.74
N ARG D 42 -8.95 8.01 -23.25
CA ARG D 42 -9.52 9.16 -24.00
C ARG D 42 -9.41 10.45 -23.19
N THR D 43 -8.72 11.44 -23.73
CA THR D 43 -8.58 12.75 -23.05
C THR D 43 -8.46 13.85 -24.11
N PHE D 44 -8.18 15.06 -23.67
CA PHE D 44 -8.08 16.21 -24.61
C PHE D 44 -6.64 16.73 -24.57
N TRP D 45 -6.17 17.26 -25.71
CA TRP D 45 -4.78 17.78 -25.79
C TRP D 45 -4.70 18.87 -26.85
N ARG D 46 -5.31 20.03 -26.62
CA ARG D 46 -5.16 21.15 -27.58
C ARG D 46 -3.68 21.53 -27.55
N ASP D 47 -2.93 21.20 -28.59
CA ASP D 47 -1.44 21.41 -28.54
C ASP D 47 -1.04 22.82 -28.95
N GLU D 48 -0.21 23.46 -28.12
CA GLU D 48 0.31 24.80 -28.46
C GLU D 48 1.83 24.65 -28.60
N ALA D 49 2.26 23.52 -29.16
CA ALA D 49 3.72 23.24 -29.33
C ALA D 49 4.41 23.34 -27.96
N ASN D 50 3.62 23.36 -26.89
CA ASN D 50 4.21 23.40 -25.53
C ASN D 50 5.31 22.34 -25.47
N GLY D 51 5.07 21.17 -26.06
CA GLY D 51 6.05 20.08 -25.98
C GLY D 51 5.87 19.28 -24.70
N GLY D 52 4.65 18.75 -24.48
CA GLY D 52 4.36 18.03 -23.23
C GLY D 52 4.48 16.54 -23.35
N SER D 53 4.77 15.86 -22.25
CA SER D 53 4.88 14.38 -22.24
C SER D 53 3.82 13.78 -21.31
N LEU D 54 3.36 12.58 -21.62
CA LEU D 54 2.37 11.88 -20.75
C LEU D 54 2.84 10.44 -20.59
N PHE D 55 3.30 10.07 -19.40
CA PHE D 55 3.85 8.72 -19.18
C PHE D 55 2.90 7.83 -18.40
N ILE D 56 2.46 6.72 -19.00
CA ILE D 56 1.62 5.73 -18.28
C ILE D 56 2.57 4.64 -17.79
N PRO D 57 2.97 4.65 -16.51
CA PRO D 57 3.93 3.69 -16.01
C PRO D 57 3.39 2.26 -16.12
N ALA D 58 4.28 1.29 -16.24
CA ALA D 58 3.86 -0.12 -16.33
C ALA D 58 3.75 -0.67 -14.91
N GLY D 59 2.85 -1.64 -14.70
CA GLY D 59 2.64 -2.16 -13.35
C GLY D 59 1.22 -2.67 -13.19
N ASP D 60 0.87 -3.13 -11.99
CA ASP D 60 -0.48 -3.71 -11.76
C ASP D 60 -1.48 -2.58 -11.58
N ALA D 61 -0.99 -1.39 -11.24
CA ALA D 61 -1.88 -0.23 -10.98
C ALA D 61 -2.84 -0.04 -12.14
N LEU D 62 -2.33 0.26 -13.33
CA LEU D 62 -3.19 0.51 -14.51
C LEU D 62 -3.07 -0.68 -15.47
N ARG D 63 -4.20 -1.13 -16.00
CA ARG D 63 -4.19 -2.32 -16.88
C ARG D 63 -5.17 -2.13 -18.03
N CYS D 64 -5.04 -2.95 -19.07
CA CYS D 64 -5.99 -2.86 -20.20
C CYS D 64 -7.12 -3.85 -19.94
N GLY D 65 -8.36 -3.46 -20.23
CA GLY D 65 -9.49 -4.34 -19.91
C GLY D 65 -10.28 -4.77 -21.11
N GLU D 66 -11.28 -5.61 -20.89
CA GLU D 66 -12.10 -6.15 -21.99
C GLU D 66 -12.85 -5.01 -22.69
N ASP D 67 -13.45 -4.11 -21.93
CA ASP D 67 -14.16 -2.94 -22.50
C ASP D 67 -13.27 -2.27 -23.54
N GLY D 68 -11.96 -2.47 -23.46
CA GLY D 68 -11.05 -1.81 -24.35
C GLY D 68 -10.46 -0.51 -23.87
N TRP D 69 -10.65 -0.15 -22.60
CA TRP D 69 -10.14 1.10 -22.02
C TRP D 69 -9.10 0.79 -20.97
N LEU D 70 -8.23 1.76 -20.75
CA LEU D 70 -7.33 1.68 -19.60
C LEU D 70 -8.14 1.68 -18.30
N GLN D 71 -7.67 0.88 -17.33
CA GLN D 71 -8.40 0.72 -16.08
C GLN D 71 -7.42 0.80 -14.90
N GLY D 72 -7.96 1.18 -13.76
CA GLY D 72 -7.22 1.26 -12.53
C GLY D 72 -6.96 2.70 -12.11
N SER D 73 -6.12 2.83 -11.10
CA SER D 73 -5.81 4.11 -10.51
C SER D 73 -4.32 4.08 -10.26
N GLY D 74 -3.57 4.94 -10.96
CA GLY D 74 -2.14 4.95 -10.76
C GLY D 74 -1.53 6.32 -10.99
N ALA D 75 -0.25 6.42 -10.68
CA ALA D 75 0.45 7.70 -10.80
C ALA D 75 0.85 7.90 -12.26
N VAL D 76 0.35 8.97 -12.85
CA VAL D 76 0.70 9.34 -14.21
C VAL D 76 1.71 10.48 -14.17
N THR D 77 2.72 10.45 -15.04
CA THR D 77 3.75 11.50 -15.02
C THR D 77 3.58 12.43 -16.22
N LEU D 78 3.29 13.70 -15.94
CA LEU D 78 3.14 14.73 -16.96
C LEU D 78 4.36 15.66 -16.90
N GLN D 79 4.89 15.98 -18.07
CA GLN D 79 6.15 16.67 -18.27
C GLN D 79 5.91 17.82 -19.25
N GLN D 80 6.20 19.06 -18.84
CA GLN D 80 5.96 20.15 -19.79
C GLN D 80 6.83 21.32 -19.38
N GLY D 81 7.60 21.84 -20.33
CA GLY D 81 8.37 23.05 -20.10
C GLY D 81 9.22 22.98 -18.85
N GLY D 82 9.86 21.84 -18.61
CA GLY D 82 10.76 21.73 -17.50
C GLY D 82 10.12 21.31 -16.21
N GLN D 83 8.81 21.50 -16.05
CA GLN D 83 8.20 21.13 -14.78
C GLN D 83 7.42 19.83 -14.92
N THR D 84 7.40 19.07 -13.82
CA THR D 84 6.89 17.70 -13.76
C THR D 84 5.79 17.60 -12.70
N LEU D 85 4.63 17.08 -13.09
CA LEU D 85 3.56 16.72 -12.16
C LEU D 85 3.25 15.24 -12.26
N SER D 86 3.01 14.61 -11.12
CA SER D 86 2.64 13.18 -11.10
C SER D 86 1.36 13.00 -10.28
N PRO D 87 0.23 13.48 -10.80
CA PRO D 87 -1.05 13.23 -10.14
C PRO D 87 -1.41 11.78 -10.32
N THR D 88 -1.99 11.16 -9.29
CA THR D 88 -2.52 9.83 -9.48
C THR D 88 -3.94 9.97 -10.03
N LEU D 89 -4.17 9.39 -11.20
CA LEU D 89 -5.44 9.44 -11.91
C LEU D 89 -6.14 8.08 -11.87
N TRP D 90 -7.45 8.13 -11.90
CA TRP D 90 -8.31 6.97 -11.90
C TRP D 90 -9.04 6.94 -13.23
N PHE D 91 -9.11 5.80 -13.88
CA PHE D 91 -9.63 5.76 -15.23
C PHE D 91 -11.02 5.14 -15.22
N LEU D 92 -12.01 5.91 -15.63
CA LEU D 92 -13.38 5.43 -15.76
C LEU D 92 -13.86 5.66 -17.18
N GLN D 93 -14.33 4.60 -17.84
CA GLN D 93 -14.77 4.69 -19.24
C GLN D 93 -13.62 5.14 -20.14
N GLY D 94 -12.38 4.85 -19.73
CA GLY D 94 -11.26 5.30 -20.50
C GLY D 94 -10.86 6.74 -20.26
N TYR D 95 -11.63 7.49 -19.38
CA TYR D 95 -11.36 8.89 -19.05
C TYR D 95 -10.44 8.98 -17.84
N PRO D 96 -9.39 9.80 -17.90
CA PRO D 96 -8.56 10.03 -16.71
C PRO D 96 -9.21 11.07 -15.80
N LEU D 97 -9.51 10.65 -14.58
CA LEU D 97 -10.15 11.52 -13.61
C LEU D 97 -9.27 11.68 -12.39
N ALA D 98 -9.17 12.90 -11.87
CA ALA D 98 -8.32 13.18 -10.74
C ALA D 98 -9.10 13.63 -9.52
N GLN D 99 -8.54 13.40 -8.33
CA GLN D 99 -9.18 13.77 -7.05
C GLN D 99 -10.46 13.05 -6.70
N VAL D 100 -10.77 11.99 -7.44
CA VAL D 100 -11.93 11.16 -7.17
C VAL D 100 -11.53 9.74 -7.56
N ASN D 101 -11.89 8.75 -6.77
CA ASN D 101 -11.62 7.36 -7.10
C ASN D 101 -12.78 6.54 -6.62
N GLY D 102 -13.53 6.00 -7.55
CA GLY D 102 -14.65 5.17 -7.20
C GLY D 102 -14.39 3.72 -7.45
N GLY D 103 -13.16 3.37 -7.79
CA GLY D 103 -12.79 1.99 -8.00
C GLY D 103 -13.72 1.33 -8.96
N ASP D 104 -14.49 0.36 -8.46
CA ASP D 104 -15.37 -0.39 -9.33
C ASP D 104 -16.84 0.02 -9.29
N ARG D 105 -17.20 0.93 -8.39
CA ARG D 105 -18.57 1.41 -8.37
C ARG D 105 -18.88 1.89 -9.75
N ALA D 106 -19.98 1.40 -10.30
CA ALA D 106 -20.31 1.76 -11.66
C ALA D 106 -20.92 3.12 -11.73
N LEU D 107 -20.10 4.11 -12.00
CA LEU D 107 -20.60 5.44 -12.08
C LEU D 107 -20.85 5.70 -13.54
N THR D 108 -21.76 6.60 -13.84
CA THR D 108 -21.98 6.94 -15.22
C THR D 108 -21.39 8.27 -15.61
N VAL D 109 -20.66 8.28 -16.73
CA VAL D 109 -20.14 9.54 -17.24
C VAL D 109 -21.31 10.20 -17.97
N VAL D 110 -21.90 11.21 -17.33
CA VAL D 110 -23.11 11.79 -17.85
C VAL D 110 -22.79 12.61 -19.09
N SER D 111 -21.63 13.31 -19.06
CA SER D 111 -21.12 14.16 -20.13
C SER D 111 -19.61 14.33 -19.97
N ALA D 112 -18.90 14.31 -21.09
CA ALA D 112 -17.45 14.50 -21.08
C ALA D 112 -17.07 15.30 -22.31
N ASN D 113 -16.34 16.38 -22.09
CA ASN D 113 -15.90 17.23 -23.18
C ASN D 113 -14.67 17.99 -22.69
N ALA D 114 -14.16 18.89 -23.54
CA ALA D 114 -12.89 19.57 -23.31
C ALA D 114 -12.93 20.54 -22.14
N GLN D 115 -14.13 20.90 -21.67
CA GLN D 115 -14.34 21.88 -20.61
C GLN D 115 -14.63 21.25 -19.26
N ARG D 116 -15.54 20.26 -19.19
CA ARG D 116 -15.92 19.65 -17.92
C ARG D 116 -16.47 18.25 -18.15
N LEU D 117 -16.49 17.45 -17.07
CA LEU D 117 -17.06 16.11 -17.03
C LEU D 117 -18.03 15.98 -15.86
N ILE D 118 -19.13 15.26 -16.08
CA ILE D 118 -20.18 15.03 -15.10
C ILE D 118 -20.20 13.57 -14.68
N LEU D 119 -20.10 13.34 -13.37
CA LEU D 119 -20.20 11.97 -12.82
C LEU D 119 -21.60 11.78 -12.27
N GLY D 120 -22.29 10.73 -12.70
CA GLY D 120 -23.63 10.43 -12.23
C GLY D 120 -23.81 8.99 -11.76
N GLY D 121 -25.06 8.54 -11.67
CA GLY D 121 -25.37 7.16 -11.35
C GLY D 121 -24.77 6.62 -10.07
N ASN D 122 -24.72 7.44 -9.01
CA ASN D 122 -24.39 6.93 -7.68
C ASN D 122 -25.66 6.40 -7.03
N PRO D 123 -25.81 5.07 -6.85
CA PRO D 123 -27.06 4.53 -6.30
C PRO D 123 -27.37 5.02 -4.90
N GLN D 124 -26.36 5.35 -4.11
CA GLN D 124 -26.53 5.81 -2.74
C GLN D 124 -27.10 7.22 -2.65
N ALA D 125 -27.22 7.94 -3.79
CA ALA D 125 -27.81 9.27 -3.88
C ALA D 125 -28.19 9.62 -5.31
N PRO D 126 -29.26 9.06 -5.87
CA PRO D 126 -29.64 9.45 -7.24
C PRO D 126 -30.07 10.90 -7.33
N GLY D 127 -30.07 11.40 -8.56
CA GLY D 127 -30.32 12.80 -8.80
C GLY D 127 -29.21 13.76 -8.45
N SER D 128 -28.09 13.27 -7.88
CA SER D 128 -26.93 14.10 -7.59
C SER D 128 -25.75 13.75 -8.52
N PHE D 129 -24.89 14.73 -8.76
CA PHE D 129 -23.83 14.64 -9.76
C PHE D 129 -22.55 15.33 -9.26
N LEU D 130 -21.41 14.82 -9.70
CA LEU D 130 -20.15 15.51 -9.46
C LEU D 130 -19.74 16.25 -10.72
N LEU D 131 -19.15 17.43 -10.55
CA LEU D 131 -18.66 18.22 -11.65
C LEU D 131 -17.15 18.28 -11.54
N LEU D 132 -16.47 17.91 -12.63
CA LEU D 132 -15.02 17.90 -12.74
C LEU D 132 -14.64 18.85 -13.85
N THR D 133 -13.67 19.71 -13.60
CA THR D 133 -13.21 20.63 -14.64
C THR D 133 -11.95 20.09 -15.29
N PHE D 134 -11.87 20.22 -16.62
CA PHE D 134 -10.70 19.73 -17.32
C PHE D 134 -9.50 20.61 -17.02
N GLU D 135 -8.36 19.97 -16.71
CA GLU D 135 -7.12 20.65 -16.41
C GLU D 135 -6.10 20.34 -17.49
N PRO D 136 -5.82 21.26 -18.41
CA PRO D 136 -4.88 20.93 -19.49
C PRO D 136 -3.49 20.57 -19.00
N GLN D 137 -3.03 21.14 -17.87
CA GLN D 137 -1.73 20.74 -17.34
C GLN D 137 -1.72 19.27 -16.91
N LEU D 138 -2.89 18.70 -16.65
CA LEU D 138 -3.02 17.30 -16.25
C LEU D 138 -3.53 16.39 -17.37
N HIS D 139 -4.07 16.97 -18.44
CA HIS D 139 -4.77 16.21 -19.49
C HIS D 139 -5.81 15.27 -18.89
N ALA D 140 -6.45 15.74 -17.83
CA ALA D 140 -7.41 14.95 -17.07
C ALA D 140 -8.44 15.91 -16.51
N TRP D 141 -9.59 15.37 -16.16
CA TRP D 141 -10.56 16.17 -15.43
C TRP D 141 -10.29 16.00 -13.94
N ALA D 142 -10.43 17.09 -13.20
CA ALA D 142 -10.14 17.08 -11.78
C ALA D 142 -11.38 17.51 -11.00
N PHE D 143 -11.55 16.91 -9.82
CA PHE D 143 -12.66 17.24 -8.93
C PHE D 143 -12.25 18.30 -7.90
N ASN D 144 -13.10 19.30 -7.71
CA ASN D 144 -12.73 20.39 -6.83
C ASN D 144 -13.80 20.76 -5.81
N GLY D 145 -14.90 20.02 -5.77
CA GLY D 145 -15.89 20.24 -4.73
C GLY D 145 -17.29 20.43 -5.23
N GLU D 146 -17.47 20.64 -6.53
CA GLU D 146 -18.81 20.95 -7.02
C GLU D 146 -19.65 19.70 -7.18
N ALA D 147 -20.81 19.71 -6.58
CA ALA D 147 -21.80 18.68 -6.76
C ALA D 147 -23.10 19.36 -7.16
N ILE D 148 -23.81 18.75 -8.09
CA ILE D 148 -25.09 19.25 -8.59
C ILE D 148 -26.17 18.37 -7.98
N VAL D 149 -27.26 18.98 -7.53
CA VAL D 149 -28.36 18.22 -6.96
C VAL D 149 -29.65 18.62 -7.65
N GLU D 150 -30.33 17.65 -8.22
CA GLU D 150 -31.60 17.90 -8.91
C GLU D 150 -32.75 17.90 -7.90
N MET D 151 -33.40 19.05 -7.76
CA MET D 151 -34.49 19.12 -6.81
C MET D 151 -35.50 20.09 -7.41
N PRO D 152 -36.78 19.75 -7.40
CA PRO D 152 -37.78 20.76 -7.78
C PRO D 152 -37.80 21.86 -6.72
N ARG D 153 -37.98 23.10 -7.19
CA ARG D 153 -37.97 24.25 -6.30
C ARG D 153 -39.07 24.15 -5.26
N VAL D 154 -40.19 23.54 -5.66
CA VAL D 154 -41.33 23.40 -4.75
C VAL D 154 -40.88 22.72 -3.48
N ASP D 155 -40.07 21.67 -3.62
CA ASP D 155 -39.59 20.92 -2.42
C ASP D 155 -38.48 21.70 -1.70
N ALA D 156 -37.88 22.69 -2.36
CA ALA D 156 -36.70 23.38 -1.76
C ALA D 156 -37.16 24.43 -0.75
N ALA D 157 -38.46 24.73 -0.73
CA ALA D 157 -38.98 25.65 0.30
C ALA D 157 -38.88 24.93 1.64
N ASP D 158 -39.14 23.62 1.64
CA ASP D 158 -38.98 22.82 2.89
C ASP D 158 -37.50 22.73 3.22
N GLU D 159 -37.06 23.45 4.24
CA GLU D 159 -35.63 23.48 4.59
C GLU D 159 -35.15 22.09 4.96
N THR D 160 -36.06 21.21 5.37
CA THR D 160 -35.67 19.85 5.80
C THR D 160 -35.29 19.04 4.59
N LYS D 161 -36.06 19.17 3.51
CA LYS D 161 -35.79 18.40 2.27
C LYS D 161 -34.42 18.81 1.73
N ILE D 162 -34.04 20.08 1.85
CA ILE D 162 -32.69 20.51 1.42
C ILE D 162 -31.68 19.80 2.33
N LYS D 163 -31.92 19.85 3.63
CA LYS D 163 -30.95 19.26 4.59
C LYS D 163 -30.86 17.75 4.39
N GLN D 164 -31.90 17.11 3.86
CA GLN D 164 -31.85 15.69 3.71
C GLN D 164 -31.12 15.41 2.45
N ARG D 165 -31.53 16.05 1.38
CA ARG D 165 -30.93 15.76 0.11
C ARG D 165 -29.44 16.04 0.06
N VAL D 166 -28.97 17.03 0.79
CA VAL D 166 -27.58 17.36 0.74
C VAL D 166 -26.78 16.47 1.64
N GLN D 167 -27.41 15.93 2.65
CA GLN D 167 -26.70 15.09 3.58
C GLN D 167 -26.66 13.76 2.95
N GLN D 168 -27.71 13.41 2.24
CA GLN D 168 -27.61 12.15 1.52
C GLN D 168 -26.48 12.20 0.49
N ALA D 169 -26.46 13.25 -0.35
CA ALA D 169 -25.41 13.41 -1.35
C ALA D 169 -24.04 13.47 -0.71
N GLN D 170 -23.95 14.04 0.48
CA GLN D 170 -22.66 14.14 1.14
C GLN D 170 -22.16 12.75 1.51
N THR D 171 -23.04 11.91 2.09
CA THR D 171 -22.54 10.59 2.49
C THR D 171 -22.35 9.66 1.28
N ALA D 172 -23.08 9.89 0.20
CA ALA D 172 -22.95 9.03 -0.98
C ALA D 172 -21.70 9.36 -1.78
N TRP D 173 -21.17 10.56 -1.70
CA TRP D 173 -20.04 10.87 -2.59
C TRP D 173 -18.72 10.94 -1.83
N GLN D 174 -18.74 11.37 -0.57
CA GLN D 174 -17.48 11.57 0.18
C GLN D 174 -16.54 10.37 0.04
N PRO D 175 -16.97 9.11 0.23
CA PRO D 175 -16.05 7.94 0.19
C PRO D 175 -15.19 7.95 -1.06
N LEU D 176 -15.75 8.35 -2.21
CA LEU D 176 -15.02 8.32 -3.49
C LEU D 176 -14.02 9.48 -3.54
N LEU D 177 -14.16 10.44 -2.64
CA LEU D 177 -13.31 11.65 -2.66
C LEU D 177 -12.13 11.48 -1.72
N SER D 178 -11.27 12.49 -1.63
CA SER D 178 -10.04 12.38 -0.82
C SER D 178 -10.14 13.28 0.42
N ALA D 181 -10.65 20.27 0.01
CA ALA D 181 -11.92 20.98 0.01
C ALA D 181 -13.07 20.17 0.68
N PRO D 182 -14.10 20.88 1.18
CA PRO D 182 -15.37 20.19 1.47
C PRO D 182 -16.27 20.28 0.26
N LEU D 183 -17.44 19.65 0.29
CA LEU D 183 -18.29 19.69 -0.88
C LEU D 183 -19.08 21.00 -0.94
N THR D 184 -19.48 21.34 -2.15
CA THR D 184 -20.32 22.50 -2.41
C THR D 184 -21.45 22.04 -3.32
N PHE D 185 -22.68 22.19 -2.87
CA PHE D 185 -23.83 21.67 -3.59
C PHE D 185 -24.56 22.81 -4.26
N LYS D 186 -24.88 22.66 -5.55
CA LYS D 186 -25.75 23.61 -6.24
C LYS D 186 -27.04 22.90 -6.59
N LEU D 187 -28.16 23.40 -6.06
CA LEU D 187 -29.46 22.82 -6.38
C LEU D 187 -29.94 23.40 -7.71
N VAL D 188 -30.41 22.53 -8.58
CA VAL D 188 -30.87 22.94 -9.89
C VAL D 188 -32.06 22.04 -10.07
N GLU D 189 -32.91 22.36 -11.02
CA GLU D 189 -34.10 21.57 -11.22
C GLU D 189 -33.79 20.47 -12.16
N LYS D 190 -32.99 20.77 -13.17
CA LYS D 190 -32.61 19.78 -14.16
C LYS D 190 -31.17 20.07 -14.52
N LEU D 191 -30.35 19.06 -14.59
CA LEU D 191 -28.96 19.25 -14.89
C LEU D 191 -28.87 19.58 -16.34
N ALA D 192 -28.03 20.54 -16.67
CA ALA D 192 -27.84 20.90 -18.05
C ALA D 192 -26.66 20.18 -18.59
N ALA D 193 -26.81 18.89 -18.80
CA ALA D 193 -25.70 18.09 -19.25
C ALA D 193 -25.16 18.49 -20.58
N ASP D 194 -25.92 19.24 -21.34
CA ASP D 194 -25.49 19.65 -22.69
C ASP D 194 -24.76 20.99 -22.75
N ARG D 195 -24.64 21.73 -21.65
CA ARG D 195 -24.14 23.10 -21.66
C ARG D 195 -22.83 23.20 -20.89
N VAL D 196 -22.19 24.36 -20.98
CA VAL D 196 -20.85 24.49 -20.41
C VAL D 196 -20.92 24.36 -18.91
N ASP D 197 -21.89 25.02 -18.28
CA ASP D 197 -22.14 24.92 -16.85
C ASP D 197 -23.40 24.09 -16.63
N PRO D 198 -23.28 22.80 -16.32
CA PRO D 198 -24.47 21.99 -16.07
C PRO D 198 -25.30 22.48 -14.90
N ALA D 199 -24.72 23.31 -14.03
CA ALA D 199 -25.39 23.97 -12.91
C ALA D 199 -26.09 25.26 -13.32
N SER D 200 -25.99 25.65 -14.59
CA SER D 200 -26.64 26.87 -15.03
C SER D 200 -28.12 26.79 -14.72
N GLY D 201 -28.67 27.81 -14.09
CA GLY D 201 -30.01 27.69 -13.59
C GLY D 201 -30.12 27.23 -12.16
N SER D 202 -29.00 27.00 -11.48
CA SER D 202 -29.07 26.70 -10.06
C SER D 202 -29.77 27.82 -9.32
N TYR D 203 -30.64 27.45 -8.37
CA TYR D 203 -31.41 28.43 -7.62
C TYR D 203 -30.94 28.53 -6.18
N LEU D 204 -29.97 27.72 -5.75
CA LEU D 204 -29.48 27.81 -4.38
C LEU D 204 -28.19 27.02 -4.25
N SER D 205 -27.30 27.48 -3.37
CA SER D 205 -26.03 26.81 -3.14
C SER D 205 -25.83 26.59 -1.66
N VAL D 206 -25.46 25.36 -1.29
CA VAL D 206 -25.16 24.97 0.09
C VAL D 206 -23.70 24.61 0.18
N ASN D 207 -22.95 25.33 1.00
CA ASN D 207 -21.53 25.08 1.19
C ASN D 207 -21.30 24.29 2.47
N GLY D 208 -20.41 23.31 2.40
CA GLY D 208 -20.13 22.47 3.54
C GLY D 208 -18.88 22.92 4.28
N ALA D 209 -18.70 22.35 5.47
CA ALA D 209 -17.62 22.76 6.35
C ALA D 209 -16.53 21.70 6.40
N THR D 210 -15.32 22.17 6.71
CA THR D 210 -14.20 21.32 7.07
C THR D 210 -13.99 21.51 8.57
N HIS D 211 -14.03 20.41 9.32
CA HIS D 211 -13.93 20.50 10.77
C HIS D 211 -12.47 20.67 11.20
N LEU D 212 -12.18 21.75 11.92
CA LEU D 212 -10.86 21.96 12.49
C LEU D 212 -10.85 21.63 13.98
N GLU D 213 -9.75 21.04 14.43
CA GLU D 213 -9.51 20.82 15.84
C GLU D 213 -8.02 20.60 16.00
N GLY D 214 -7.36 21.54 16.65
CA GLY D 214 -5.96 21.42 16.92
C GLY D 214 -5.40 22.64 17.56
N SER D 215 -4.10 22.82 17.48
CA SER D 215 -3.47 23.94 18.09
C SER D 215 -2.77 24.80 17.07
N GLU D 216 -3.04 26.10 17.11
CA GLU D 216 -2.40 27.02 16.18
C GLU D 216 -1.27 27.80 16.78
N PHE D 217 -0.22 27.98 15.99
CA PHE D 217 0.97 28.74 16.46
C PHE D 217 1.17 29.92 15.52
N LYS D 218 1.47 31.08 16.10
CA LYS D 218 1.63 32.31 15.29
C LYS D 218 2.71 33.19 15.89
N LEU D 219 3.96 32.99 15.49
CA LEU D 219 5.07 33.85 15.98
C LEU D 219 4.57 35.29 15.99
N VAL D 220 4.47 35.89 17.18
CA VAL D 220 4.00 37.31 17.31
C VAL D 220 4.17 38.05 15.98
N LEU E 10 27.33 6.02 32.13
CA LEU E 10 26.10 6.66 32.57
C LEU E 10 25.43 5.81 33.63
N VAL E 11 24.22 5.34 33.34
CA VAL E 11 23.52 4.47 34.28
C VAL E 11 22.86 3.38 33.47
N ILE E 12 22.60 2.23 34.11
CA ILE E 12 22.01 1.11 33.41
C ILE E 12 21.13 0.36 34.41
N HIS E 13 20.07 -0.27 33.94
CA HIS E 13 19.14 -0.98 34.83
C HIS E 13 19.06 -2.44 34.47
N MET E 14 19.96 -3.23 35.03
CA MET E 14 20.02 -4.64 34.69
C MET E 14 18.86 -5.46 35.16
N PRO E 15 18.39 -6.38 34.33
CA PRO E 15 17.36 -7.29 34.81
C PRO E 15 17.90 -8.17 35.91
N ALA E 16 17.06 -8.56 36.85
CA ALA E 16 17.53 -9.33 38.00
C ALA E 16 17.81 -10.79 37.71
N ALA E 17 18.78 -11.38 38.39
CA ALA E 17 19.15 -12.76 38.07
C ALA E 17 18.10 -13.76 38.54
N VAL E 18 18.00 -14.87 37.80
CA VAL E 18 17.15 -16.00 38.17
C VAL E 18 18.02 -17.25 38.31
N ALA E 19 17.80 -18.00 39.39
CA ALA E 19 18.57 -19.21 39.62
C ALA E 19 18.00 -20.36 38.78
N VAL E 20 18.90 -21.22 38.31
CA VAL E 20 18.52 -22.39 37.50
C VAL E 20 18.01 -23.46 38.45
N THR E 21 16.71 -23.76 38.39
CA THR E 21 16.06 -24.61 39.37
C THR E 21 15.60 -25.97 38.82
N SER E 22 15.83 -26.22 37.54
CA SER E 22 15.33 -27.44 36.92
C SER E 22 16.15 -28.61 37.27
N PRO E 23 15.55 -29.78 37.20
CA PRO E 23 16.37 -30.96 37.41
C PRO E 23 17.15 -31.34 36.19
N GLN E 24 18.00 -32.35 36.29
CA GLN E 24 18.71 -32.81 35.13
C GLN E 24 17.76 -33.62 34.29
N ALA E 25 18.02 -33.71 33.02
CA ALA E 25 17.09 -34.39 32.15
C ALA E 25 17.29 -35.87 32.08
N ASP E 26 16.34 -36.56 31.47
CA ASP E 26 16.47 -37.98 31.31
C ASP E 26 17.66 -38.27 30.45
N SER E 27 18.39 -39.30 30.80
CA SER E 27 19.59 -39.60 30.06
C SER E 27 19.34 -40.73 29.12
N ALA E 28 18.13 -41.25 29.10
CA ALA E 28 17.84 -42.41 28.27
C ALA E 28 18.12 -42.13 26.80
N PRO E 29 18.75 -43.07 26.08
CA PRO E 29 18.93 -42.89 24.64
C PRO E 29 17.67 -43.27 23.88
N ALA E 30 17.56 -42.77 22.68
CA ALA E 30 16.41 -43.09 21.87
C ALA E 30 16.50 -44.44 21.25
N GLN E 31 15.38 -44.89 20.76
CA GLN E 31 15.36 -46.17 20.14
C GLN E 31 15.63 -45.96 18.69
N ARG E 32 16.28 -46.91 18.07
CA ARG E 32 16.64 -46.80 16.69
C ARG E 32 15.65 -47.56 15.87
N PHE E 33 15.33 -47.01 14.72
CA PHE E 33 14.32 -47.62 13.91
C PHE E 33 14.87 -47.77 12.52
N SER E 34 15.23 -49.00 12.14
CA SER E 34 15.87 -49.26 10.85
C SER E 34 14.99 -49.40 9.67
N LEU E 35 15.35 -48.73 8.60
CA LEU E 35 14.56 -48.76 7.41
C LEU E 35 15.18 -49.76 6.46
N PRO E 36 14.39 -50.28 5.52
CA PRO E 36 14.88 -51.27 4.57
C PRO E 36 16.22 -51.00 3.93
N GLN E 37 16.43 -49.77 3.47
CA GLN E 37 17.67 -49.45 2.74
C GLN E 37 18.87 -49.49 3.70
N GLY E 38 18.64 -49.19 4.97
CA GLY E 38 19.70 -49.25 5.95
C GLY E 38 19.71 -48.12 6.95
N CYS E 39 19.11 -47.01 6.60
CA CYS E 39 19.17 -45.85 7.47
C CYS E 39 18.37 -46.03 8.74
N HIS E 40 18.73 -45.29 9.78
CA HIS E 40 18.02 -45.37 11.03
C HIS E 40 17.38 -44.08 11.36
N PHE E 41 16.35 -44.12 12.17
CA PHE E 41 15.78 -42.89 12.66
C PHE E 41 15.71 -43.07 14.15
N ARG E 42 15.77 -41.99 14.89
CA ARG E 42 15.80 -42.12 16.34
C ARG E 42 14.71 -41.36 17.06
N THR E 43 13.86 -42.07 17.78
CA THR E 43 12.83 -41.42 18.56
C THR E 43 12.53 -42.24 19.78
N PHE E 44 11.60 -41.79 20.60
CA PHE E 44 11.25 -42.48 21.82
C PHE E 44 9.90 -43.14 21.73
N TRP E 45 9.72 -44.24 22.42
CA TRP E 45 8.47 -44.97 22.40
C TRP E 45 8.46 -45.81 23.63
N ARG E 46 7.75 -45.37 24.65
CA ARG E 46 7.63 -46.20 25.82
C ARG E 46 6.33 -46.89 25.58
N ASP E 47 6.42 -48.15 25.23
CA ASP E 47 5.21 -48.85 24.88
C ASP E 47 4.47 -49.24 26.10
N GLU E 48 3.35 -48.58 26.33
CA GLU E 48 2.53 -48.95 27.44
C GLU E 48 1.41 -49.67 26.75
N ALA E 49 1.72 -50.76 26.05
CA ALA E 49 0.73 -51.51 25.27
C ALA E 49 0.04 -50.59 24.30
N ASN E 50 0.80 -49.64 23.78
CA ASN E 50 0.24 -48.69 22.86
C ASN E 50 -0.08 -49.53 21.67
N GLY E 51 0.92 -50.25 21.20
CA GLY E 51 0.73 -51.05 20.01
C GLY E 51 0.32 -50.10 18.92
N GLY E 52 1.07 -49.03 18.78
CA GLY E 52 0.77 -48.06 17.75
C GLY E 52 1.51 -48.46 16.53
N SER E 53 1.17 -47.84 15.42
CA SER E 53 1.87 -48.12 14.22
C SER E 53 2.55 -46.84 13.84
N LEU E 54 3.68 -46.93 13.18
CA LEU E 54 4.36 -45.76 12.70
C LEU E 54 4.71 -46.13 11.27
N PHE E 55 4.29 -45.34 10.32
CA PHE E 55 4.51 -45.66 8.93
C PHE E 55 5.34 -44.62 8.23
N ILE E 56 6.54 -44.97 7.83
CA ILE E 56 7.38 -44.07 7.07
C ILE E 56 7.13 -44.45 5.64
N PRO E 57 6.52 -43.55 4.87
CA PRO E 57 6.17 -43.93 3.51
C PRO E 57 7.31 -43.90 2.54
N ALA E 58 7.10 -44.51 1.39
CA ALA E 58 8.14 -44.52 0.39
C ALA E 58 7.85 -43.46 -0.63
N GLY E 59 8.88 -42.77 -1.05
CA GLY E 59 8.70 -41.68 -1.99
C GLY E 59 10.03 -40.97 -2.00
N ASP E 60 10.13 -39.88 -2.75
CA ASP E 60 11.40 -39.17 -2.87
C ASP E 60 11.52 -38.10 -1.82
N ALA E 61 10.47 -37.91 -1.05
CA ALA E 61 10.47 -36.93 0.02
C ALA E 61 11.42 -37.36 1.10
N LEU E 62 11.25 -38.58 1.57
CA LEU E 62 12.11 -39.10 2.61
C LEU E 62 13.07 -40.11 2.02
N ARG E 63 14.35 -39.96 2.33
CA ARG E 63 15.35 -40.86 1.80
C ARG E 63 16.49 -40.98 2.77
N CYS E 64 17.26 -42.05 2.65
CA CYS E 64 18.38 -42.24 3.54
C CYS E 64 19.55 -41.43 3.06
N GLY E 65 20.53 -41.28 3.92
CA GLY E 65 21.66 -40.46 3.56
C GLY E 65 22.93 -41.14 3.90
N GLU E 66 24.04 -40.47 3.66
CA GLU E 66 25.33 -41.08 3.90
C GLU E 66 25.82 -40.80 5.30
N ASP E 67 24.91 -40.45 6.18
CA ASP E 67 25.26 -40.19 7.55
C ASP E 67 24.79 -41.35 8.39
N GLY E 68 23.84 -42.11 7.84
CA GLY E 68 23.29 -43.24 8.55
C GLY E 68 21.90 -42.94 9.00
N TRP E 69 21.40 -41.75 8.64
CA TRP E 69 20.11 -41.34 9.10
C TRP E 69 19.13 -41.08 8.01
N LEU E 70 17.87 -41.09 8.34
CA LEU E 70 16.85 -40.81 7.37
C LEU E 70 16.83 -39.33 7.27
N GLN E 71 16.79 -38.82 6.05
CA GLN E 71 16.77 -37.40 5.85
C GLN E 71 15.55 -37.04 5.06
N GLY E 72 15.05 -35.82 5.25
CA GLY E 72 13.91 -35.38 4.48
C GLY E 72 12.67 -34.99 5.21
N SER E 73 11.63 -34.71 4.46
CA SER E 73 10.40 -34.29 5.05
C SER E 73 9.24 -34.95 4.38
N GLY E 74 8.47 -35.71 5.13
CA GLY E 74 7.30 -36.34 4.58
C GLY E 74 6.27 -36.63 5.63
N ALA E 75 5.13 -37.14 5.22
CA ALA E 75 4.06 -37.39 6.15
C ALA E 75 4.10 -38.76 6.77
N VAL E 76 4.39 -38.82 8.05
CA VAL E 76 4.46 -40.07 8.74
C VAL E 76 3.12 -40.39 9.37
N THR E 77 2.57 -41.54 9.06
CA THR E 77 1.28 -41.92 9.58
C THR E 77 1.41 -42.72 10.86
N LEU E 78 0.79 -42.23 11.93
CA LEU E 78 0.85 -42.90 13.20
C LEU E 78 -0.53 -43.35 13.60
N GLN E 79 -0.71 -44.63 13.86
CA GLN E 79 -2.09 -45.11 14.17
C GLN E 79 -2.10 -45.79 15.54
N GLN E 80 -2.96 -45.34 16.43
CA GLN E 80 -3.09 -45.96 17.78
C GLN E 80 -4.49 -45.68 18.32
N GLY E 81 -5.01 -46.59 19.14
CA GLY E 81 -6.33 -46.38 19.76
C GLY E 81 -7.43 -46.16 18.74
N GLY E 82 -7.23 -46.55 17.49
CA GLY E 82 -8.32 -46.40 16.55
C GLY E 82 -8.27 -45.01 15.99
N GLN E 83 -7.22 -44.27 16.33
CA GLN E 83 -7.07 -42.93 15.83
C GLN E 83 -5.89 -42.88 14.91
N THR E 84 -6.01 -42.14 13.83
CA THR E 84 -4.93 -42.06 12.87
C THR E 84 -4.48 -40.64 12.70
N LEU E 85 -3.21 -40.39 13.02
CA LEU E 85 -2.64 -39.04 12.88
C LEU E 85 -1.56 -39.09 11.80
N SER E 86 -1.61 -38.17 10.83
CA SER E 86 -0.58 -38.13 9.82
C SER E 86 0.18 -36.82 9.82
N PRO E 87 1.12 -36.65 10.75
CA PRO E 87 1.78 -35.38 10.68
C PRO E 87 2.93 -35.29 9.71
N THR E 88 3.17 -34.10 9.20
CA THR E 88 4.31 -33.92 8.34
C THR E 88 5.55 -33.70 9.18
N LEU E 89 6.48 -34.63 9.11
CA LEU E 89 7.66 -34.55 9.93
C LEU E 89 8.92 -34.36 9.15
N TRP E 90 9.90 -33.67 9.72
CA TRP E 90 11.15 -33.44 9.07
C TRP E 90 12.21 -34.13 9.88
N PHE E 91 13.18 -34.71 9.21
CA PHE E 91 14.17 -35.49 9.92
C PHE E 91 15.54 -34.86 9.96
N LEU E 92 16.00 -34.54 11.17
CA LEU E 92 17.33 -34.00 11.31
C LEU E 92 18.16 -34.88 12.19
N GLN E 93 19.22 -35.43 11.64
CA GLN E 93 20.12 -36.30 12.39
C GLN E 93 19.39 -37.49 12.92
N GLY E 94 18.38 -37.93 12.20
CA GLY E 94 17.60 -39.05 12.63
C GLY E 94 16.38 -38.70 13.42
N TYR E 95 16.38 -37.54 14.04
CA TYR E 95 15.29 -37.14 14.88
C TYR E 95 14.11 -36.66 14.11
N PRO E 96 12.93 -37.20 14.38
CA PRO E 96 11.71 -36.77 13.71
C PRO E 96 11.20 -35.49 14.34
N LEU E 97 11.08 -34.43 13.57
CA LEU E 97 10.68 -33.15 14.12
C LEU E 97 9.45 -32.59 13.45
N ALA E 98 8.56 -32.02 14.21
CA ALA E 98 7.34 -31.46 13.67
C ALA E 98 7.27 -29.96 13.72
N GLN E 99 6.47 -29.37 12.84
CA GLN E 99 6.32 -27.92 12.75
C GLN E 99 7.57 -27.12 12.45
N VAL E 100 8.64 -27.77 12.01
CA VAL E 100 9.84 -27.09 11.62
C VAL E 100 10.45 -27.83 10.45
N ASN E 101 10.92 -27.12 9.44
CA ASN E 101 11.59 -27.73 8.31
C ASN E 101 12.63 -26.74 7.91
N GLY E 102 13.87 -27.02 8.22
CA GLY E 102 14.92 -26.14 7.79
C GLY E 102 15.90 -26.86 6.91
N GLY E 103 15.41 -27.69 6.02
CA GLY E 103 16.28 -28.50 5.17
C GLY E 103 17.54 -27.83 4.66
N ASP E 104 17.40 -26.67 4.05
CA ASP E 104 18.55 -26.01 3.44
C ASP E 104 19.66 -25.67 4.40
N ARG E 105 19.28 -25.29 5.62
CA ARG E 105 20.28 -24.86 6.62
C ARG E 105 20.83 -26.11 7.31
N ALA E 106 22.02 -26.01 7.89
CA ALA E 106 22.60 -27.12 8.60
C ALA E 106 22.43 -26.85 10.04
N LEU E 107 21.41 -27.43 10.63
CA LEU E 107 21.12 -27.12 12.00
C LEU E 107 21.68 -28.16 12.93
N THR E 108 22.01 -27.75 14.14
CA THR E 108 22.54 -28.67 15.12
C THR E 108 21.51 -29.07 16.16
N VAL E 109 21.61 -30.29 16.67
CA VAL E 109 20.72 -30.74 17.73
C VAL E 109 21.54 -30.68 18.98
N VAL E 110 21.30 -29.69 19.81
CA VAL E 110 22.12 -29.51 20.98
C VAL E 110 21.86 -30.59 22.01
N SER E 111 20.61 -30.89 22.25
CA SER E 111 20.27 -31.96 23.16
C SER E 111 18.99 -32.60 22.74
N ALA E 112 18.82 -33.86 23.07
CA ALA E 112 17.60 -34.57 22.75
C ALA E 112 17.32 -35.63 23.74
N ASN E 113 16.08 -35.69 24.20
CA ASN E 113 15.69 -36.68 25.16
C ASN E 113 14.21 -36.84 25.04
N ALA E 114 13.60 -37.62 25.91
CA ALA E 114 12.18 -37.88 25.81
C ALA E 114 11.32 -36.76 26.23
N GLN E 115 11.93 -35.70 26.70
CA GLN E 115 11.19 -34.56 27.13
C GLN E 115 11.32 -33.47 26.09
N ARG E 116 12.53 -33.18 25.66
CA ARG E 116 12.74 -32.07 24.74
C ARG E 116 13.92 -32.13 23.82
N LEU E 117 13.88 -31.36 22.74
CA LEU E 117 14.99 -31.28 21.82
C LEU E 117 15.32 -29.83 21.64
N ILE E 118 16.59 -29.48 21.72
CA ILE E 118 17.00 -28.13 21.45
C ILE E 118 17.60 -28.02 20.07
N LEU E 119 17.04 -27.17 19.23
CA LEU E 119 17.57 -26.96 17.90
C LEU E 119 18.41 -25.74 17.92
N GLY E 120 19.55 -25.79 17.26
CA GLY E 120 20.42 -24.64 17.20
C GLY E 120 21.07 -24.63 15.84
N GLY E 121 22.17 -23.90 15.71
CA GLY E 121 22.88 -23.89 14.45
C GLY E 121 22.42 -22.98 13.35
N ASN E 122 21.58 -21.99 13.64
CA ASN E 122 21.21 -21.04 12.61
C ASN E 122 22.34 -20.08 12.54
N PRO E 123 22.91 -19.94 11.37
CA PRO E 123 24.07 -19.07 11.23
C PRO E 123 23.63 -17.62 11.16
N GLN E 124 22.37 -17.37 10.83
CA GLN E 124 21.85 -16.02 10.74
C GLN E 124 21.46 -15.53 12.11
N ALA E 125 21.57 -16.37 13.11
CA ALA E 125 21.31 -15.96 14.48
C ALA E 125 22.02 -16.87 15.38
N PRO E 126 23.29 -16.65 15.55
CA PRO E 126 23.93 -17.50 16.54
C PRO E 126 23.45 -17.12 17.93
N GLY E 127 23.44 -18.08 18.84
CA GLY E 127 23.05 -17.80 20.21
C GLY E 127 21.58 -17.97 20.41
N SER E 128 20.90 -18.37 19.36
CA SER E 128 19.48 -18.55 19.44
C SER E 128 19.21 -20.01 19.35
N PHE E 129 18.21 -20.47 20.07
CA PHE E 129 17.89 -21.87 20.08
C PHE E 129 16.40 -22.01 20.00
N LEU E 130 15.93 -23.09 19.44
CA LEU E 130 14.51 -23.35 19.42
C LEU E 130 14.29 -24.51 20.34
N LEU E 131 13.13 -24.53 20.99
CA LEU E 131 12.84 -25.61 21.96
C LEU E 131 11.68 -26.43 21.42
N LEU E 132 11.89 -27.73 21.28
CA LEU E 132 10.86 -28.60 20.78
C LEU E 132 10.53 -29.62 21.83
N THR E 133 9.26 -29.79 22.12
CA THR E 133 8.82 -30.74 23.14
C THR E 133 8.34 -32.05 22.55
N PHE E 134 8.67 -33.14 23.20
CA PHE E 134 8.30 -34.43 22.68
C PHE E 134 6.84 -34.68 22.84
N GLU E 135 6.20 -35.05 21.75
CA GLU E 135 4.81 -35.36 21.82
C GLU E 135 4.73 -36.82 21.56
N PRO E 136 4.34 -37.58 22.58
CA PRO E 136 4.34 -39.04 22.46
C PRO E 136 3.40 -39.63 21.44
N GLN E 137 2.39 -38.90 21.01
CA GLN E 137 1.44 -39.43 20.07
C GLN E 137 1.98 -39.34 18.69
N LEU E 138 3.03 -38.57 18.53
CA LEU E 138 3.63 -38.40 17.23
C LEU E 138 4.97 -39.07 17.20
N HIS E 139 5.46 -39.54 18.34
CA HIS E 139 6.77 -40.17 18.43
C HIS E 139 7.69 -39.26 17.73
N ALA E 140 7.60 -37.99 18.06
CA ALA E 140 8.38 -36.95 17.43
C ALA E 140 8.47 -35.78 18.39
N TRP E 141 9.47 -34.93 18.15
CA TRP E 141 9.52 -33.66 18.85
C TRP E 141 8.78 -32.63 18.02
N ALA E 142 8.00 -31.78 18.69
CA ALA E 142 7.19 -30.79 18.00
C ALA E 142 7.58 -29.39 18.47
N PHE E 143 7.54 -28.44 17.55
CA PHE E 143 7.80 -27.03 17.85
C PHE E 143 6.49 -26.32 18.15
N ASN E 144 6.49 -25.52 19.22
CA ASN E 144 5.28 -24.87 19.71
C ASN E 144 5.42 -23.36 19.89
N GLY E 145 6.58 -22.78 19.59
CA GLY E 145 6.74 -21.35 19.61
C GLY E 145 7.88 -20.88 20.49
N GLU E 146 8.39 -21.78 21.32
CA GLU E 146 9.37 -21.39 22.34
C GLU E 146 10.77 -21.35 21.78
N ALA E 147 11.43 -20.24 22.01
CA ALA E 147 12.79 -20.06 21.57
C ALA E 147 13.62 -19.51 22.70
N ILE E 148 14.92 -19.73 22.65
CA ILE E 148 15.79 -19.28 23.71
C ILE E 148 16.92 -18.46 23.16
N VAL E 149 17.06 -17.22 23.62
CA VAL E 149 18.16 -16.33 23.15
C VAL E 149 19.20 -16.21 24.28
N GLU E 150 20.44 -16.61 24.01
CA GLU E 150 21.52 -16.52 25.01
C GLU E 150 22.07 -15.10 24.98
N MET E 151 21.61 -14.25 25.90
CA MET E 151 22.04 -12.84 25.92
C MET E 151 22.47 -12.49 27.34
N PRO E 152 23.61 -11.81 27.54
CA PRO E 152 24.04 -11.35 28.87
C PRO E 152 23.05 -10.34 29.43
N ARG E 153 22.77 -10.42 30.73
CA ARG E 153 21.81 -9.48 31.37
C ARG E 153 22.37 -8.07 31.28
N VAL E 154 23.70 -7.93 31.30
CA VAL E 154 24.33 -6.59 31.15
C VAL E 154 23.92 -6.02 29.79
N ASP E 155 24.00 -6.83 28.75
CA ASP E 155 23.58 -6.38 27.40
C ASP E 155 22.05 -6.20 27.44
N ALA E 156 21.38 -6.86 28.38
CA ALA E 156 19.93 -6.76 28.40
C ALA E 156 19.41 -5.54 29.14
N ALA E 157 20.26 -4.83 29.90
CA ALA E 157 19.87 -3.52 30.44
C ALA E 157 19.53 -2.56 29.33
N ASP E 158 20.34 -2.57 28.26
CA ASP E 158 20.13 -1.76 27.06
C ASP E 158 18.91 -2.30 26.33
N GLU E 159 17.83 -1.53 26.30
CA GLU E 159 16.57 -2.03 25.76
C GLU E 159 16.62 -2.27 24.24
N THR E 160 17.43 -1.49 23.52
CA THR E 160 17.52 -1.68 22.07
C THR E 160 18.33 -2.90 21.71
N LYS E 161 19.18 -3.38 22.60
CA LYS E 161 19.90 -4.60 22.31
C LYS E 161 18.94 -5.77 22.36
N ILE E 162 18.00 -5.75 23.28
CA ILE E 162 17.04 -6.81 23.40
C ILE E 162 16.27 -6.89 22.13
N LYS E 163 15.72 -5.78 21.72
CA LYS E 163 14.91 -5.78 20.53
C LYS E 163 15.68 -6.23 19.31
N GLN E 164 16.92 -5.82 19.18
CA GLN E 164 17.74 -6.23 18.06
C GLN E 164 17.93 -7.72 18.06
N ARG E 165 18.29 -8.27 19.21
CA ARG E 165 18.57 -9.68 19.28
C ARG E 165 17.37 -10.53 19.05
N VAL E 166 16.22 -10.14 19.59
CA VAL E 166 15.07 -10.99 19.47
C VAL E 166 14.53 -10.89 18.08
N GLN E 167 14.75 -9.77 17.43
CA GLN E 167 14.18 -9.60 16.13
C GLN E 167 15.10 -10.14 15.10
N GLN E 168 16.34 -10.39 15.48
CA GLN E 168 17.24 -11.03 14.57
C GLN E 168 16.85 -12.46 14.61
N ALA E 169 16.67 -12.98 15.80
CA ALA E 169 16.33 -14.37 15.94
C ALA E 169 15.03 -14.64 15.27
N GLN E 170 14.06 -13.74 15.41
CA GLN E 170 12.73 -14.05 14.82
C GLN E 170 12.88 -14.19 13.31
N THR E 171 13.79 -13.44 12.70
CA THR E 171 13.86 -13.41 11.22
C THR E 171 14.76 -14.54 10.72
N ALA E 172 15.50 -15.18 11.63
CA ALA E 172 16.43 -16.25 11.23
C ALA E 172 15.73 -17.61 11.39
N TRP E 173 14.57 -17.63 12.03
CA TRP E 173 13.88 -18.91 12.29
C TRP E 173 12.54 -18.91 11.56
N GLN E 174 11.79 -17.82 11.66
CA GLN E 174 10.46 -17.75 11.01
C GLN E 174 10.50 -18.48 9.65
N PRO E 175 11.43 -18.18 8.73
CA PRO E 175 11.45 -18.82 7.43
C PRO E 175 11.22 -20.33 7.50
N LEU E 176 11.71 -20.99 8.55
CA LEU E 176 11.65 -22.46 8.65
C LEU E 176 10.51 -22.89 9.57
N LEU E 177 9.40 -22.17 9.58
CA LEU E 177 8.35 -22.50 10.58
C LEU E 177 6.98 -22.75 9.94
N SER E 178 6.06 -23.29 10.72
CA SER E 178 4.72 -23.64 10.25
C SER E 178 3.73 -23.25 11.34
N ALA E 181 1.13 -20.58 16.11
CA ALA E 181 1.63 -19.66 17.13
C ALA E 181 2.66 -18.65 16.57
N PRO E 182 2.79 -17.51 17.23
CA PRO E 182 3.94 -16.65 17.00
C PRO E 182 5.05 -17.05 17.97
N LEU E 183 6.21 -16.44 17.79
CA LEU E 183 7.34 -16.87 18.60
C LEU E 183 7.26 -16.29 20.00
N THR E 184 7.95 -16.97 20.92
CA THR E 184 8.11 -16.47 22.27
C THR E 184 9.57 -16.70 22.66
N PHE E 185 10.26 -15.64 23.03
CA PHE E 185 11.69 -15.71 23.29
C PHE E 185 11.92 -15.63 24.79
N LYS E 186 12.75 -16.53 25.31
CA LYS E 186 13.19 -16.46 26.68
C LYS E 186 14.67 -16.12 26.67
N LEU E 187 15.05 -14.97 27.24
CA LEU E 187 16.46 -14.63 27.33
C LEU E 187 17.07 -15.31 28.54
N VAL E 188 18.25 -15.88 28.36
CA VAL E 188 18.96 -16.54 29.45
C VAL E 188 20.45 -16.26 29.27
N GLU E 189 21.18 -16.27 30.39
CA GLU E 189 22.61 -16.01 30.31
C GLU E 189 23.34 -17.18 29.64
N LYS E 190 22.88 -18.41 29.89
CA LYS E 190 23.55 -19.60 29.38
C LYS E 190 22.48 -20.66 29.13
N LEU E 191 22.48 -21.25 27.94
CA LEU E 191 21.56 -22.36 27.70
C LEU E 191 21.87 -23.48 28.69
N ALA E 192 20.82 -24.06 29.27
CA ALA E 192 20.96 -25.15 30.23
C ALA E 192 20.65 -26.49 29.55
N ALA E 193 21.59 -26.93 28.71
CA ALA E 193 21.35 -28.04 27.77
C ALA E 193 21.21 -29.38 28.45
N ASP E 194 21.72 -29.52 29.67
CA ASP E 194 21.69 -30.77 30.43
C ASP E 194 20.44 -30.90 31.31
N ARG E 195 19.56 -29.89 31.34
CA ARG E 195 18.46 -29.82 32.28
C ARG E 195 17.11 -29.96 31.55
N VAL E 196 16.04 -30.13 32.34
CA VAL E 196 14.73 -30.45 31.77
C VAL E 196 14.17 -29.27 31.00
N ASP E 197 14.27 -28.07 31.59
CA ASP E 197 13.87 -26.80 30.99
C ASP E 197 15.14 -26.05 30.65
N PRO E 198 15.63 -26.11 29.42
CA PRO E 198 16.87 -25.38 29.09
C PRO E 198 16.75 -23.87 29.25
N ALA E 199 15.53 -23.35 29.36
CA ALA E 199 15.28 -21.95 29.64
C ALA E 199 15.32 -21.65 31.12
N SER E 200 15.51 -22.66 31.96
CA SER E 200 15.50 -22.43 33.40
C SER E 200 16.62 -21.43 33.72
N GLY E 201 16.27 -20.42 34.52
CA GLY E 201 17.14 -19.29 34.73
C GLY E 201 16.87 -18.12 33.81
N SER E 202 15.89 -18.21 32.92
CA SER E 202 15.55 -17.07 32.09
C SER E 202 15.16 -15.87 32.96
N TYR E 203 15.64 -14.69 32.58
CA TYR E 203 15.41 -13.45 33.32
C TYR E 203 14.45 -12.50 32.63
N LEU E 204 13.94 -12.85 31.45
CA LEU E 204 12.98 -12.01 30.75
C LEU E 204 12.41 -12.79 29.57
N SER E 205 11.15 -12.52 29.25
CA SER E 205 10.45 -13.21 28.17
C SER E 205 9.80 -12.18 27.27
N VAL E 206 10.03 -12.29 25.96
CA VAL E 206 9.44 -11.39 24.97
C VAL E 206 8.51 -12.20 24.08
N ASN E 207 7.22 -11.88 24.11
CA ASN E 207 6.22 -12.58 23.29
C ASN E 207 5.90 -11.74 22.06
N GLY E 208 5.83 -12.40 20.92
CA GLY E 208 5.57 -11.73 19.67
C GLY E 208 4.09 -11.79 19.33
N ALA E 209 3.72 -11.00 18.33
CA ALA E 209 2.32 -10.89 18.01
C ALA E 209 2.00 -11.60 16.71
N THR E 210 0.72 -11.90 16.55
CA THR E 210 0.14 -12.25 15.26
C THR E 210 -0.72 -11.07 14.82
N HIS E 211 -0.45 -10.56 13.63
CA HIS E 211 -1.18 -9.41 13.12
C HIS E 211 -2.52 -9.86 12.57
N LEU E 212 -3.61 -9.25 13.05
CA LEU E 212 -4.93 -9.44 12.47
C LEU E 212 -5.32 -8.22 11.66
N GLU E 213 -6.01 -8.45 10.54
CA GLU E 213 -6.63 -7.38 9.77
C GLU E 213 -7.66 -8.05 8.87
N GLY E 214 -8.94 -7.82 9.15
CA GLY E 214 -9.98 -8.41 8.33
C GLY E 214 -11.36 -8.07 8.84
N SER E 215 -12.33 -8.95 8.62
CA SER E 215 -13.72 -8.68 8.99
C SER E 215 -14.22 -9.82 9.86
N GLU E 216 -14.54 -9.51 11.12
CA GLU E 216 -15.04 -10.50 12.05
C GLU E 216 -16.57 -10.43 12.07
N PHE E 217 -17.22 -11.59 11.98
CA PHE E 217 -18.66 -11.71 12.04
C PHE E 217 -19.01 -12.54 13.26
N LYS E 218 -19.94 -12.03 14.08
CA LYS E 218 -20.50 -12.86 15.12
C LYS E 218 -21.97 -12.55 15.19
N LEU E 219 -22.74 -13.62 15.15
CA LEU E 219 -24.16 -13.55 15.01
C LEU E 219 -24.77 -13.06 16.32
N VAL E 220 -25.70 -12.10 16.21
CA VAL E 220 -26.50 -11.61 17.34
C VAL E 220 -27.02 -12.77 18.20
N HIS F 13 -28.16 -59.89 -12.46
CA HIS F 13 -27.54 -59.12 -13.57
C HIS F 13 -27.74 -57.63 -13.33
N MET F 14 -28.65 -57.02 -14.08
CA MET F 14 -28.96 -55.59 -13.88
C MET F 14 -29.04 -55.33 -12.38
N PRO F 15 -28.32 -54.32 -11.84
CA PRO F 15 -28.47 -53.98 -10.45
C PRO F 15 -29.97 -53.81 -10.18
N ALA F 16 -30.43 -54.23 -9.00
CA ALA F 16 -31.86 -54.14 -8.67
C ALA F 16 -32.23 -52.69 -8.37
N ALA F 17 -33.52 -52.41 -8.27
CA ALA F 17 -33.95 -51.00 -8.08
C ALA F 17 -34.07 -50.67 -6.61
N VAL F 18 -33.63 -49.48 -6.22
CA VAL F 18 -33.81 -49.02 -4.81
C VAL F 18 -34.73 -47.80 -4.84
N ALA F 19 -35.65 -47.69 -3.88
CA ALA F 19 -36.63 -46.60 -3.90
C ALA F 19 -36.10 -45.35 -3.20
N VAL F 20 -36.70 -44.19 -3.47
CA VAL F 20 -36.27 -42.92 -2.83
C VAL F 20 -36.98 -42.80 -1.48
N THR F 21 -36.25 -42.91 -0.39
CA THR F 21 -36.88 -42.91 0.95
C THR F 21 -36.61 -41.60 1.68
N SER F 22 -35.55 -40.88 1.32
CA SER F 22 -35.20 -39.66 2.07
C SER F 22 -36.32 -38.63 1.92
N PRO F 23 -36.58 -37.83 2.95
CA PRO F 23 -37.62 -36.81 2.87
C PRO F 23 -37.12 -35.53 2.20
N GLN F 24 -38.04 -34.60 1.93
CA GLN F 24 -37.66 -33.30 1.32
C GLN F 24 -36.69 -32.58 2.27
N ALA F 25 -35.94 -31.62 1.77
CA ALA F 25 -34.91 -30.98 2.62
C ALA F 25 -35.37 -29.58 3.05
N ASP F 26 -34.70 -29.00 4.04
CA ASP F 26 -35.11 -27.68 4.57
C ASP F 26 -35.06 -26.65 3.45
N SER F 27 -36.11 -25.84 3.32
CA SER F 27 -36.15 -24.78 2.29
C SER F 27 -35.56 -23.51 2.89
N ALA F 28 -35.24 -23.56 4.17
CA ALA F 28 -34.70 -22.38 4.88
C ALA F 28 -33.72 -21.63 4.00
N PRO F 29 -33.88 -20.31 3.81
CA PRO F 29 -32.93 -19.55 3.05
C PRO F 29 -31.64 -19.45 3.87
N ALA F 30 -30.52 -19.17 3.22
CA ALA F 30 -29.24 -19.07 3.94
C ALA F 30 -29.07 -17.65 4.47
N GLN F 31 -28.10 -17.46 5.37
CA GLN F 31 -27.89 -16.13 5.96
C GLN F 31 -26.78 -15.45 5.17
N ARG F 32 -26.95 -14.15 4.91
CA ARG F 32 -25.96 -13.40 4.11
C ARG F 32 -24.97 -12.73 5.05
N PHE F 33 -23.73 -12.65 4.62
CA PHE F 33 -22.67 -12.02 5.45
C PHE F 33 -22.02 -10.92 4.60
N SER F 34 -22.38 -9.67 4.86
CA SER F 34 -21.88 -8.54 4.05
C SER F 34 -20.44 -8.19 4.43
N LEU F 35 -19.59 -8.06 3.42
CA LEU F 35 -18.17 -7.73 3.66
C LEU F 35 -18.01 -6.24 3.39
N PRO F 36 -16.96 -5.58 3.91
CA PRO F 36 -16.80 -4.14 3.76
C PRO F 36 -17.03 -3.61 2.33
N GLN F 37 -16.45 -4.28 1.32
CA GLN F 37 -16.54 -3.77 -0.07
C GLN F 37 -17.93 -4.05 -0.65
N GLY F 38 -18.76 -4.80 0.07
CA GLY F 38 -20.15 -4.99 -0.40
C GLY F 38 -20.48 -6.44 -0.73
N CYS F 39 -19.49 -7.22 -1.14
CA CYS F 39 -19.74 -8.64 -1.52
C CYS F 39 -20.35 -9.36 -0.33
N HIS F 40 -21.21 -10.33 -0.61
CA HIS F 40 -21.86 -11.11 0.47
C HIS F 40 -21.36 -12.55 0.42
N PHE F 41 -21.32 -13.23 1.57
CA PHE F 41 -21.00 -14.67 1.59
C PHE F 41 -22.21 -15.34 2.23
N ARG F 42 -22.54 -16.56 1.81
CA ARG F 42 -23.78 -17.20 2.32
C ARG F 42 -23.46 -18.51 3.04
N THR F 43 -23.95 -18.67 4.27
CA THR F 43 -23.77 -19.93 5.03
C THR F 43 -24.93 -20.06 5.99
N PHE F 44 -24.79 -20.90 7.00
CA PHE F 44 -25.88 -21.10 7.99
C PHE F 44 -25.30 -20.95 9.40
N TRP F 45 -26.08 -20.35 10.31
CA TRP F 45 -25.62 -20.15 11.71
C TRP F 45 -26.84 -20.09 12.63
N ARG F 46 -27.37 -21.22 13.05
CA ARG F 46 -28.49 -21.24 14.02
C ARG F 46 -27.88 -21.00 15.39
N ASP F 47 -27.31 -19.81 15.59
CA ASP F 47 -26.59 -19.49 16.84
C ASP F 47 -27.34 -20.05 18.05
N GLU F 48 -26.68 -20.93 18.79
CA GLU F 48 -27.28 -21.44 20.04
C GLU F 48 -26.70 -20.58 21.16
N ALA F 49 -26.62 -19.26 20.94
CA ALA F 49 -25.97 -18.38 21.94
C ALA F 49 -24.52 -18.83 22.06
N ASN F 50 -24.05 -19.61 21.09
CA ASN F 50 -22.64 -20.05 21.10
C ASN F 50 -21.75 -18.83 21.20
N GLY F 51 -22.18 -17.71 20.61
CA GLY F 51 -21.35 -16.49 20.62
C GLY F 51 -20.08 -16.72 19.85
N GLY F 52 -20.18 -17.47 18.75
CA GLY F 52 -18.99 -17.78 17.95
C GLY F 52 -18.57 -16.61 17.11
N SER F 53 -17.36 -16.68 16.54
CA SER F 53 -16.87 -15.60 15.66
C SER F 53 -16.38 -16.17 14.34
N LEU F 54 -16.59 -15.45 13.24
CA LEU F 54 -16.06 -15.88 11.92
C LEU F 54 -15.21 -14.73 11.39
N PHE F 55 -13.93 -14.98 11.13
CA PHE F 55 -13.03 -13.89 10.67
C PHE F 55 -12.59 -14.15 9.24
N ILE F 56 -13.04 -13.31 8.32
CA ILE F 56 -12.57 -13.41 6.91
C ILE F 56 -11.30 -12.56 6.83
N PRO F 57 -10.12 -13.17 6.66
CA PRO F 57 -8.87 -12.43 6.68
C PRO F 57 -8.73 -11.46 5.50
N ALA F 58 -7.90 -10.43 5.68
CA ALA F 58 -7.66 -9.47 4.58
C ALA F 58 -6.44 -9.94 3.80
N GLY F 59 -6.46 -9.75 2.49
CA GLY F 59 -5.35 -10.23 1.65
C GLY F 59 -5.82 -10.42 0.22
N ASP F 60 -4.97 -11.01 -0.62
CA ASP F 60 -5.32 -11.16 -2.05
C ASP F 60 -5.97 -12.53 -2.26
N ALA F 61 -5.97 -13.36 -1.23
CA ALA F 61 -6.54 -14.73 -1.35
C ALA F 61 -8.02 -14.62 -1.67
N LEU F 62 -8.80 -14.17 -0.69
CA LEU F 62 -10.27 -13.97 -0.89
C LEU F 62 -10.50 -12.52 -1.32
N ARG F 63 -11.39 -12.32 -2.29
CA ARG F 63 -11.67 -10.99 -2.77
C ARG F 63 -13.12 -10.87 -3.16
N CYS F 64 -13.64 -9.67 -3.08
CA CYS F 64 -15.02 -9.46 -3.45
C CYS F 64 -15.09 -9.43 -4.95
N GLY F 65 -16.02 -10.17 -5.53
CA GLY F 65 -16.10 -10.27 -6.96
C GLY F 65 -17.22 -9.51 -7.62
N GLU F 66 -17.28 -9.58 -8.93
CA GLU F 66 -18.29 -8.84 -9.66
C GLU F 66 -19.60 -9.55 -9.73
N ASP F 67 -19.64 -10.77 -9.24
CA ASP F 67 -20.89 -11.50 -9.21
C ASP F 67 -21.74 -11.05 -8.04
N GLY F 68 -21.10 -10.58 -6.97
CA GLY F 68 -21.80 -10.15 -5.79
C GLY F 68 -21.41 -11.03 -4.65
N TRP F 69 -20.44 -11.89 -4.89
CA TRP F 69 -20.04 -12.83 -3.88
C TRP F 69 -18.58 -12.79 -3.64
N LEU F 70 -18.17 -13.29 -2.48
CA LEU F 70 -16.77 -13.32 -2.15
C LEU F 70 -16.23 -14.47 -2.91
N GLN F 71 -15.10 -14.28 -3.54
CA GLN F 71 -14.51 -15.32 -4.32
C GLN F 71 -13.15 -15.65 -3.79
N GLY F 72 -12.71 -16.88 -3.95
CA GLY F 72 -11.38 -17.24 -3.54
C GLY F 72 -11.21 -18.33 -2.55
N SER F 73 -9.97 -18.56 -2.17
CA SER F 73 -9.68 -19.60 -1.21
C SER F 73 -8.74 -19.02 -0.16
N GLY F 74 -9.13 -19.11 1.11
CA GLY F 74 -8.32 -18.56 2.20
C GLY F 74 -8.67 -19.21 3.51
N ALA F 75 -7.87 -18.95 4.54
CA ALA F 75 -8.12 -19.58 5.86
C ALA F 75 -9.06 -18.71 6.69
N VAL F 76 -10.30 -19.14 6.83
CA VAL F 76 -11.26 -18.40 7.70
C VAL F 76 -11.04 -18.90 9.11
N THR F 77 -10.90 -18.00 10.08
CA THR F 77 -10.70 -18.40 11.50
C THR F 77 -12.05 -18.37 12.21
N LEU F 78 -12.45 -19.51 12.79
CA LEU F 78 -13.74 -19.60 13.51
C LEU F 78 -13.43 -19.78 14.99
N GLN F 79 -14.19 -19.13 15.87
CA GLN F 79 -13.89 -19.18 17.32
C GLN F 79 -15.16 -19.39 18.13
N GLN F 80 -15.19 -20.41 18.98
CA GLN F 80 -16.36 -20.66 19.87
C GLN F 80 -15.89 -21.59 21.00
N GLY F 81 -16.50 -21.46 22.17
CA GLY F 81 -16.14 -22.35 23.30
C GLY F 81 -14.64 -22.37 23.55
N GLY F 82 -13.97 -21.23 23.39
CA GLY F 82 -12.54 -21.16 23.72
C GLY F 82 -11.71 -21.99 22.76
N GLN F 83 -12.34 -22.52 21.72
CA GLN F 83 -11.61 -23.33 20.70
C GLN F 83 -11.57 -22.54 19.40
N THR F 84 -10.44 -22.61 18.69
CA THR F 84 -10.27 -21.84 17.44
C THR F 84 -10.04 -22.79 16.27
N LEU F 85 -10.85 -22.66 15.22
CA LEU F 85 -10.66 -23.50 14.00
C LEU F 85 -10.23 -22.59 12.86
N SER F 86 -9.14 -22.94 12.18
CA SER F 86 -8.65 -22.13 11.04
C SER F 86 -8.70 -22.94 9.75
N PRO F 87 -9.89 -23.29 9.24
CA PRO F 87 -10.00 -24.08 8.03
C PRO F 87 -9.75 -23.28 6.74
N THR F 88 -9.05 -23.88 5.78
CA THR F 88 -8.87 -23.21 4.46
C THR F 88 -10.16 -23.42 3.66
N LEU F 89 -11.00 -22.39 3.56
CA LEU F 89 -12.32 -22.55 2.88
C LEU F 89 -12.30 -21.90 1.51
N TRP F 90 -12.98 -22.51 0.55
CA TRP F 90 -13.07 -21.96 -0.83
C TRP F 90 -14.50 -21.49 -1.05
N PHE F 91 -14.69 -20.39 -1.79
CA PHE F 91 -16.05 -19.82 -1.92
C PHE F 91 -16.57 -19.96 -3.35
N LEU F 92 -17.70 -20.64 -3.52
CA LEU F 92 -18.33 -20.77 -4.85
C LEU F 92 -19.76 -20.25 -4.76
N GLN F 93 -20.07 -19.20 -5.53
CA GLN F 93 -21.42 -18.61 -5.50
C GLN F 93 -21.71 -18.10 -4.08
N GLY F 94 -20.66 -17.79 -3.33
CA GLY F 94 -20.82 -17.23 -1.97
C GLY F 94 -20.83 -18.30 -0.91
N TYR F 95 -20.83 -19.56 -1.31
CA TYR F 95 -20.93 -20.67 -0.32
C TYR F 95 -19.54 -21.03 0.18
N PRO F 96 -19.34 -21.14 1.51
CA PRO F 96 -18.06 -21.54 2.07
C PRO F 96 -17.93 -23.06 1.98
N LEU F 97 -16.89 -23.55 1.30
CA LEU F 97 -16.73 -25.02 1.09
C LEU F 97 -15.37 -25.48 1.59
N ALA F 98 -15.29 -26.72 2.11
CA ALA F 98 -14.03 -27.20 2.72
C ALA F 98 -13.56 -28.50 2.08
N GLN F 99 -12.24 -28.73 2.09
CA GLN F 99 -11.65 -29.96 1.52
C GLN F 99 -11.91 -30.02 0.03
N VAL F 100 -12.20 -28.87 -0.59
CA VAL F 100 -12.40 -28.83 -2.07
C VAL F 100 -12.03 -27.45 -2.59
N ASN F 101 -11.40 -27.38 -3.76
CA ASN F 101 -11.07 -26.08 -4.40
C ASN F 101 -10.96 -26.31 -5.91
N GLY F 102 -11.84 -25.70 -6.70
CA GLY F 102 -11.75 -25.81 -8.16
C GLY F 102 -11.87 -24.44 -8.82
N GLY F 103 -11.17 -23.43 -8.30
CA GLY F 103 -11.31 -22.06 -8.83
C GLY F 103 -11.08 -21.97 -10.32
N ASP F 104 -10.31 -22.91 -10.88
CA ASP F 104 -9.97 -22.88 -12.34
C ASP F 104 -11.06 -23.59 -13.16
N ARG F 105 -12.23 -23.82 -12.55
CA ARG F 105 -13.32 -24.54 -13.26
C ARG F 105 -14.65 -23.87 -12.93
N ALA F 106 -15.66 -24.03 -13.79
CA ALA F 106 -16.98 -23.45 -13.54
C ALA F 106 -17.91 -24.55 -13.06
N LEU F 107 -17.99 -24.72 -11.74
CA LEU F 107 -18.84 -25.78 -11.17
C LEU F 107 -20.22 -25.20 -10.85
N THR F 108 -21.18 -26.06 -10.54
CA THR F 108 -22.56 -25.58 -10.29
C THR F 108 -23.05 -26.13 -8.95
N VAL F 109 -23.67 -25.29 -8.12
CA VAL F 109 -24.25 -25.75 -6.82
C VAL F 109 -25.68 -26.20 -7.11
N VAL F 110 -25.90 -27.50 -7.25
CA VAL F 110 -27.24 -28.01 -7.63
C VAL F 110 -28.22 -27.73 -6.50
N SER F 111 -27.79 -27.99 -5.26
CA SER F 111 -28.66 -27.71 -4.09
C SER F 111 -27.80 -27.33 -2.89
N ALA F 112 -28.28 -26.38 -2.09
CA ALA F 112 -27.57 -26.00 -0.86
C ALA F 112 -28.60 -25.75 0.23
N ASN F 113 -28.43 -26.41 1.36
CA ASN F 113 -29.33 -26.20 2.52
C ASN F 113 -28.47 -26.35 3.76
N ALA F 114 -29.10 -26.41 4.92
CA ALA F 114 -28.31 -26.45 6.16
C ALA F 114 -27.82 -27.88 6.37
N GLN F 115 -28.24 -28.80 5.52
CA GLN F 115 -27.89 -30.22 5.73
C GLN F 115 -26.79 -30.62 4.74
N ARG F 116 -26.94 -30.26 3.47
CA ARG F 116 -25.95 -30.72 2.46
C ARG F 116 -25.87 -29.78 1.27
N LEU F 117 -24.76 -29.83 0.54
CA LEU F 117 -24.60 -29.03 -0.70
C LEU F 117 -24.22 -30.03 -1.79
N ILE F 118 -24.89 -29.96 -2.95
CA ILE F 118 -24.56 -30.87 -4.08
C ILE F 118 -23.70 -30.11 -5.09
N LEU F 119 -22.44 -30.50 -5.25
CA LEU F 119 -21.58 -29.86 -6.27
C LEU F 119 -21.70 -30.65 -7.57
N GLY F 120 -21.83 -29.95 -8.69
CA GLY F 120 -21.91 -30.61 -10.01
C GLY F 120 -21.20 -29.77 -11.05
N GLY F 121 -21.54 -29.94 -12.32
CA GLY F 121 -20.94 -29.10 -13.37
C GLY F 121 -19.48 -29.39 -13.64
N ASN F 122 -19.06 -30.65 -13.59
CA ASN F 122 -17.67 -31.00 -13.98
C ASN F 122 -17.72 -31.52 -15.41
N PRO F 123 -17.32 -30.73 -16.41
CA PRO F 123 -17.43 -31.14 -17.80
C PRO F 123 -16.62 -32.40 -18.10
N GLN F 124 -15.66 -32.72 -17.23
CA GLN F 124 -14.80 -33.90 -17.46
C GLN F 124 -15.49 -35.15 -16.92
N ALA F 125 -16.67 -34.97 -16.32
CA ALA F 125 -17.45 -36.12 -15.81
C ALA F 125 -18.88 -35.70 -15.55
N PRO F 126 -19.63 -35.28 -16.57
CA PRO F 126 -21.04 -34.97 -16.37
C PRO F 126 -21.71 -36.17 -15.71
N GLY F 127 -22.85 -35.94 -15.04
CA GLY F 127 -23.56 -37.05 -14.38
C GLY F 127 -22.99 -37.35 -13.02
N SER F 128 -21.78 -36.86 -12.77
CA SER F 128 -21.15 -37.03 -11.44
C SER F 128 -21.47 -35.82 -10.59
N PHE F 129 -21.71 -36.03 -9.29
CA PHE F 129 -21.95 -34.92 -8.36
C PHE F 129 -21.18 -35.22 -7.09
N LEU F 130 -20.55 -34.21 -6.50
CA LEU F 130 -19.85 -34.41 -5.21
C LEU F 130 -20.79 -33.97 -4.09
N LEU F 131 -20.82 -34.69 -2.97
CA LEU F 131 -21.76 -34.35 -1.88
C LEU F 131 -20.99 -33.76 -0.70
N LEU F 132 -21.41 -32.59 -0.23
CA LEU F 132 -20.74 -31.92 0.91
C LEU F 132 -21.73 -31.82 2.07
N THR F 133 -21.27 -32.13 3.28
CA THR F 133 -22.15 -32.09 4.48
C THR F 133 -21.81 -30.83 5.29
N PHE F 134 -22.83 -30.14 5.79
CA PHE F 134 -22.56 -28.87 6.52
C PHE F 134 -21.96 -29.20 7.88
N GLU F 135 -20.84 -28.56 8.19
CA GLU F 135 -20.23 -28.76 9.52
C GLU F 135 -20.46 -27.48 10.31
N PRO F 136 -21.48 -27.44 11.19
CA PRO F 136 -21.83 -26.22 11.91
C PRO F 136 -20.63 -25.49 12.54
N GLN F 137 -19.65 -26.23 13.05
CA GLN F 137 -18.51 -25.59 13.74
C GLN F 137 -17.65 -24.84 12.72
N LEU F 138 -17.85 -25.15 11.44
CA LEU F 138 -17.06 -24.48 10.37
C LEU F 138 -17.98 -23.53 9.64
N HIS F 139 -19.26 -23.54 10.01
CA HIS F 139 -20.25 -22.68 9.31
C HIS F 139 -19.96 -22.79 7.82
N ALA F 140 -19.79 -24.03 7.34
CA ALA F 140 -19.48 -24.27 5.93
C ALA F 140 -19.81 -25.72 5.58
N TRP F 141 -19.95 -26.01 4.29
CA TRP F 141 -20.16 -27.41 3.84
C TRP F 141 -18.79 -28.02 3.57
N ALA F 142 -18.63 -29.31 3.84
CA ALA F 142 -17.29 -29.93 3.68
C ALA F 142 -17.37 -31.22 2.86
N PHE F 143 -16.30 -31.55 2.14
CA PHE F 143 -16.26 -32.83 1.39
C PHE F 143 -15.57 -33.88 2.24
N ASN F 144 -16.20 -35.04 2.38
CA ASN F 144 -15.64 -36.13 3.23
C ASN F 144 -15.37 -37.36 2.36
N GLY F 145 -15.90 -37.38 1.14
CA GLY F 145 -15.57 -38.49 0.22
C GLY F 145 -16.75 -38.97 -0.58
N GLU F 146 -17.95 -38.52 -0.24
CA GLU F 146 -19.14 -39.07 -0.91
C GLU F 146 -19.30 -38.46 -2.31
N ALA F 147 -19.49 -39.31 -3.31
CA ALA F 147 -19.69 -38.84 -4.70
C ALA F 147 -20.89 -39.57 -5.27
N ILE F 148 -21.65 -38.90 -6.14
CA ILE F 148 -22.87 -39.53 -6.72
C ILE F 148 -22.69 -39.57 -8.23
N VAL F 149 -22.89 -40.75 -8.83
CA VAL F 149 -22.74 -40.92 -10.31
C VAL F 149 -24.08 -41.39 -10.88
N GLU F 150 -24.65 -40.59 -11.77
CA GLU F 150 -25.94 -40.97 -12.38
C GLU F 150 -25.67 -41.94 -13.52
N MET F 151 -26.08 -43.19 -13.34
CA MET F 151 -25.86 -44.23 -14.37
C MET F 151 -27.11 -45.10 -14.44
N PRO F 152 -27.72 -45.27 -15.62
CA PRO F 152 -28.87 -46.17 -15.76
C PRO F 152 -28.52 -47.59 -15.31
N ARG F 153 -29.39 -48.20 -14.52
CA ARG F 153 -29.15 -49.59 -14.04
C ARG F 153 -28.94 -50.48 -15.26
N VAL F 154 -29.69 -50.25 -16.34
CA VAL F 154 -29.43 -51.05 -17.53
C VAL F 154 -27.95 -50.98 -17.90
N ASP F 155 -27.39 -49.76 -17.94
CA ASP F 155 -25.96 -49.63 -18.21
C ASP F 155 -25.11 -50.25 -17.11
N ALA F 156 -25.65 -50.32 -15.88
CA ALA F 156 -24.91 -50.86 -14.76
C ALA F 156 -24.93 -52.38 -14.74
N ALA F 157 -25.77 -53.01 -15.58
CA ALA F 157 -25.60 -54.45 -15.78
C ALA F 157 -24.21 -54.75 -16.31
N ASP F 158 -23.75 -53.96 -17.28
CA ASP F 158 -22.43 -54.08 -17.90
C ASP F 158 -21.33 -53.62 -16.96
N GLU F 159 -20.50 -54.54 -16.48
CA GLU F 159 -19.50 -54.21 -15.46
C GLU F 159 -18.40 -53.29 -15.99
N THR F 160 -18.11 -53.33 -17.27
CA THR F 160 -17.05 -52.50 -17.81
C THR F 160 -17.45 -51.04 -17.83
N LYS F 161 -18.74 -50.79 -17.93
CA LYS F 161 -19.24 -49.43 -17.96
C LYS F 161 -19.21 -48.81 -16.59
N ILE F 162 -19.44 -49.60 -15.57
CA ILE F 162 -19.38 -49.12 -14.21
C ILE F 162 -18.00 -48.61 -13.98
N LYS F 163 -17.02 -49.41 -14.33
CA LYS F 163 -15.67 -49.02 -14.05
C LYS F 163 -15.21 -47.83 -14.86
N GLN F 164 -15.72 -47.69 -16.07
CA GLN F 164 -15.39 -46.57 -16.89
C GLN F 164 -15.93 -45.32 -16.29
N ARG F 165 -17.20 -45.35 -15.93
CA ARG F 165 -17.84 -44.18 -15.40
C ARG F 165 -17.27 -43.74 -14.10
N VAL F 166 -16.99 -44.68 -13.23
CA VAL F 166 -16.49 -44.36 -11.92
C VAL F 166 -15.10 -43.78 -12.05
N GLN F 167 -14.31 -44.32 -12.95
CA GLN F 167 -12.95 -43.86 -13.08
C GLN F 167 -12.84 -42.61 -13.91
N GLN F 168 -13.90 -42.28 -14.65
CA GLN F 168 -13.89 -41.02 -15.37
C GLN F 168 -14.13 -40.01 -14.30
N ALA F 169 -15.08 -40.30 -13.43
CA ALA F 169 -15.39 -39.40 -12.35
C ALA F 169 -14.26 -39.22 -11.36
N GLN F 170 -13.54 -40.28 -11.04
CA GLN F 170 -12.46 -40.15 -10.10
C GLN F 170 -11.44 -39.23 -10.66
N THR F 171 -11.09 -39.41 -11.91
CA THR F 171 -10.03 -38.62 -12.50
C THR F 171 -10.43 -37.21 -12.77
N ALA F 172 -11.73 -36.94 -12.71
CA ALA F 172 -12.21 -35.61 -12.98
C ALA F 172 -12.33 -34.77 -11.76
N TRP F 173 -12.64 -35.39 -10.64
CA TRP F 173 -12.84 -34.63 -9.43
C TRP F 173 -11.60 -34.59 -8.59
N GLN F 174 -10.81 -35.64 -8.67
CA GLN F 174 -9.58 -35.71 -7.87
C GLN F 174 -8.69 -34.48 -7.83
N PRO F 175 -8.42 -33.85 -8.97
CA PRO F 175 -7.52 -32.70 -8.82
C PRO F 175 -8.08 -31.61 -7.94
N LEU F 176 -9.40 -31.48 -7.91
CA LEU F 176 -10.01 -30.41 -7.15
C LEU F 176 -10.08 -30.75 -5.68
N LEU F 177 -9.69 -31.95 -5.31
CA LEU F 177 -9.79 -32.36 -3.93
C LEU F 177 -8.44 -32.41 -3.27
N SER F 178 -8.44 -32.51 -1.95
CA SER F 178 -7.20 -32.55 -1.22
C SER F 178 -6.68 -33.99 -1.12
N ALA F 181 -9.13 -39.09 3.04
CA ALA F 181 -10.08 -40.02 2.42
C ALA F 181 -9.87 -40.25 0.90
N PRO F 182 -10.31 -41.43 0.43
CA PRO F 182 -10.50 -41.63 -1.00
C PRO F 182 -11.96 -41.39 -1.39
N LEU F 183 -12.29 -41.47 -2.66
CA LEU F 183 -13.68 -41.29 -3.03
C LEU F 183 -14.49 -42.56 -2.77
N THR F 184 -15.79 -42.37 -2.58
CA THR F 184 -16.77 -43.44 -2.48
C THR F 184 -17.93 -43.02 -3.37
N PHE F 185 -18.24 -43.85 -4.37
CA PHE F 185 -19.22 -43.51 -5.41
C PHE F 185 -20.51 -44.26 -5.15
N LYS F 186 -21.63 -43.55 -5.20
CA LYS F 186 -22.93 -44.19 -5.14
C LYS F 186 -23.62 -44.02 -6.49
N LEU F 187 -23.94 -45.15 -7.13
CA LEU F 187 -24.65 -45.12 -8.40
C LEU F 187 -26.15 -44.97 -8.16
N VAL F 188 -26.78 -44.07 -8.90
CA VAL F 188 -28.22 -43.85 -8.78
C VAL F 188 -28.78 -43.54 -10.17
N GLU F 189 -30.07 -43.86 -10.37
CA GLU F 189 -30.65 -43.60 -11.69
C GLU F 189 -30.82 -42.09 -11.92
N LYS F 190 -31.12 -41.33 -10.88
CA LYS F 190 -31.37 -39.90 -10.98
C LYS F 190 -30.94 -39.25 -9.68
N LEU F 191 -30.19 -38.16 -9.77
CA LEU F 191 -29.88 -37.40 -8.57
C LEU F 191 -31.17 -36.94 -7.90
N ALA F 192 -31.25 -37.13 -6.59
CA ALA F 192 -32.42 -36.70 -5.82
C ALA F 192 -32.10 -35.37 -5.11
N ALA F 193 -32.03 -34.31 -5.95
CA ALA F 193 -31.49 -33.02 -5.55
C ALA F 193 -32.38 -32.28 -4.55
N ASP F 194 -33.65 -32.69 -4.45
CA ASP F 194 -34.67 -32.09 -3.61
C ASP F 194 -34.78 -32.68 -2.20
N ARG F 195 -34.07 -33.77 -1.91
CA ARG F 195 -34.25 -34.51 -0.65
C ARG F 195 -32.98 -34.46 0.21
N VAL F 196 -33.09 -34.95 1.44
CA VAL F 196 -31.99 -34.82 2.39
C VAL F 196 -30.79 -35.63 1.95
N ASP F 197 -31.04 -36.84 1.45
CA ASP F 197 -30.02 -37.71 0.88
C ASP F 197 -30.18 -37.73 -0.63
N PRO F 198 -29.44 -36.90 -1.39
CA PRO F 198 -29.58 -36.92 -2.85
C PRO F 198 -29.18 -38.24 -3.46
N ALA F 199 -28.46 -39.06 -2.71
CA ALA F 199 -28.08 -40.42 -3.06
C ALA F 199 -29.14 -41.44 -2.68
N SER F 200 -30.24 -41.02 -2.06
CA SER F 200 -31.29 -41.98 -1.72
C SER F 200 -31.80 -42.62 -3.00
N GLY F 201 -31.94 -43.96 -2.97
CA GLY F 201 -32.22 -44.69 -4.17
C GLY F 201 -31.00 -45.25 -4.89
N SER F 202 -29.81 -45.04 -4.36
CA SER F 202 -28.61 -45.63 -4.95
C SER F 202 -28.71 -47.14 -4.97
N TYR F 203 -28.28 -47.75 -6.08
CA TYR F 203 -28.38 -49.20 -6.24
C TYR F 203 -27.04 -49.91 -6.17
N LEU F 204 -25.94 -49.18 -6.02
CA LEU F 204 -24.65 -49.82 -5.89
C LEU F 204 -23.67 -48.78 -5.37
N SER F 205 -22.68 -49.25 -4.60
CA SER F 205 -21.68 -48.37 -4.02
C SER F 205 -20.33 -48.97 -4.37
N VAL F 206 -19.44 -48.13 -4.90
CA VAL F 206 -18.09 -48.53 -5.24
C VAL F 206 -17.16 -47.73 -4.34
N ASN F 207 -16.41 -48.42 -3.49
CA ASN F 207 -15.49 -47.77 -2.57
C ASN F 207 -14.11 -47.78 -3.19
N GLY F 208 -13.43 -46.65 -3.10
CA GLY F 208 -12.12 -46.52 -3.69
C GLY F 208 -11.04 -46.79 -2.67
N ALA F 209 -9.82 -46.94 -3.18
CA ALA F 209 -8.71 -47.35 -2.35
C ALA F 209 -7.79 -46.18 -2.09
N THR F 210 -7.02 -46.32 -1.02
CA THR F 210 -5.82 -45.52 -0.76
C THR F 210 -4.60 -46.45 -0.83
N HIS F 211 -3.61 -46.10 -1.67
CA HIS F 211 -2.43 -46.93 -1.85
C HIS F 211 -1.40 -46.69 -0.73
N LEU F 212 -1.03 -47.75 -0.03
CA LEU F 212 0.11 -47.70 0.90
C LEU F 212 1.31 -48.44 0.31
N GLU F 213 2.50 -47.90 0.56
CA GLU F 213 3.76 -48.58 0.25
C GLU F 213 4.85 -47.93 1.08
N GLY F 214 5.35 -48.63 2.10
CA GLY F 214 6.39 -48.11 2.95
C GLY F 214 6.76 -49.08 4.07
N SER F 215 7.19 -48.55 5.21
CA SER F 215 7.72 -49.36 6.31
C SER F 215 6.92 -49.09 7.58
N GLU F 216 6.28 -50.14 8.09
CA GLU F 216 5.50 -50.01 9.31
C GLU F 216 6.35 -50.42 10.52
N PHE F 217 6.30 -49.59 11.55
CA PHE F 217 6.98 -49.87 12.79
C PHE F 217 5.93 -50.01 13.87
N LYS F 218 6.04 -51.08 14.63
CA LYS F 218 5.07 -51.42 15.67
C LYS F 218 5.87 -52.03 16.80
N LEU F 219 5.94 -51.33 17.92
CA LEU F 219 6.82 -51.74 19.00
C LEU F 219 6.22 -52.94 19.73
N VAL F 220 7.08 -53.94 20.00
CA VAL F 220 6.74 -55.11 20.82
C VAL F 220 6.02 -54.70 22.11
N VAL G 11 -26.13 1.34 -28.25
CA VAL G 11 -24.89 1.99 -27.89
C VAL G 11 -24.06 2.15 -29.12
N ILE G 12 -24.72 2.28 -30.25
CA ILE G 12 -24.00 2.50 -31.48
C ILE G 12 -23.51 3.92 -31.41
N HIS G 13 -22.23 4.10 -31.19
CA HIS G 13 -21.71 5.43 -31.01
C HIS G 13 -20.91 5.85 -32.20
N MET G 14 -21.59 6.21 -33.27
CA MET G 14 -20.92 6.64 -34.48
C MET G 14 -20.24 7.92 -34.15
N PRO G 15 -18.98 8.02 -34.51
CA PRO G 15 -18.33 9.28 -34.29
C PRO G 15 -19.03 10.34 -35.08
N ALA G 16 -19.12 11.53 -34.53
CA ALA G 16 -19.86 12.58 -35.17
C ALA G 16 -19.16 13.09 -36.38
N ALA G 17 -19.93 13.55 -37.34
CA ALA G 17 -19.36 13.98 -38.63
C ALA G 17 -18.74 15.37 -38.51
N VAL G 18 -17.65 15.58 -39.25
CA VAL G 18 -17.00 16.89 -39.30
C VAL G 18 -16.99 17.33 -40.76
N ALA G 19 -17.34 18.58 -41.01
CA ALA G 19 -17.39 19.08 -42.37
C ALA G 19 -15.98 19.42 -42.87
N VAL G 20 -15.77 19.22 -44.18
CA VAL G 20 -14.51 19.55 -44.84
C VAL G 20 -14.48 21.05 -45.06
N THR G 21 -13.59 21.75 -44.38
CA THR G 21 -13.53 23.20 -44.43
C THR G 21 -12.22 23.75 -44.98
N SER G 22 -11.27 22.89 -45.41
CA SER G 22 -9.98 23.42 -45.81
C SER G 22 -10.06 23.95 -47.23
N PRO G 23 -9.34 25.03 -47.54
CA PRO G 23 -9.37 25.58 -48.90
C PRO G 23 -8.54 24.72 -49.84
N GLN G 24 -8.70 24.97 -51.15
CA GLN G 24 -7.97 24.17 -52.13
C GLN G 24 -6.48 24.43 -52.01
N ALA G 25 -5.71 23.39 -52.32
CA ALA G 25 -4.28 23.49 -52.14
C ALA G 25 -3.62 24.21 -53.33
N ASP G 26 -2.43 24.77 -53.06
CA ASP G 26 -1.74 25.53 -54.09
C ASP G 26 -1.50 24.66 -55.32
N SER G 27 -1.89 25.19 -56.49
CA SER G 27 -1.77 24.48 -57.75
C SER G 27 -0.34 24.45 -58.29
N ALA G 28 0.57 25.19 -57.65
CA ALA G 28 1.84 25.55 -58.27
C ALA G 28 2.67 24.29 -58.56
N PRO G 29 3.30 24.22 -59.74
CA PRO G 29 4.21 23.09 -60.02
C PRO G 29 5.57 23.29 -59.40
N ALA G 30 6.22 22.16 -59.09
CA ALA G 30 7.53 22.20 -58.48
C ALA G 30 8.60 22.56 -59.50
N GLN G 31 9.74 22.99 -59.00
CA GLN G 31 10.89 23.31 -59.84
C GLN G 31 11.76 22.07 -60.07
N ARG G 32 12.30 21.97 -61.29
CA ARG G 32 13.24 20.91 -61.67
C ARG G 32 14.66 21.29 -61.33
N PHE G 33 15.45 20.27 -61.02
CA PHE G 33 16.87 20.45 -60.70
C PHE G 33 17.62 19.36 -61.45
N SER G 34 18.33 19.79 -62.52
CA SER G 34 18.97 18.93 -63.51
C SER G 34 20.35 18.51 -63.01
N LEU G 35 20.59 17.23 -62.95
CA LEU G 35 21.89 16.71 -62.54
C LEU G 35 22.79 16.51 -63.77
N PRO G 36 24.12 16.43 -63.58
CA PRO G 36 25.00 16.26 -64.77
C PRO G 36 24.64 15.08 -65.64
N GLN G 37 24.46 13.88 -65.06
CA GLN G 37 24.14 12.64 -65.76
C GLN G 37 22.74 12.65 -66.39
N GLY G 38 22.04 13.78 -66.26
CA GLY G 38 20.86 14.10 -67.03
C GLY G 38 19.52 14.05 -66.32
N CYS G 39 19.45 13.60 -65.07
CA CYS G 39 18.16 13.40 -64.43
C CYS G 39 17.79 14.58 -63.53
N HIS G 40 16.51 14.62 -63.16
CA HIS G 40 15.99 15.66 -62.29
C HIS G 40 15.63 15.13 -60.91
N PHE G 41 15.66 16.05 -59.97
CA PHE G 41 14.82 15.95 -58.79
C PHE G 41 13.96 17.21 -58.74
N ARG G 42 12.78 17.09 -58.14
CA ARG G 42 11.76 18.13 -58.17
C ARG G 42 11.45 18.52 -56.73
N THR G 43 11.40 19.83 -56.48
CA THR G 43 11.13 20.35 -55.14
C THR G 43 10.69 21.78 -55.27
N PHE G 44 10.58 22.48 -54.13
CA PHE G 44 10.13 23.87 -54.12
C PHE G 44 11.19 24.77 -53.51
N TRP G 45 11.36 25.96 -54.07
CA TRP G 45 12.37 26.90 -53.60
C TRP G 45 11.92 28.29 -53.94
N ARG G 46 11.29 28.97 -52.99
CA ARG G 46 10.88 30.34 -53.22
C ARG G 46 12.04 31.18 -52.76
N ASP G 47 12.53 32.05 -53.61
CA ASP G 47 13.72 32.78 -53.22
C ASP G 47 13.44 33.93 -52.31
N GLU G 48 13.79 33.76 -51.05
CA GLU G 48 13.63 34.84 -50.11
C GLU G 48 15.00 35.43 -49.91
N ALA G 49 15.73 35.64 -51.01
CA ALA G 49 17.10 36.16 -50.94
C ALA G 49 17.89 35.31 -50.00
N ASN G 50 17.67 34.01 -50.05
CA ASN G 50 18.33 33.12 -49.15
C ASN G 50 19.78 33.13 -49.48
N GLY G 51 20.09 32.95 -50.75
CA GLY G 51 21.48 32.83 -51.14
C GLY G 51 21.80 31.44 -50.67
N GLY G 52 20.83 30.55 -50.82
CA GLY G 52 21.00 29.22 -50.32
C GLY G 52 21.62 28.28 -51.29
N SER G 53 22.31 27.29 -50.78
CA SER G 53 22.91 26.27 -51.62
C SER G 53 22.43 24.88 -51.21
N LEU G 54 22.25 24.01 -52.21
CA LEU G 54 21.83 22.63 -52.04
C LEU G 54 22.85 21.73 -52.73
N PHE G 55 23.42 20.79 -51.99
CA PHE G 55 24.53 19.97 -52.46
C PHE G 55 24.16 18.49 -52.51
N ILE G 56 24.20 17.92 -53.73
CA ILE G 56 24.04 16.50 -53.97
C ILE G 56 25.50 15.91 -54.17
N PRO G 57 26.00 15.12 -53.17
CA PRO G 57 27.34 14.60 -53.40
C PRO G 57 27.38 13.44 -54.32
N ALA G 58 28.58 13.15 -54.79
CA ALA G 58 28.74 12.03 -55.67
C ALA G 58 28.95 10.85 -54.82
N GLY G 59 28.46 9.71 -55.27
CA GLY G 59 28.56 8.52 -54.47
C GLY G 59 27.50 7.58 -54.99
N ASP G 60 27.47 6.37 -54.46
CA ASP G 60 26.53 5.39 -54.96
C ASP G 60 25.21 5.49 -54.24
N ALA G 61 25.15 6.37 -53.25
CA ALA G 61 23.93 6.55 -52.51
C ALA G 61 22.87 7.08 -53.43
N LEU G 62 23.18 8.15 -54.14
CA LEU G 62 22.24 8.72 -55.07
C LEU G 62 22.69 8.51 -56.52
N ARG G 63 21.78 8.17 -57.40
CA ARG G 63 22.11 7.83 -58.79
C ARG G 63 20.91 8.16 -59.67
N CYS G 64 21.17 8.39 -60.94
CA CYS G 64 20.11 8.76 -61.83
C CYS G 64 19.48 7.48 -62.27
N GLY G 65 18.17 7.46 -62.30
CA GLY G 65 17.50 6.25 -62.68
C GLY G 65 17.01 6.38 -64.08
N GLU G 66 16.43 5.33 -64.61
CA GLU G 66 16.02 5.36 -65.99
C GLU G 66 14.67 6.03 -66.14
N ASP G 67 14.06 6.38 -65.02
CA ASP G 67 12.78 7.05 -65.06
C ASP G 67 12.95 8.53 -65.33
N GLY G 68 14.16 9.03 -65.18
CA GLY G 68 14.42 10.42 -65.41
C GLY G 68 14.46 11.15 -64.12
N TRP G 69 14.60 10.41 -63.03
CA TRP G 69 14.59 11.02 -61.73
C TRP G 69 15.74 10.58 -60.87
N LEU G 70 16.19 11.45 -59.99
CA LEU G 70 17.20 11.06 -59.02
C LEU G 70 16.61 9.97 -58.11
N GLN G 71 17.44 8.99 -57.75
CA GLN G 71 16.99 7.85 -56.97
C GLN G 71 18.00 7.54 -55.89
N GLY G 72 17.49 6.94 -54.82
CA GLY G 72 18.29 6.47 -53.72
C GLY G 72 18.11 7.36 -52.51
N SER G 73 18.96 7.11 -51.52
CA SER G 73 18.84 7.80 -50.24
C SER G 73 20.23 8.12 -49.72
N GLY G 74 20.53 9.42 -49.59
CA GLY G 74 21.81 9.86 -49.07
C GLY G 74 21.74 11.20 -48.37
N ALA G 75 22.86 11.61 -47.79
CA ALA G 75 22.95 12.88 -47.08
C ALA G 75 23.15 14.02 -48.09
N VAL G 76 22.24 15.00 -48.07
CA VAL G 76 22.32 16.23 -48.85
C VAL G 76 22.79 17.35 -47.94
N THR G 77 23.60 18.28 -48.46
CA THR G 77 24.09 19.39 -47.64
C THR G 77 23.44 20.71 -48.06
N LEU G 78 22.67 21.32 -47.16
CA LEU G 78 22.07 22.62 -47.42
C LEU G 78 22.79 23.69 -46.61
N GLN G 79 23.01 24.85 -47.21
CA GLN G 79 23.76 25.89 -46.53
C GLN G 79 23.16 27.25 -46.77
N GLN G 80 22.64 27.86 -45.71
CA GLN G 80 22.04 29.21 -45.84
C GLN G 80 22.39 30.04 -44.61
N GLY G 81 22.91 31.24 -44.84
CA GLY G 81 23.15 32.11 -43.72
C GLY G 81 24.00 31.53 -42.61
N GLY G 82 25.06 30.83 -42.95
CA GLY G 82 25.95 30.33 -41.94
C GLY G 82 25.68 28.91 -41.54
N GLN G 83 24.43 28.58 -41.30
CA GLN G 83 24.12 27.24 -40.83
C GLN G 83 24.14 26.21 -41.94
N THR G 84 24.70 25.06 -41.64
CA THR G 84 24.74 23.99 -42.60
C THR G 84 23.92 22.85 -42.07
N LEU G 85 23.02 22.31 -42.87
CA LEU G 85 22.18 21.21 -42.46
C LEU G 85 22.54 20.03 -43.33
N SER G 86 22.55 18.82 -42.77
CA SER G 86 22.84 17.63 -43.58
C SER G 86 21.80 16.53 -43.38
N PRO G 87 20.57 16.75 -43.79
CA PRO G 87 19.56 15.68 -43.71
C PRO G 87 19.83 14.60 -44.74
N THR G 88 19.61 13.34 -44.38
CA THR G 88 19.63 12.31 -45.42
C THR G 88 18.23 12.27 -46.03
N LEU G 89 18.17 12.46 -47.35
CA LEU G 89 16.94 12.49 -48.14
C LEU G 89 16.82 11.24 -48.97
N TRP G 90 15.57 10.81 -49.15
CA TRP G 90 15.22 9.65 -49.97
C TRP G 90 14.39 10.16 -51.13
N PHE G 91 14.69 9.70 -52.34
CA PHE G 91 14.03 10.30 -53.50
C PHE G 91 12.99 9.35 -54.05
N LEU G 92 11.76 9.81 -54.08
CA LEU G 92 10.65 9.05 -54.64
C LEU G 92 10.00 9.86 -55.75
N GLN G 93 10.01 9.32 -56.96
CA GLN G 93 9.43 9.99 -58.12
C GLN G 93 10.05 11.37 -58.33
N GLY G 94 11.32 11.52 -57.96
CA GLY G 94 12.05 12.77 -58.09
C GLY G 94 11.88 13.75 -56.94
N TYR G 95 10.99 13.44 -55.95
CA TYR G 95 10.71 14.25 -54.77
C TYR G 95 11.66 13.88 -53.65
N PRO G 96 12.27 14.86 -52.96
CA PRO G 96 13.10 14.54 -51.79
C PRO G 96 12.26 14.43 -50.50
N LEU G 97 12.33 13.29 -49.80
CA LEU G 97 11.53 13.05 -48.61
C LEU G 97 12.45 12.80 -47.42
N ALA G 98 12.12 13.43 -46.30
CA ALA G 98 12.88 13.32 -45.06
C ALA G 98 12.13 12.50 -44.01
N GLN G 99 12.90 11.76 -43.22
CA GLN G 99 12.43 11.00 -42.07
C GLN G 99 11.64 9.74 -42.43
N VAL G 100 11.46 9.45 -43.73
CA VAL G 100 10.80 8.24 -44.22
C VAL G 100 11.63 7.68 -45.36
N ASN G 101 11.80 6.35 -45.39
CA ASN G 101 12.58 5.69 -46.44
C ASN G 101 11.90 4.38 -46.81
N GLY G 102 11.33 4.28 -48.01
CA GLY G 102 10.62 3.06 -48.31
C GLY G 102 11.07 2.31 -49.55
N GLY G 103 12.39 2.24 -49.77
CA GLY G 103 12.92 1.85 -51.08
C GLY G 103 12.35 0.60 -51.69
N ASP G 104 12.34 -0.52 -50.95
CA ASP G 104 11.89 -1.78 -51.51
C ASP G 104 10.35 -1.87 -51.62
N ARG G 105 9.59 -0.99 -50.93
CA ARG G 105 8.19 -0.90 -51.32
C ARG G 105 8.08 0.03 -52.54
N ALA G 106 6.87 0.18 -53.09
CA ALA G 106 6.67 0.97 -54.33
C ALA G 106 5.52 1.95 -54.10
N LEU G 107 5.79 2.96 -53.29
CA LEU G 107 4.76 3.86 -52.83
C LEU G 107 4.36 4.82 -53.94
N THR G 108 3.25 5.48 -53.74
CA THR G 108 2.75 6.45 -54.70
C THR G 108 2.58 7.80 -54.02
N VAL G 109 2.93 8.86 -54.75
CA VAL G 109 2.75 10.21 -54.26
C VAL G 109 1.35 10.66 -54.69
N VAL G 110 0.45 10.72 -53.72
CA VAL G 110 -0.95 11.02 -54.00
C VAL G 110 -1.11 12.50 -54.37
N SER G 111 -0.34 13.36 -53.70
CA SER G 111 -0.38 14.79 -53.91
C SER G 111 0.96 15.36 -53.47
N ALA G 112 1.45 16.34 -54.22
CA ALA G 112 2.68 17.01 -53.84
C ALA G 112 2.53 18.46 -54.28
N ASN G 113 2.80 19.39 -53.36
CA ASN G 113 2.75 20.82 -53.68
C ASN G 113 3.62 21.55 -52.66
N ALA G 114 3.55 22.88 -52.70
CA ALA G 114 4.46 23.69 -51.91
C ALA G 114 4.23 23.58 -50.42
N GLN G 115 3.05 23.10 -49.98
CA GLN G 115 2.66 23.01 -48.55
C GLN G 115 2.86 21.62 -47.96
N ARG G 116 2.38 20.57 -48.62
CA ARG G 116 2.47 19.22 -48.07
C ARG G 116 2.45 18.17 -49.19
N LEU G 117 2.88 16.96 -48.84
CA LEU G 117 2.90 15.81 -49.72
C LEU G 117 2.22 14.61 -49.07
N ILE G 118 1.42 13.87 -49.84
CA ILE G 118 0.69 12.70 -49.34
C ILE G 118 1.29 11.43 -49.91
N LEU G 119 1.71 10.54 -49.03
CA LEU G 119 2.30 9.27 -49.37
C LEU G 119 1.21 8.19 -49.34
N GLY G 120 1.06 7.45 -50.43
CA GLY G 120 0.05 6.40 -50.47
C GLY G 120 0.52 5.06 -51.03
N GLY G 121 -0.42 4.23 -51.44
CA GLY G 121 -0.09 2.96 -52.07
C GLY G 121 0.80 2.02 -51.27
N ASN G 122 0.57 1.91 -49.95
CA ASN G 122 1.20 0.86 -49.18
C ASN G 122 0.33 -0.39 -49.27
N PRO G 123 0.76 -1.45 -49.96
CA PRO G 123 -0.12 -2.63 -50.11
C PRO G 123 -0.47 -3.27 -48.79
N GLN G 124 0.42 -3.18 -47.78
CA GLN G 124 0.21 -3.83 -46.50
C GLN G 124 -0.89 -3.19 -45.67
N ALA G 125 -1.36 -1.98 -46.02
CA ALA G 125 -2.50 -1.31 -45.40
C ALA G 125 -3.03 -0.22 -46.33
N PRO G 126 -3.73 -0.59 -47.40
CA PRO G 126 -4.28 0.44 -48.28
C PRO G 126 -5.31 1.29 -47.54
N GLY G 127 -5.66 2.41 -48.17
CA GLY G 127 -6.53 3.34 -47.48
C GLY G 127 -5.88 4.13 -46.37
N SER G 128 -4.59 3.90 -46.08
CA SER G 128 -3.83 4.71 -45.14
C SER G 128 -2.79 5.54 -45.90
N PHE G 129 -2.42 6.67 -45.31
CA PHE G 129 -1.60 7.66 -45.99
C PHE G 129 -0.68 8.32 -44.99
N LEU G 130 0.52 8.67 -45.43
CA LEU G 130 1.37 9.49 -44.58
C LEU G 130 1.28 10.93 -45.04
N LEU G 131 1.38 11.87 -44.10
CA LEU G 131 1.38 13.29 -44.43
C LEU G 131 2.74 13.86 -44.08
N LEU G 132 3.37 14.51 -45.06
CA LEU G 132 4.67 15.14 -44.89
C LEU G 132 4.49 16.63 -45.18
N THR G 133 5.03 17.47 -44.32
CA THR G 133 4.92 18.92 -44.50
C THR G 133 6.19 19.45 -45.14
N PHE G 134 6.04 20.43 -46.02
CA PHE G 134 7.22 21.00 -46.65
C PHE G 134 8.03 21.83 -45.67
N GLU G 135 9.34 21.61 -45.64
CA GLU G 135 10.23 22.39 -44.79
C GLU G 135 11.15 23.18 -45.72
N PRO G 136 10.90 24.49 -45.92
CA PRO G 136 11.71 25.25 -46.88
C PRO G 136 13.19 25.28 -46.53
N GLN G 137 13.51 25.13 -45.25
CA GLN G 137 14.89 25.10 -44.78
C GLN G 137 15.64 23.89 -45.32
N LEU G 138 14.91 22.83 -45.65
CA LEU G 138 15.46 21.60 -46.19
C LEU G 138 15.22 21.44 -47.69
N HIS G 139 14.36 22.29 -48.27
CA HIS G 139 13.91 22.17 -49.66
C HIS G 139 13.44 20.76 -49.94
N ALA G 140 12.73 20.20 -48.96
CA ALA G 140 12.23 18.83 -48.98
C ALA G 140 10.96 18.75 -48.14
N TRP G 141 10.21 17.68 -48.36
CA TRP G 141 9.09 17.32 -47.50
C TRP G 141 9.57 16.39 -46.38
N ALA G 142 9.08 16.64 -45.17
CA ALA G 142 9.49 15.87 -44.01
C ALA G 142 8.27 15.22 -43.36
N PHE G 143 8.48 14.00 -42.85
CA PHE G 143 7.45 13.28 -42.10
C PHE G 143 7.62 13.53 -40.61
N ASN G 144 6.51 13.80 -39.92
CA ASN G 144 6.58 14.14 -38.51
C ASN G 144 5.71 13.25 -37.64
N GLY G 145 4.99 12.29 -38.21
CA GLY G 145 4.22 11.37 -37.43
C GLY G 145 2.77 11.33 -37.88
N GLU G 146 2.36 12.29 -38.69
CA GLU G 146 0.95 12.38 -39.04
C GLU G 146 0.59 11.38 -40.15
N ALA G 147 -0.42 10.53 -39.88
CA ALA G 147 -0.94 9.60 -40.87
C ALA G 147 -2.46 9.72 -40.93
N ILE G 148 -3.02 9.52 -42.12
CA ILE G 148 -4.46 9.54 -42.37
C ILE G 148 -4.91 8.10 -42.56
N VAL G 149 -6.06 7.76 -41.99
CA VAL G 149 -6.68 6.45 -42.19
C VAL G 149 -8.10 6.68 -42.70
N GLU G 150 -8.38 6.14 -43.89
CA GLU G 150 -9.70 6.24 -44.53
C GLU G 150 -10.57 5.12 -43.99
N MET G 151 -11.61 5.48 -43.25
CA MET G 151 -12.51 4.50 -42.65
C MET G 151 -13.89 5.12 -42.66
N PRO G 152 -14.92 4.42 -43.11
CA PRO G 152 -16.26 5.00 -43.06
C PRO G 152 -16.71 5.21 -41.62
N ARG G 153 -17.45 6.31 -41.39
CA ARG G 153 -17.90 6.60 -40.03
C ARG G 153 -18.76 5.49 -39.46
N VAL G 154 -19.52 4.80 -40.32
CA VAL G 154 -20.31 3.66 -39.87
C VAL G 154 -19.42 2.61 -39.23
N ASP G 155 -18.33 2.25 -39.92
CA ASP G 155 -17.43 1.25 -39.36
C ASP G 155 -16.74 1.73 -38.08
N ALA G 156 -16.66 3.04 -37.86
CA ALA G 156 -15.95 3.57 -36.70
C ALA G 156 -16.75 3.51 -35.40
N ALA G 157 -18.04 3.18 -35.47
CA ALA G 157 -18.76 2.85 -34.24
C ALA G 157 -18.14 1.66 -33.53
N ASP G 158 -17.84 0.60 -34.27
CA ASP G 158 -17.27 -0.61 -33.66
C ASP G 158 -15.85 -0.34 -33.17
N GLU G 159 -15.65 -0.39 -31.86
CA GLU G 159 -14.37 -0.01 -31.29
C GLU G 159 -13.26 -0.99 -31.63
N THR G 160 -13.59 -2.26 -31.82
CA THR G 160 -12.49 -3.13 -32.23
C THR G 160 -12.11 -2.88 -33.68
N LYS G 161 -13.05 -2.36 -34.48
CA LYS G 161 -12.73 -2.00 -35.86
C LYS G 161 -11.74 -0.83 -35.90
N ILE G 162 -11.95 0.18 -35.07
CA ILE G 162 -10.97 1.27 -34.99
C ILE G 162 -9.61 0.71 -34.59
N LYS G 163 -9.58 -0.09 -33.51
CA LYS G 163 -8.30 -0.62 -33.07
C LYS G 163 -7.62 -1.43 -34.18
N GLN G 164 -8.40 -2.17 -34.97
CA GLN G 164 -7.81 -3.03 -35.99
C GLN G 164 -7.21 -2.19 -37.12
N ARG G 165 -7.97 -1.21 -37.60
CA ARG G 165 -7.50 -0.37 -38.69
C ARG G 165 -6.25 0.41 -38.30
N VAL G 166 -6.28 1.11 -37.15
CA VAL G 166 -5.10 1.91 -36.83
C VAL G 166 -3.92 1.00 -36.49
N GLN G 167 -4.16 -0.16 -35.89
CA GLN G 167 -3.02 -1.00 -35.58
C GLN G 167 -2.46 -1.73 -36.81
N GLN G 168 -3.27 -1.89 -37.86
CA GLN G 168 -2.78 -2.40 -39.14
C GLN G 168 -1.90 -1.37 -39.83
N ALA G 169 -2.38 -0.12 -39.92
CA ALA G 169 -1.58 0.94 -40.50
C ALA G 169 -0.28 1.15 -39.74
N GLN G 170 -0.29 0.97 -38.41
CA GLN G 170 0.94 1.26 -37.69
C GLN G 170 2.02 0.21 -37.99
N THR G 171 1.65 -1.08 -38.06
CA THR G 171 2.65 -2.08 -38.45
C THR G 171 3.00 -2.03 -39.93
N ALA G 172 2.11 -1.48 -40.77
CA ALA G 172 2.40 -1.39 -42.20
C ALA G 172 3.35 -0.25 -42.53
N TRP G 173 3.36 0.81 -41.71
CA TRP G 173 4.24 1.94 -41.99
C TRP G 173 5.50 1.96 -41.14
N GLN G 174 5.49 1.55 -39.86
CA GLN G 174 6.66 1.75 -39.01
C GLN G 174 7.98 1.16 -39.53
N PRO G 175 8.04 0.04 -40.26
CA PRO G 175 9.35 -0.43 -40.75
C PRO G 175 10.09 0.59 -41.61
N LEU G 176 9.39 1.57 -42.19
CA LEU G 176 9.96 2.60 -43.06
C LEU G 176 10.34 3.89 -42.33
N LEU G 177 10.17 3.96 -41.00
CA LEU G 177 10.29 5.19 -40.24
C LEU G 177 11.62 5.30 -39.47
N SER G 178 11.96 6.56 -39.16
CA SER G 178 13.20 6.91 -38.48
C SER G 178 12.86 7.66 -37.21
N ALA G 181 9.54 10.65 -33.03
CA ALA G 181 8.10 10.61 -32.73
C ALA G 181 7.44 9.25 -33.07
N PRO G 182 6.34 8.92 -32.37
CA PRO G 182 5.45 7.83 -32.83
C PRO G 182 4.34 8.36 -33.72
N LEU G 183 3.52 7.46 -34.26
CA LEU G 183 2.49 7.89 -35.21
C LEU G 183 1.26 8.46 -34.53
N THR G 184 0.57 9.34 -35.25
CA THR G 184 -0.71 9.91 -34.86
C THR G 184 -1.64 9.76 -36.04
N PHE G 185 -2.75 9.07 -35.86
CA PHE G 185 -3.64 8.73 -36.94
C PHE G 185 -4.88 9.58 -36.88
N LYS G 186 -5.25 10.18 -37.99
CA LYS G 186 -6.51 10.90 -38.07
C LYS G 186 -7.40 10.09 -38.99
N LEU G 187 -8.53 9.63 -38.45
CA LEU G 187 -9.49 8.90 -39.26
C LEU G 187 -10.37 9.89 -40.02
N VAL G 188 -10.60 9.62 -41.30
CA VAL G 188 -11.46 10.47 -42.11
C VAL G 188 -12.21 9.61 -43.10
N GLU G 189 -13.39 10.08 -43.50
CA GLU G 189 -14.19 9.25 -44.40
C GLU G 189 -13.52 9.14 -45.77
N LYS G 190 -12.88 10.21 -46.23
CA LYS G 190 -12.25 10.27 -47.54
C LYS G 190 -11.07 11.21 -47.43
N LEU G 191 -9.94 10.79 -47.99
CA LEU G 191 -8.78 11.66 -48.08
C LEU G 191 -9.13 12.90 -48.89
N ALA G 192 -8.68 14.06 -48.42
CA ALA G 192 -8.97 15.32 -49.12
C ALA G 192 -7.71 15.74 -49.89
N ALA G 193 -7.47 15.00 -50.99
CA ALA G 193 -6.16 15.08 -51.61
C ALA G 193 -5.92 16.43 -52.25
N ASP G 194 -6.99 17.16 -52.56
CA ASP G 194 -7.02 18.45 -53.24
C ASP G 194 -6.91 19.66 -52.30
N ARG G 195 -6.90 19.47 -50.98
CA ARG G 195 -7.02 20.58 -50.06
C ARG G 195 -5.75 20.75 -49.20
N VAL G 196 -5.70 21.86 -48.48
CA VAL G 196 -4.46 22.20 -47.77
C VAL G 196 -4.20 21.22 -46.65
N ASP G 197 -5.25 20.88 -45.88
CA ASP G 197 -5.21 19.84 -44.86
C ASP G 197 -5.94 18.63 -45.43
N PRO G 198 -5.25 17.63 -45.95
CA PRO G 198 -5.96 16.46 -46.49
C PRO G 198 -6.78 15.73 -45.45
N ALA G 199 -6.53 16.01 -44.16
CA ALA G 199 -7.25 15.49 -43.00
C ALA G 199 -8.49 16.30 -42.64
N SER G 200 -8.79 17.37 -43.38
CA SER G 200 -9.95 18.16 -43.04
C SER G 200 -11.18 17.27 -43.12
N GLY G 201 -12.03 17.33 -42.09
CA GLY G 201 -13.12 16.39 -41.95
C GLY G 201 -12.84 15.17 -41.09
N SER G 202 -11.64 15.04 -40.53
CA SER G 202 -11.35 13.95 -39.61
C SER G 202 -12.33 13.98 -38.44
N TYR G 203 -12.82 12.81 -38.05
CA TYR G 203 -13.81 12.66 -36.99
C TYR G 203 -13.22 12.06 -35.72
N LEU G 204 -11.96 11.65 -35.75
CA LEU G 204 -11.32 11.05 -34.59
C LEU G 204 -9.82 10.95 -34.83
N SER G 205 -9.04 11.04 -33.75
CA SER G 205 -7.59 10.94 -33.82
C SER G 205 -7.10 9.96 -32.76
N VAL G 206 -6.29 9.00 -33.17
CA VAL G 206 -5.71 7.98 -32.28
C VAL G 206 -4.20 8.19 -32.23
N ASN G 207 -3.67 8.46 -31.04
CA ASN G 207 -2.25 8.72 -30.85
C ASN G 207 -1.55 7.51 -30.28
N GLY G 208 -0.35 7.20 -30.80
CA GLY G 208 0.43 6.09 -30.33
C GLY G 208 1.54 6.52 -29.37
N ALA G 209 2.10 5.51 -28.70
CA ALA G 209 3.12 5.71 -27.67
C ALA G 209 4.48 5.23 -28.13
N THR G 210 5.51 5.75 -27.48
CA THR G 210 6.87 5.22 -27.56
C THR G 210 7.20 4.54 -26.24
N HIS G 211 7.69 3.31 -26.31
CA HIS G 211 8.03 2.56 -25.10
C HIS G 211 9.38 3.03 -24.56
N LEU G 212 9.38 3.52 -23.32
CA LEU G 212 10.60 3.82 -22.59
C LEU G 212 10.89 2.70 -21.59
N GLU G 213 12.17 2.39 -21.40
CA GLU G 213 12.58 1.47 -20.36
C GLU G 213 14.07 1.68 -20.13
N GLY G 214 14.43 2.23 -18.99
CA GLY G 214 15.82 2.45 -18.69
C GLY G 214 16.00 3.15 -17.37
N SER G 215 17.06 3.92 -17.21
CA SER G 215 17.40 4.53 -15.93
C SER G 215 17.57 6.03 -16.10
N GLU G 216 16.74 6.80 -15.39
CA GLU G 216 16.83 8.26 -15.42
C GLU G 216 17.68 8.77 -14.26
N PHE G 217 18.55 9.72 -14.55
CA PHE G 217 19.35 10.40 -13.55
C PHE G 217 18.94 11.86 -13.56
N LYS G 218 18.68 12.39 -12.37
CA LYS G 218 18.17 13.76 -12.20
C LYS G 218 18.88 14.32 -10.98
N LEU G 219 19.78 15.27 -11.20
CA LEU G 219 20.63 15.71 -10.11
C LEU G 219 19.86 16.62 -9.16
N VAL G 220 19.95 16.31 -7.86
CA VAL G 220 19.36 17.11 -6.77
C VAL G 220 19.61 18.61 -6.93
N MET H 14 64.37 25.39 -38.14
CA MET H 14 63.61 24.80 -37.05
C MET H 14 62.54 25.75 -36.43
N PRO H 15 61.29 25.28 -36.35
CA PRO H 15 60.24 26.10 -35.75
C PRO H 15 60.59 26.52 -34.32
N ALA H 16 60.13 27.71 -33.95
CA ALA H 16 60.49 28.33 -32.69
C ALA H 16 59.64 27.82 -31.53
N ALA H 17 60.26 27.71 -30.35
CA ALA H 17 59.58 27.21 -29.17
C ALA H 17 58.50 28.18 -28.72
N VAL H 18 57.42 27.62 -28.17
CA VAL H 18 56.39 28.38 -27.50
C VAL H 18 56.34 27.86 -26.08
N ALA H 19 56.29 28.78 -25.11
CA ALA H 19 56.26 28.41 -23.71
C ALA H 19 54.86 27.96 -23.34
N VAL H 20 54.79 27.03 -22.39
CA VAL H 20 53.50 26.52 -21.91
C VAL H 20 52.90 27.55 -20.95
N THR H 21 51.76 28.13 -21.34
CA THR H 21 51.12 29.20 -20.61
C THR H 21 49.81 28.77 -19.96
N SER H 22 49.41 27.45 -20.11
CA SER H 22 48.11 27.12 -19.56
C SER H 22 48.23 26.76 -18.09
N PRO H 23 47.23 27.13 -17.30
CA PRO H 23 47.21 26.80 -15.88
C PRO H 23 46.83 25.34 -15.69
N GLN H 24 47.02 24.85 -14.47
CA GLN H 24 46.68 23.45 -14.18
C GLN H 24 45.17 23.23 -14.26
N ALA H 25 44.78 22.03 -14.65
CA ALA H 25 43.37 21.72 -14.87
C ALA H 25 42.70 21.40 -13.54
N ASP H 26 41.37 21.52 -13.55
CA ASP H 26 40.57 21.33 -12.32
C ASP H 26 40.85 19.96 -11.72
N SER H 27 41.16 19.94 -10.42
CA SER H 27 41.52 18.70 -9.73
C SER H 27 40.32 17.79 -9.46
N ALA H 28 39.09 18.30 -9.63
CA ALA H 28 37.91 17.62 -9.12
C ALA H 28 37.69 16.30 -9.86
N PRO H 29 37.34 15.24 -9.16
CA PRO H 29 36.99 13.98 -9.83
C PRO H 29 35.56 14.04 -10.36
N ALA H 30 35.27 13.09 -11.24
CA ALA H 30 33.92 13.02 -11.80
C ALA H 30 32.94 12.43 -10.78
N GLN H 31 31.66 12.59 -11.07
CA GLN H 31 30.61 11.94 -10.29
C GLN H 31 30.28 10.58 -10.89
N ARG H 32 29.96 9.64 -10.01
CA ARG H 32 29.57 8.29 -10.38
C ARG H 32 28.08 8.20 -10.63
N PHE H 33 27.70 7.27 -11.51
CA PHE H 33 26.30 7.03 -11.83
C PHE H 33 26.07 5.52 -11.81
N SER H 34 25.35 5.04 -10.77
CA SER H 34 25.16 3.63 -10.46
C SER H 34 23.98 3.08 -11.26
N LEU H 35 24.21 1.99 -12.00
CA LEU H 35 23.21 1.30 -12.81
C LEU H 35 22.55 0.15 -12.04
N PRO H 36 21.42 -0.37 -12.53
CA PRO H 36 20.79 -1.54 -11.84
C PRO H 36 21.73 -2.73 -11.57
N GLN H 37 22.48 -3.24 -12.58
CA GLN H 37 23.47 -4.30 -12.31
C GLN H 37 24.68 -3.89 -11.49
N GLY H 38 24.81 -2.64 -11.09
CA GLY H 38 25.81 -2.32 -10.11
C GLY H 38 27.04 -1.65 -10.66
N CYS H 39 27.08 -1.45 -11.98
CA CYS H 39 28.26 -0.92 -12.62
C CYS H 39 28.10 0.60 -12.72
N HIS H 40 29.21 1.27 -12.93
CA HIS H 40 29.23 2.72 -12.92
C HIS H 40 29.48 3.28 -14.31
N PHE H 41 28.98 4.48 -14.54
CA PHE H 41 29.64 5.34 -15.51
C PHE H 41 29.96 6.65 -14.83
N ARG H 42 31.02 7.30 -15.29
CA ARG H 42 31.56 8.46 -14.59
C ARG H 42 31.56 9.64 -15.55
N THR H 43 31.07 10.80 -15.08
CA THR H 43 31.04 12.03 -15.91
C THR H 43 30.88 13.24 -14.99
N PHE H 44 30.67 14.44 -15.56
CA PHE H 44 30.60 15.70 -14.81
C PHE H 44 29.26 16.41 -15.00
N TRP H 45 28.74 16.98 -13.90
CA TRP H 45 27.38 17.50 -13.85
C TRP H 45 27.33 18.28 -12.56
N ARG H 46 27.52 19.60 -12.71
CA ARG H 46 27.36 20.52 -11.57
C ARG H 46 25.98 21.09 -11.89
N ASP H 47 24.91 20.37 -11.53
CA ASP H 47 23.53 20.79 -11.88
C ASP H 47 23.45 22.30 -11.73
N GLU H 48 23.13 22.98 -12.83
CA GLU H 48 22.94 24.45 -12.74
C GLU H 48 21.48 24.66 -12.36
N ALA H 49 20.93 23.77 -11.52
CA ALA H 49 19.50 23.85 -11.18
C ALA H 49 18.69 23.90 -12.47
N ASN H 50 19.20 23.25 -13.52
CA ASN H 50 18.51 23.25 -14.83
C ASN H 50 17.61 22.01 -14.91
N GLY H 51 17.70 21.13 -13.90
CA GLY H 51 16.84 19.93 -13.86
C GLY H 51 17.01 19.09 -15.11
N GLY H 52 18.27 18.75 -15.44
CA GLY H 52 18.53 17.98 -16.66
C GLY H 52 18.17 16.53 -16.45
N SER H 53 17.93 15.79 -17.53
CA SER H 53 17.63 14.35 -17.42
C SER H 53 18.63 13.54 -18.24
N LEU H 54 19.16 12.46 -17.67
CA LEU H 54 20.04 11.56 -18.43
C LEU H 54 19.44 10.17 -18.41
N PHE H 55 19.17 9.61 -19.59
CA PHE H 55 18.47 8.33 -19.74
C PHE H 55 19.39 7.32 -20.41
N ILE H 56 19.67 6.22 -19.72
CA ILE H 56 20.36 5.07 -20.27
C ILE H 56 19.29 4.02 -20.63
N PRO H 57 19.05 3.76 -21.91
CA PRO H 57 18.02 2.77 -22.27
C PRO H 57 18.50 1.36 -21.95
N ALA H 58 17.55 0.45 -21.88
CA ALA H 58 17.88 -0.92 -21.63
C ALA H 58 18.05 -1.56 -22.97
N GLY H 59 19.01 -2.45 -23.05
CA GLY H 59 19.29 -3.08 -24.31
C GLY H 59 20.63 -3.73 -24.27
N ASP H 60 21.03 -4.31 -25.38
CA ASP H 60 22.29 -5.00 -25.43
C ASP H 60 23.39 -4.06 -25.82
N ALA H 61 23.02 -2.91 -26.38
CA ALA H 61 24.00 -1.94 -26.81
C ALA H 61 24.82 -1.49 -25.64
N LEU H 62 24.16 -1.17 -24.56
CA LEU H 62 24.87 -0.76 -23.37
C LEU H 62 24.76 -1.84 -22.32
N ARG H 63 25.87 -2.21 -21.70
CA ARG H 63 25.87 -3.30 -20.76
C ARG H 63 26.90 -3.09 -19.70
N CYS H 64 26.67 -3.64 -18.52
CA CYS H 64 27.61 -3.54 -17.45
C CYS H 64 28.71 -4.53 -17.68
N GLY H 65 29.90 -4.20 -17.24
CA GLY H 65 31.02 -5.09 -17.45
C GLY H 65 31.65 -5.50 -16.17
N GLU H 66 32.63 -6.39 -16.26
CA GLU H 66 33.23 -6.92 -15.05
C GLU H 66 34.29 -6.01 -14.48
N ASP H 67 34.53 -4.89 -15.15
CA ASP H 67 35.46 -3.92 -14.66
C ASP H 67 34.78 -2.96 -13.70
N GLY H 68 33.45 -2.96 -13.75
CA GLY H 68 32.71 -2.06 -12.90
C GLY H 68 32.30 -0.84 -13.66
N TRP H 69 32.42 -0.88 -14.97
CA TRP H 69 32.04 0.24 -15.81
C TRP H 69 31.01 -0.18 -16.86
N LEU H 70 30.13 0.75 -17.18
CA LEU H 70 29.25 0.60 -18.33
C LEU H 70 30.09 0.54 -19.62
N GLN H 71 29.66 -0.31 -20.56
CA GLN H 71 30.42 -0.57 -21.77
C GLN H 71 29.51 -0.59 -22.98
N GLY H 72 30.09 -0.26 -24.12
CA GLY H 72 29.41 -0.30 -25.39
C GLY H 72 29.15 1.10 -25.93
N SER H 73 28.32 1.14 -26.96
CA SER H 73 28.00 2.37 -27.67
C SER H 73 26.51 2.39 -27.96
N GLY H 74 25.79 3.35 -27.37
CA GLY H 74 24.37 3.48 -27.61
C GLY H 74 23.88 4.90 -27.49
N ALA H 75 22.60 5.10 -27.83
CA ALA H 75 21.98 6.41 -27.75
C ALA H 75 21.55 6.71 -26.32
N VAL H 76 22.10 7.76 -25.74
CA VAL H 76 21.74 8.27 -24.43
C VAL H 76 20.81 9.46 -24.62
N THR H 77 19.75 9.55 -23.84
CA THR H 77 18.79 10.62 -24.02
C THR H 77 18.93 11.66 -22.92
N LEU H 78 19.25 12.89 -23.30
CA LEU H 78 19.34 14.00 -22.37
C LEU H 78 18.15 14.93 -22.58
N GLN H 79 17.54 15.37 -21.48
CA GLN H 79 16.35 16.23 -21.52
C GLN H 79 16.55 17.38 -20.55
N GLN H 80 16.38 18.62 -21.01
CA GLN H 80 16.61 19.75 -20.10
C GLN H 80 15.82 20.98 -20.52
N GLY H 81 14.94 21.44 -19.63
CA GLY H 81 14.21 22.67 -19.88
C GLY H 81 13.53 22.70 -21.24
N GLY H 82 12.84 21.60 -21.59
CA GLY H 82 12.15 21.48 -22.86
C GLY H 82 13.00 20.85 -23.95
N GLN H 83 14.34 20.94 -23.82
CA GLN H 83 15.29 20.30 -24.73
C GLN H 83 15.13 18.78 -24.69
N THR H 84 15.28 18.11 -25.84
CA THR H 84 15.70 16.71 -25.83
C THR H 84 16.79 16.49 -26.89
N LEU H 85 17.93 15.94 -26.45
CA LEU H 85 19.05 15.51 -27.28
C LEU H 85 19.31 14.01 -27.14
N SER H 86 19.71 13.35 -28.22
CA SER H 86 20.05 11.93 -28.18
C SER H 86 21.39 11.66 -28.84
N PRO H 87 22.49 12.12 -28.25
CA PRO H 87 23.79 11.73 -28.79
C PRO H 87 24.02 10.27 -28.49
N THR H 88 24.53 9.52 -29.49
CA THR H 88 24.95 8.15 -29.23
C THR H 88 26.41 8.18 -28.77
N LEU H 89 26.63 7.75 -27.54
CA LEU H 89 27.92 7.79 -26.87
C LEU H 89 28.51 6.40 -26.71
N TRP H 90 29.84 6.37 -26.72
CA TRP H 90 30.65 5.18 -26.52
C TRP H 90 31.30 5.32 -25.16
N PHE H 91 31.33 4.25 -24.39
CA PHE H 91 31.83 4.32 -23.05
C PHE H 91 33.19 3.65 -22.99
N LEU H 92 34.20 4.41 -22.58
CA LEU H 92 35.55 3.91 -22.40
C LEU H 92 35.98 4.18 -20.96
N GLN H 93 36.29 3.10 -20.23
CA GLN H 93 36.69 3.20 -18.84
C GLN H 93 35.66 3.96 -18.03
N GLY H 94 34.38 3.82 -18.44
CA GLY H 94 33.26 4.46 -17.80
C GLY H 94 32.96 5.87 -18.24
N TYR H 95 33.79 6.46 -19.09
CA TYR H 95 33.60 7.83 -19.58
C TYR H 95 32.76 7.82 -20.84
N PRO H 96 31.73 8.67 -20.92
CA PRO H 96 30.91 8.78 -22.15
C PRO H 96 31.58 9.72 -23.15
N LEU H 97 31.84 9.20 -24.34
CA LEU H 97 32.54 9.94 -25.39
C LEU H 97 31.66 10.02 -26.62
N ALA H 98 31.59 11.21 -27.21
CA ALA H 98 30.82 11.45 -28.42
C ALA H 98 31.72 11.66 -29.63
N GLN H 99 31.21 11.26 -30.80
CA GLN H 99 31.81 11.46 -32.11
C GLN H 99 33.06 10.61 -32.36
N VAL H 100 33.44 9.77 -31.41
CA VAL H 100 34.52 8.81 -31.59
C VAL H 100 34.04 7.48 -31.06
N ASN H 101 34.35 6.38 -31.75
CA ASN H 101 34.00 5.04 -31.30
C ASN H 101 35.15 4.14 -31.65
N GLY H 102 35.98 3.83 -30.68
CA GLY H 102 37.13 3.00 -30.93
C GLY H 102 37.08 1.62 -30.32
N GLY H 103 35.97 0.93 -30.47
CA GLY H 103 35.82 -0.40 -29.91
C GLY H 103 36.95 -1.42 -29.96
N ASP H 104 37.44 -1.71 -31.15
CA ASP H 104 38.48 -2.72 -31.31
C ASP H 104 39.77 -2.43 -30.58
N ARG H 105 40.22 -1.18 -30.64
CA ARG H 105 41.56 -0.85 -30.08
C ARG H 105 41.52 -0.70 -28.56
N ALA H 106 42.69 -0.75 -27.94
CA ALA H 106 42.81 -0.60 -26.51
C ALA H 106 43.31 0.76 -26.23
N LEU H 107 42.44 1.74 -26.30
CA LEU H 107 42.85 3.10 -26.10
C LEU H 107 43.00 3.39 -24.64
N THR H 108 43.72 4.46 -24.34
CA THR H 108 43.93 4.81 -22.97
C THR H 108 43.40 6.19 -22.71
N VAL H 109 42.85 6.41 -21.53
CA VAL H 109 42.44 7.76 -21.17
C VAL H 109 43.61 8.44 -20.46
N VAL H 110 44.25 9.38 -21.15
CA VAL H 110 45.47 9.98 -20.64
C VAL H 110 45.16 10.89 -19.46
N SER H 111 44.08 11.67 -19.59
CA SER H 111 43.64 12.63 -18.60
C SER H 111 42.16 12.90 -18.81
N ALA H 112 41.42 13.10 -17.73
CA ALA H 112 40.00 13.42 -17.80
C ALA H 112 39.66 14.37 -16.67
N ASN H 113 38.96 15.45 -16.99
CA ASN H 113 38.52 16.39 -15.98
C ASN H 113 37.32 17.15 -16.55
N ALA H 114 36.83 18.13 -15.80
CA ALA H 114 35.59 18.78 -16.15
C ALA H 114 35.67 19.60 -17.44
N GLN H 115 36.88 19.89 -17.93
CA GLN H 115 37.11 20.75 -19.09
C GLN H 115 37.38 19.96 -20.37
N ARG H 116 38.25 18.95 -20.31
CA ARG H 116 38.63 18.19 -21.50
C ARG H 116 39.10 16.79 -21.11
N LEU H 117 39.10 15.90 -22.09
CA LEU H 117 39.61 14.54 -21.96
C LEU H 117 40.62 14.27 -23.08
N ILE H 118 41.71 13.59 -22.74
CA ILE H 118 42.75 13.23 -23.69
C ILE H 118 42.73 11.73 -23.94
N LEU H 119 42.59 11.35 -25.20
CA LEU H 119 42.58 9.97 -25.64
C LEU H 119 43.98 9.61 -26.11
N GLY H 120 44.54 8.54 -25.56
CA GLY H 120 45.87 8.10 -25.93
C GLY H 120 46.00 6.62 -26.24
N GLY H 121 47.22 6.08 -26.17
CA GLY H 121 47.43 4.65 -26.34
C GLY H 121 46.91 4.05 -27.63
N ASN H 122 47.08 4.75 -28.76
CA ASN H 122 46.76 4.15 -30.08
C ASN H 122 48.08 3.60 -30.60
N PRO H 123 48.21 2.27 -30.79
CA PRO H 123 49.50 1.69 -31.17
C PRO H 123 49.93 2.00 -32.61
N GLN H 124 48.98 2.37 -33.47
CA GLN H 124 49.33 2.60 -34.90
C GLN H 124 49.91 4.00 -35.08
N ALA H 125 49.90 4.81 -34.02
CA ALA H 125 50.50 6.16 -34.07
C ALA H 125 50.82 6.62 -32.65
N PRO H 126 51.73 5.96 -31.92
CA PRO H 126 52.10 6.40 -30.59
C PRO H 126 52.53 7.86 -30.69
N GLY H 127 52.46 8.59 -29.57
CA GLY H 127 52.85 10.02 -29.58
C GLY H 127 51.70 10.88 -30.06
N SER H 128 50.65 10.27 -30.57
CA SER H 128 49.46 11.01 -31.02
C SER H 128 48.36 10.92 -29.97
N PHE H 129 47.62 12.00 -29.78
CA PHE H 129 46.53 12.03 -28.81
C PHE H 129 45.35 12.75 -29.40
N LEU H 130 44.14 12.34 -29.00
CA LEU H 130 42.94 13.08 -29.34
C LEU H 130 42.55 13.96 -28.17
N LEU H 131 42.02 15.13 -28.47
CA LEU H 131 41.52 16.05 -27.47
C LEU H 131 40.02 16.17 -27.70
N LEU H 132 39.24 15.90 -26.65
CA LEU H 132 37.79 16.02 -26.65
C LEU H 132 37.41 17.04 -25.57
N THR H 133 36.50 17.94 -25.91
CA THR H 133 36.09 18.96 -24.94
C THR H 133 34.77 18.57 -24.27
N PHE H 134 34.66 18.87 -22.99
CA PHE H 134 33.44 18.51 -22.28
C PHE H 134 32.28 19.37 -22.75
N GLU H 135 31.14 18.73 -23.03
CA GLU H 135 29.94 19.42 -23.48
C GLU H 135 28.87 19.26 -22.41
N PRO H 136 28.63 20.25 -21.55
CA PRO H 136 27.70 20.04 -20.44
C PRO H 136 26.27 19.74 -20.86
N GLN H 137 25.78 20.22 -22.00
CA GLN H 137 24.43 19.79 -22.38
C GLN H 137 24.38 18.31 -22.75
N LEU H 138 25.52 17.69 -23.00
CA LEU H 138 25.59 16.26 -23.28
C LEU H 138 26.08 15.45 -22.09
N HIS H 139 26.63 16.12 -21.07
CA HIS H 139 27.27 15.46 -19.92
C HIS H 139 28.29 14.42 -20.38
N ALA H 140 28.99 14.73 -21.46
CA ALA H 140 29.96 13.83 -22.07
C ALA H 140 31.03 14.68 -22.76
N TRP H 141 32.19 14.06 -23.01
CA TRP H 141 33.23 14.69 -23.80
C TRP H 141 33.05 14.37 -25.28
N ALA H 142 33.21 15.38 -26.13
CA ALA H 142 32.91 15.26 -27.54
C ALA H 142 34.16 15.54 -28.35
N PHE H 143 34.27 14.85 -29.49
CA PHE H 143 35.34 15.06 -30.43
C PHE H 143 34.93 16.09 -31.46
N ASN H 144 35.84 17.03 -31.73
CA ASN H 144 35.56 18.09 -32.68
C ASN H 144 36.63 18.22 -33.74
N GLY H 145 37.69 17.42 -33.68
CA GLY H 145 38.72 17.39 -34.71
C GLY H 145 40.12 17.55 -34.16
N GLU H 146 40.23 17.92 -32.89
CA GLU H 146 41.51 18.34 -32.35
C GLU H 146 42.37 17.13 -31.97
N ALA H 147 43.59 17.05 -32.53
CA ALA H 147 44.57 16.03 -32.17
C ALA H 147 45.91 16.72 -31.87
N ILE H 148 46.64 16.17 -30.93
CA ILE H 148 47.96 16.65 -30.53
C ILE H 148 48.99 15.64 -31.00
N VAL H 149 50.13 16.12 -31.52
CA VAL H 149 51.22 15.23 -31.98
C VAL H 149 52.52 15.62 -31.29
N GLU H 150 53.12 14.64 -30.59
CA GLU H 150 54.38 14.82 -29.88
C GLU H 150 55.52 14.61 -30.86
N MET H 151 56.29 15.67 -31.12
CA MET H 151 57.42 15.58 -32.02
C MET H 151 58.50 16.51 -31.51
N PRO H 152 59.75 16.09 -31.47
CA PRO H 152 60.82 17.04 -31.17
C PRO H 152 60.90 18.09 -32.26
N ARG H 153 61.15 19.33 -31.83
CA ARG H 153 61.29 20.46 -32.75
C ARG H 153 62.45 20.26 -33.71
N VAL H 154 63.49 19.53 -33.29
CA VAL H 154 64.61 19.22 -34.17
C VAL H 154 64.12 18.46 -35.40
N ASP H 155 63.37 17.37 -35.20
CA ASP H 155 62.83 16.61 -36.33
C ASP H 155 61.81 17.39 -37.13
N ALA H 156 61.26 18.43 -36.56
CA ALA H 156 60.21 19.16 -37.25
C ALA H 156 60.78 20.12 -38.21
N ALA H 157 62.07 20.00 -38.44
CA ALA H 157 62.66 20.84 -39.44
C ALA H 157 62.41 20.10 -40.71
N ASP H 158 62.70 18.81 -40.72
CA ASP H 158 62.47 18.01 -41.90
C ASP H 158 61.01 18.07 -42.18
N GLU H 159 60.65 18.64 -43.30
CA GLU H 159 59.26 18.82 -43.61
C GLU H 159 58.65 17.50 -43.95
N THR H 160 59.46 16.61 -44.48
CA THR H 160 58.99 15.30 -44.80
C THR H 160 58.65 14.53 -43.54
N LYS H 161 59.31 14.84 -42.45
CA LYS H 161 59.05 14.15 -41.20
C LYS H 161 57.78 14.66 -40.56
N ILE H 162 57.48 15.93 -40.74
CA ILE H 162 56.24 16.45 -40.22
C ILE H 162 55.16 15.74 -40.93
N LYS H 163 55.29 15.64 -42.21
CA LYS H 163 54.23 15.04 -42.99
C LYS H 163 54.06 13.56 -42.72
N GLN H 164 55.12 12.91 -42.26
CA GLN H 164 55.06 11.46 -42.00
C GLN H 164 54.29 11.26 -40.69
N ARG H 165 54.63 12.04 -39.67
CA ARG H 165 54.00 11.89 -38.39
C ARG H 165 52.56 12.32 -38.42
N VAL H 166 52.26 13.37 -39.15
CA VAL H 166 50.92 13.89 -39.18
C VAL H 166 50.02 12.90 -39.90
N GLN H 167 50.53 12.31 -40.95
CA GLN H 167 49.72 11.39 -41.70
C GLN H 167 49.76 10.00 -41.12
N GLN H 168 50.52 9.81 -40.06
CA GLN H 168 50.51 8.53 -39.39
C GLN H 168 49.32 8.56 -38.50
N ALA H 169 49.20 9.62 -37.73
CA ALA H 169 48.07 9.75 -36.79
C ALA H 169 46.76 9.72 -37.56
N GLN H 170 46.71 10.42 -38.69
CA GLN H 170 45.44 10.51 -39.44
C GLN H 170 44.97 9.10 -39.77
N THR H 171 45.88 8.27 -40.27
CA THR H 171 45.49 6.90 -40.70
C THR H 171 45.18 6.04 -39.48
N ALA H 172 45.75 6.39 -38.33
CA ALA H 172 45.58 5.55 -37.12
C ALA H 172 44.34 5.96 -36.33
N TRP H 173 43.85 7.18 -36.53
CA TRP H 173 42.72 7.67 -35.70
C TRP H 173 41.45 7.77 -36.55
N GLN H 174 41.59 7.95 -37.85
CA GLN H 174 40.41 8.11 -38.74
C GLN H 174 39.43 6.98 -38.52
N PRO H 175 39.86 5.70 -38.54
CA PRO H 175 38.91 4.59 -38.45
C PRO H 175 37.97 4.72 -37.25
N LEU H 176 38.44 5.32 -36.15
CA LEU H 176 37.64 5.36 -34.91
C LEU H 176 36.88 6.68 -34.84
N LEU H 177 36.65 7.36 -35.96
CA LEU H 177 36.07 8.71 -35.87
C LEU H 177 34.74 8.78 -36.61
N SER H 178 34.00 9.86 -36.40
CA SER H 178 32.68 10.04 -37.06
C SER H 178 32.68 11.36 -37.83
N ALA H 181 33.59 17.25 -39.03
CA ALA H 181 34.85 17.96 -39.22
C ALA H 181 36.03 17.02 -39.58
N PRO H 182 37.06 17.57 -40.29
CA PRO H 182 38.30 16.81 -40.49
C PRO H 182 39.28 17.04 -39.35
N LEU H 183 40.42 16.39 -39.40
CA LEU H 183 41.39 16.47 -38.31
C LEU H 183 42.26 17.73 -38.38
N THR H 184 42.72 18.17 -37.21
CA THR H 184 43.65 19.29 -37.06
C THR H 184 44.69 18.89 -36.04
N PHE H 185 45.96 18.90 -36.42
CA PHE H 185 47.03 18.43 -35.57
C PHE H 185 47.80 19.63 -35.06
N LYS H 186 48.00 19.67 -33.74
CA LYS H 186 48.83 20.67 -33.11
C LYS H 186 50.08 19.95 -32.62
N LEU H 187 51.24 20.32 -33.16
CA LEU H 187 52.52 19.72 -32.78
C LEU H 187 53.05 20.36 -31.51
N VAL H 188 53.51 19.53 -30.57
CA VAL H 188 54.10 20.03 -29.33
C VAL H 188 55.23 19.08 -28.91
N GLU H 189 56.21 19.65 -28.20
CA GLU H 189 57.35 18.84 -27.77
C GLU H 189 56.95 17.82 -26.72
N LYS H 190 55.99 18.19 -25.88
CA LYS H 190 55.62 17.47 -24.66
C LYS H 190 54.12 17.63 -24.47
N LEU H 191 53.39 16.51 -24.36
CA LEU H 191 51.99 16.65 -24.04
C LEU H 191 51.87 17.27 -22.65
N ALA H 192 51.03 18.29 -22.52
CA ALA H 192 50.83 18.98 -21.23
C ALA H 192 49.55 18.46 -20.57
N ALA H 193 49.65 17.22 -20.08
CA ALA H 193 48.48 16.46 -19.68
C ALA H 193 47.82 17.01 -18.43
N ASP H 194 48.56 17.79 -17.64
CA ASP H 194 48.07 18.34 -16.38
C ASP H 194 47.41 19.70 -16.53
N ARG H 195 47.47 20.30 -17.73
CA ARG H 195 46.97 21.69 -17.86
C ARG H 195 45.64 21.76 -18.60
N VAL H 196 45.06 22.96 -18.66
CA VAL H 196 43.74 23.15 -19.27
C VAL H 196 43.80 22.92 -20.77
N ASP H 197 44.83 23.47 -21.44
CA ASP H 197 45.08 23.23 -22.85
C ASP H 197 46.26 22.28 -22.96
N PRO H 198 46.04 20.97 -23.12
CA PRO H 198 47.18 20.06 -23.22
C PRO H 198 48.05 20.33 -24.43
N ALA H 199 47.55 21.07 -25.42
CA ALA H 199 48.33 21.49 -26.58
C ALA H 199 49.09 22.79 -26.35
N SER H 200 48.94 23.43 -25.20
CA SER H 200 49.63 24.70 -24.95
C SER H 200 51.14 24.49 -25.03
N GLY H 201 51.81 25.42 -25.71
CA GLY H 201 53.19 25.21 -26.08
C GLY H 201 53.39 24.64 -27.47
N SER H 202 52.31 24.44 -28.22
CA SER H 202 52.40 23.99 -29.59
C SER H 202 53.18 24.98 -30.45
N TYR H 203 54.01 24.44 -31.35
CA TYR H 203 54.85 25.24 -32.24
C TYR H 203 54.44 25.17 -33.71
N LEU H 204 53.41 24.40 -34.06
CA LEU H 204 52.95 24.35 -35.45
C LEU H 204 51.61 23.60 -35.51
N SER H 205 50.79 23.97 -36.50
CA SER H 205 49.48 23.36 -36.72
C SER H 205 49.33 22.94 -38.17
N VAL H 206 48.88 21.71 -38.39
CA VAL H 206 48.58 21.22 -39.73
C VAL H 206 47.08 20.93 -39.77
N ASN H 207 46.36 21.63 -40.63
CA ASN H 207 44.93 21.39 -40.77
C ASN H 207 44.70 20.55 -42.02
N GLY H 208 43.82 19.55 -41.90
CA GLY H 208 43.52 18.66 -43.00
C GLY H 208 42.25 19.10 -43.71
N ALA H 209 42.03 18.50 -44.87
CA ALA H 209 40.91 18.87 -45.72
C ALA H 209 39.84 17.79 -45.74
N THR H 210 38.63 18.21 -46.13
CA THR H 210 37.54 17.32 -46.49
C THR H 210 37.38 17.40 -48.00
N HIS H 211 37.34 16.25 -48.65
CA HIS H 211 37.16 16.23 -50.09
C HIS H 211 35.69 16.47 -50.40
N LEU H 212 35.42 17.46 -51.25
CA LEU H 212 34.09 17.65 -51.82
C LEU H 212 34.06 17.18 -53.27
N GLU H 213 32.94 16.59 -53.65
CA GLU H 213 32.70 16.25 -55.06
C GLU H 213 31.20 16.07 -55.20
N GLY H 214 30.57 16.99 -55.92
CA GLY H 214 29.16 16.86 -56.18
C GLY H 214 28.62 18.00 -57.00
N SER H 215 27.33 18.29 -56.86
CA SER H 215 26.66 19.26 -57.69
C SER H 215 25.97 20.26 -56.77
N GLU H 216 26.40 21.50 -56.83
CA GLU H 216 25.83 22.56 -56.00
C GLU H 216 24.74 23.28 -56.77
N PHE H 217 23.62 23.51 -56.10
CA PHE H 217 22.48 24.23 -56.65
C PHE H 217 22.33 25.50 -55.83
N LYS H 218 22.17 26.63 -56.51
CA LYS H 218 22.14 27.92 -55.85
C LYS H 218 21.17 28.79 -56.62
N LEU H 219 20.04 29.13 -56.03
CA LEU H 219 18.99 29.81 -56.78
C LEU H 219 19.32 31.29 -56.96
N VAL H 220 19.23 31.76 -58.21
CA VAL H 220 19.40 33.18 -58.61
C VAL H 220 18.58 34.13 -57.72
#